data_9JOR
#
_entry.id   9JOR
#
loop_
_entity.id
_entity.type
_entity.pdbx_description
1 polymer 'DNA topoisomerase medium subunit'
2 polymer 'DNA topoisomerase large subunit,DNA topoisomerase small subunit'
3 polymer "DNA (5'-D(P*TP*GP*TP*GP*TP*GP*TP*AP*TP*AP*TP*AP*TP*AP*CP*AP*CP*AP*TP*AP*TP*AP*TP*A)-3')"
4 polymer "DNA (5'-D(P*AP*TP*AP*TP*AP*TP*GP*TP*GP*TP*AP*TP*AP*TP*AP*TP*AP*CP*AP*CP*AP*CP*AP*T)-3')"
5 non-polymer 'MAGNESIUM ION'
#
loop_
_entity_poly.entity_id
_entity_poly.type
_entity_poly.pdbx_seq_one_letter_code
_entity_poly.pdbx_strand_id
1 'polypeptide(L)'
;MQLNNRDLKSIIDNEALAYAMYTVENRAIPNMIDGFKPVQRFVIARALDLARGNKDKFHKLASIAGGVADLGYHHGENSA
QDAGALMANTWNNNFPLLDGQGNFGSRTVQKAAASRYIFARVSKNFYNVYKDTEYAPVHQDKEHIPPAFYLPIIPTVLLN
GVSGIATGYATYILPHSVSSVKKAVLQALQGKKVTKPKVEFPEFRGEVVEIDGQYEIRGTYKFTSRTQMHITEIPYKYDR
ETYVSKILDPLENKGFITWDDACGEHGFGFKVKFRKEYSLSDNEEERHAKIMKDFGLIERRSQNITVINEKGKLQVYDNV
VDLIKDFVEVRKTYVQKRIDNKIKETESAFRLAFAKAHFIKKVISGEIVVQGKTRKELTEELSKIDMYSSYVDKLVGMNI
FHMTSDEAKKLAEEAKAKKEENEYWKTTDVVTEYTKDLEEIKHHHHHHHHHH
;
C,D
2 'polypeptide(L)'
;MIKNEIKILSDIEHIKKRSGMYIGSSANETHERFMFGKWESVQYVPGLVKLIDEIIDNSVDEGIRTKFKFANKINVTIKN
NQVTVEDNGRGIPQAMVKTPTGEEIPGPVAAWTIPKAGGNFGDDKERVTGGMNGVGSSLTNIFSVMFVGETGDGQNNIVV
RCSNGMENKSWEDIPGKWKGTRVTFIPDFMSFETNELSQVYLDITLDRLQTLAVVYPDIQFTFNGKKVQGNFKKYARQYD
EHAIVQEQENCSIAVGRSPDGFRQLTYVNNIHTKNGGHHIDCAMDDICEDLIPQIKRKFKIDVTKARVKECLTIVMFVRD
MKNMRLIRQTKERLTSPFGEIRSHIQLDAKKISRDILNNEAILMPIIEAALARKLAAEKAAETKAAKKASKAKVHKHIKA
NLCGKDADTTLFLTEGDSAIGYLIDVRDKELHGGYPLRGKVLNSWGMSYADMLKNKELFDICAITGLVLGEKAFEEKEDG
EWFTFELNGDTIIVNENDEVQINGKWITVGELRKNLMKFVKIDSSSVDMKKYKLQNNVRRSIKSSSMNYANVAIMTDADH
DGLGSIYPSLLGFFSNWPELFEQGRIRFVKTPVIIAQVGKKQEWFYTVAEYESAKDALPKHSIRYIKGLGSLEKSEYREM
IQNPVYDVVKLPENWKELFEMLMGDNADLRKEWMSQHHHHHH
;
A,B
3 'polydeoxyribonucleotide'
;(DT)(DG)(DT)(DG)(DT)(DG)(DT)(DA)(DT)(DA)(DT)(DA)(DT)(DA)(DC)(DA)(DC)(DA)(DT)(DA)
(DT)(DA)(DT)(DA)
;
E
4 'polydeoxyribonucleotide'
;(DA)(DT)(DA)(DT)(DA)(DT)(DG)(DT)(DG)(DT)(DA)(DT)(DA)(DT)(DA)(DT)(DA)(DC)(DA)(DC)
(DA)(DC)(DA)(DT)
;
F
#
# COMPACT_ATOMS: atom_id res chain seq x y z
N MET A 1 -0.02 4.66 38.55
CA MET A 1 1.40 4.66 38.85
C MET A 1 1.83 3.32 39.43
N GLN A 2 2.74 2.64 38.75
CA GLN A 2 3.25 1.32 39.14
C GLN A 2 4.76 1.29 39.03
N LEU A 3 5.41 2.30 39.60
CA LEU A 3 6.85 2.49 39.49
C LEU A 3 7.61 1.23 39.90
N ASN A 4 8.33 0.64 38.94
CA ASN A 4 9.13 -0.53 39.17
C ASN A 4 10.57 -0.26 38.72
N ASN A 5 11.51 -0.90 39.39
CA ASN A 5 12.94 -0.70 39.13
C ASN A 5 13.43 -1.75 38.16
N ARG A 6 14.10 -1.30 37.09
CA ARG A 6 14.59 -2.19 36.05
C ARG A 6 16.07 -1.94 35.83
N ASP A 7 16.82 -3.02 35.64
CA ASP A 7 18.27 -2.95 35.43
C ASP A 7 18.58 -3.03 33.94
N LEU A 8 19.67 -2.36 33.54
CA LEU A 8 20.06 -2.35 32.14
C LEU A 8 20.46 -3.74 31.66
N LYS A 9 21.07 -4.55 32.54
CA LYS A 9 21.43 -5.91 32.16
C LYS A 9 20.20 -6.73 31.81
N SER A 10 19.13 -6.59 32.60
CA SER A 10 17.90 -7.31 32.30
C SER A 10 17.24 -6.79 31.04
N ILE A 11 17.35 -5.50 30.77
CA ILE A 11 16.78 -4.93 29.54
C ILE A 11 17.50 -5.48 28.32
N ILE A 12 18.84 -5.50 28.36
CA ILE A 12 19.60 -5.95 27.21
C ILE A 12 19.49 -7.47 27.04
N ASP A 13 19.55 -8.22 28.14
CA ASP A 13 19.52 -9.67 28.03
C ASP A 13 18.17 -10.18 27.54
N ASN A 14 17.10 -9.40 27.74
CA ASN A 14 15.75 -9.86 27.40
C ASN A 14 15.20 -9.17 26.16
N GLU A 15 15.17 -7.83 26.15
CA GLU A 15 14.51 -7.11 25.07
C GLU A 15 15.46 -6.88 23.90
N ALA A 16 16.69 -6.43 24.18
CA ALA A 16 17.66 -6.21 23.11
C ALA A 16 18.08 -7.53 22.46
N LEU A 17 18.24 -8.58 23.28
CA LEU A 17 18.56 -9.89 22.74
C LEU A 17 17.42 -10.43 21.88
N ALA A 18 16.18 -10.23 22.32
CA ALA A 18 15.03 -10.75 21.58
C ALA A 18 14.98 -10.15 20.19
N TYR A 19 15.20 -8.84 20.07
CA TYR A 19 15.22 -8.20 18.76
C TYR A 19 16.41 -8.66 17.94
N ALA A 20 17.59 -8.70 18.55
CA ALA A 20 18.80 -9.01 17.81
C ALA A 20 18.73 -10.41 17.20
N MET A 21 18.24 -11.37 17.99
CA MET A 21 18.08 -12.72 17.46
C MET A 21 16.89 -12.80 16.49
N TYR A 22 15.86 -11.99 16.71
CA TYR A 22 14.74 -11.96 15.79
C TYR A 22 15.16 -11.44 14.42
N THR A 23 16.01 -10.40 14.40
CA THR A 23 16.53 -9.91 13.13
C THR A 23 17.31 -10.98 12.40
N VAL A 24 18.04 -11.81 13.14
CA VAL A 24 18.80 -12.89 12.53
C VAL A 24 17.86 -13.91 11.88
N GLU A 25 16.84 -14.35 12.62
CA GLU A 25 16.03 -15.47 12.14
C GLU A 25 14.87 -15.00 11.26
N ASN A 26 14.54 -13.72 11.29
CA ASN A 26 13.40 -13.24 10.52
C ASN A 26 13.76 -12.15 9.51
N ARG A 27 14.51 -11.13 9.94
CA ARG A 27 14.83 -10.05 9.02
C ARG A 27 15.77 -10.47 7.90
N ALA A 28 16.59 -11.49 8.11
CA ALA A 28 17.59 -11.88 7.13
C ALA A 28 17.83 -13.38 7.28
N ILE A 29 18.97 -13.85 6.74
CA ILE A 29 19.40 -15.24 6.85
C ILE A 29 18.30 -16.16 6.32
N PRO A 30 18.14 -16.26 5.01
CA PRO A 30 17.06 -17.08 4.44
C PRO A 30 17.20 -18.54 4.83
N ASN A 31 16.04 -19.19 5.01
CA ASN A 31 16.01 -20.60 5.37
C ASN A 31 16.66 -21.43 4.29
N MET A 32 17.46 -22.43 4.70
CA MET A 32 18.20 -23.23 3.73
C MET A 32 17.26 -24.06 2.87
N ILE A 33 16.29 -24.71 3.48
CA ILE A 33 15.35 -25.53 2.72
C ILE A 33 14.42 -24.64 1.90
N ASP A 34 13.89 -23.59 2.53
CA ASP A 34 12.95 -22.71 1.84
C ASP A 34 13.64 -21.92 0.74
N GLY A 35 14.77 -21.31 1.04
CA GLY A 35 15.34 -20.30 0.18
C GLY A 35 14.73 -18.93 0.32
N PHE A 36 13.74 -18.77 1.19
CA PHE A 36 13.03 -17.52 1.37
C PHE A 36 13.35 -16.91 2.73
N LYS A 37 13.52 -15.59 2.74
CA LYS A 37 13.34 -14.85 3.97
C LYS A 37 11.86 -14.84 4.32
N PRO A 38 11.52 -14.61 5.58
CA PRO A 38 10.10 -14.63 5.96
C PRO A 38 9.20 -13.70 5.15
N VAL A 39 9.68 -12.51 4.80
CA VAL A 39 8.85 -11.59 4.02
C VAL A 39 8.54 -12.18 2.65
N GLN A 40 9.56 -12.76 2.00
CA GLN A 40 9.33 -13.39 0.70
C GLN A 40 8.43 -14.61 0.82
N ARG A 41 8.54 -15.35 1.94
CA ARG A 41 7.65 -16.48 2.15
C ARG A 41 6.21 -16.01 2.27
N PHE A 42 5.97 -14.93 3.01
CA PHE A 42 4.62 -14.38 3.11
C PHE A 42 4.12 -13.91 1.75
N VAL A 43 4.97 -13.24 0.98
CA VAL A 43 4.56 -12.74 -0.32
C VAL A 43 4.16 -13.89 -1.24
N ILE A 44 4.97 -14.96 -1.26
CA ILE A 44 4.65 -16.09 -2.13
C ILE A 44 3.42 -16.83 -1.63
N ALA A 45 3.23 -16.93 -0.32
CA ALA A 45 2.02 -17.56 0.20
C ALA A 45 0.77 -16.78 -0.21
N ARG A 46 0.82 -15.45 -0.12
CA ARG A 46 -0.31 -14.65 -0.56
C ARG A 46 -0.53 -14.77 -2.06
N ALA A 47 0.55 -14.80 -2.83
CA ALA A 47 0.42 -14.96 -4.27
C ALA A 47 -0.23 -16.30 -4.62
N LEU A 48 0.13 -17.36 -3.90
CA LEU A 48 -0.53 -18.64 -4.09
C LEU A 48 -2.00 -18.57 -3.72
N ASP A 49 -2.33 -17.87 -2.62
CA ASP A 49 -3.71 -17.71 -2.23
C ASP A 49 -4.51 -17.00 -3.32
N LEU A 50 -3.94 -15.97 -3.93
CA LEU A 50 -4.60 -15.26 -5.01
C LEU A 50 -4.74 -16.14 -6.25
N ALA A 51 -3.70 -16.90 -6.58
CA ALA A 51 -3.70 -17.71 -7.78
C ALA A 51 -4.46 -19.01 -7.64
N ARG A 52 -4.94 -19.33 -6.43
CA ARG A 52 -5.76 -20.53 -6.24
C ARG A 52 -6.93 -20.56 -7.22
N GLY A 53 -7.63 -19.43 -7.37
CA GLY A 53 -8.75 -19.39 -8.31
C GLY A 53 -8.33 -19.58 -9.75
N ASN A 54 -7.25 -18.91 -10.15
CA ASN A 54 -6.76 -18.98 -11.53
C ASN A 54 -5.28 -18.62 -11.52
N LYS A 55 -4.42 -19.60 -11.82
CA LYS A 55 -2.99 -19.40 -11.70
C LYS A 55 -2.40 -18.54 -12.81
N ASP A 56 -3.14 -18.33 -13.90
CA ASP A 56 -2.63 -17.56 -15.03
C ASP A 56 -2.95 -16.07 -14.92
N LYS A 57 -3.69 -15.67 -13.91
CA LYS A 57 -4.11 -14.28 -13.77
C LYS A 57 -3.01 -13.48 -13.08
N PHE A 58 -2.69 -12.32 -13.63
CA PHE A 58 -1.72 -11.41 -13.04
C PHE A 58 -2.40 -10.54 -12.00
N HIS A 59 -1.83 -10.49 -10.80
CA HIS A 59 -2.37 -9.69 -9.71
C HIS A 59 -1.45 -8.51 -9.43
N LYS A 60 -2.04 -7.38 -9.05
CA LYS A 60 -1.26 -6.20 -8.71
C LYS A 60 -0.30 -6.50 -7.57
N LEU A 61 0.90 -5.91 -7.64
CA LEU A 61 1.86 -6.10 -6.56
C LEU A 61 1.34 -5.48 -5.27
N ALA A 62 0.48 -4.47 -5.38
CA ALA A 62 -0.19 -3.96 -4.19
C ALA A 62 -1.17 -4.99 -3.64
N SER A 63 -1.74 -5.82 -4.50
CA SER A 63 -2.66 -6.86 -4.03
C SER A 63 -1.91 -8.03 -3.42
N ILE A 64 -0.71 -8.32 -3.92
CA ILE A 64 0.13 -9.33 -3.29
C ILE A 64 0.52 -8.89 -1.89
N ALA A 65 0.87 -7.63 -1.72
CA ALA A 65 1.10 -7.06 -0.39
C ALA A 65 -0.26 -6.68 0.21
N GLY A 66 -0.24 -5.99 1.34
CA GLY A 66 -1.48 -5.57 1.96
C GLY A 66 -2.22 -6.74 2.60
N GLY A 67 -2.52 -7.76 1.80
CA GLY A 67 -3.19 -8.93 2.33
C GLY A 67 -2.24 -9.87 3.06
N VAL A 68 -0.96 -9.53 3.08
CA VAL A 68 0.04 -10.33 3.79
C VAL A 68 -0.12 -10.12 5.29
N ALA A 69 -0.82 -9.06 5.68
CA ALA A 69 -0.97 -8.73 7.10
C ALA A 69 -1.73 -9.81 7.85
N ASP A 70 -2.76 -10.38 7.23
CA ASP A 70 -3.55 -11.38 7.93
C ASP A 70 -2.82 -12.72 8.04
N LEU A 71 -1.92 -13.00 7.08
CA LEU A 71 -1.18 -14.25 7.12
C LEU A 71 -0.17 -14.29 8.26
N GLY A 72 0.15 -13.15 8.85
CA GLY A 72 1.05 -13.13 10.00
C GLY A 72 2.29 -12.28 9.80
N TYR A 73 2.22 -11.31 8.90
CA TYR A 73 3.34 -10.43 8.59
C TYR A 73 3.02 -9.05 9.14
N HIS A 74 3.40 -8.82 10.39
CA HIS A 74 3.14 -7.56 11.07
C HIS A 74 4.37 -6.64 11.04
N HIS A 75 4.77 -6.25 9.82
CA HIS A 75 5.97 -5.44 9.66
C HIS A 75 5.81 -4.39 8.57
N GLY A 76 4.61 -3.90 8.31
CA GLY A 76 4.44 -2.86 7.31
C GLY A 76 4.48 -3.42 5.90
N GLU A 77 3.60 -2.93 5.02
CA GLU A 77 3.41 -3.53 3.71
C GLU A 77 4.38 -3.02 2.64
N ASN A 78 5.08 -1.91 2.89
CA ASN A 78 6.04 -1.42 1.92
C ASN A 78 7.19 -2.40 1.74
N SER A 79 7.67 -2.99 2.84
CA SER A 79 8.73 -3.99 2.75
C SER A 79 8.26 -5.20 1.97
N ALA A 80 7.00 -5.62 2.18
CA ALA A 80 6.46 -6.74 1.42
C ALA A 80 6.38 -6.42 -0.07
N GLN A 81 5.95 -5.20 -0.42
CA GLN A 81 5.92 -4.79 -1.81
C GLN A 81 7.32 -4.85 -2.42
N ASP A 82 8.30 -4.28 -1.72
CA ASP A 82 9.65 -4.23 -2.25
C ASP A 82 10.26 -5.63 -2.40
N ALA A 83 9.99 -6.51 -1.44
CA ALA A 83 10.52 -7.87 -1.53
C ALA A 83 9.82 -8.67 -2.62
N GLY A 84 8.54 -8.40 -2.87
CA GLY A 84 7.86 -9.06 -3.97
C GLY A 84 8.29 -8.54 -5.33
N ALA A 85 8.72 -7.28 -5.38
CA ALA A 85 9.22 -6.72 -6.63
C ALA A 85 10.59 -7.23 -7.00
N LEU A 86 11.38 -7.69 -6.03
CA LEU A 86 12.71 -8.23 -6.27
C LEU A 86 12.69 -9.71 -6.60
N MET A 87 11.53 -10.35 -6.57
CA MET A 87 11.42 -11.77 -6.84
C MET A 87 10.84 -12.09 -8.20
N ALA A 88 10.19 -11.12 -8.85
CA ALA A 88 9.55 -11.34 -10.14
C ALA A 88 10.45 -11.00 -11.32
N ASN A 89 11.65 -10.50 -11.08
CA ASN A 89 12.53 -10.14 -12.18
C ASN A 89 13.18 -11.38 -12.78
N THR A 90 13.89 -11.17 -13.89
CA THR A 90 14.77 -12.18 -14.44
C THR A 90 16.23 -11.73 -14.50
N TRP A 91 16.48 -10.43 -14.54
CA TRP A 91 17.85 -9.93 -14.44
C TRP A 91 18.45 -10.20 -13.07
N ASN A 92 17.62 -10.22 -12.03
CA ASN A 92 18.10 -10.44 -10.68
C ASN A 92 18.04 -11.90 -10.26
N ASN A 93 17.16 -12.69 -10.87
CA ASN A 93 16.94 -14.07 -10.47
C ASN A 93 17.34 -15.01 -11.60
N ASN A 94 18.18 -15.99 -11.28
CA ASN A 94 18.51 -17.07 -12.21
C ASN A 94 17.42 -18.13 -12.25
N PHE A 95 16.43 -18.03 -11.37
CA PHE A 95 15.32 -18.97 -11.27
C PHE A 95 14.17 -18.27 -10.56
N PRO A 96 13.48 -17.36 -11.24
CA PRO A 96 12.46 -16.54 -10.55
C PRO A 96 11.31 -17.39 -10.06
N LEU A 97 10.77 -17.03 -8.90
CA LEU A 97 9.63 -17.72 -8.32
C LEU A 97 8.34 -16.94 -8.45
N LEU A 98 8.38 -15.77 -9.07
CA LEU A 98 7.19 -15.00 -9.39
C LEU A 98 7.33 -14.48 -10.81
N ASP A 99 6.24 -14.50 -11.56
CA ASP A 99 6.21 -13.88 -12.88
C ASP A 99 5.72 -12.46 -12.78
N GLY A 100 6.15 -11.63 -13.72
CA GLY A 100 5.80 -10.22 -13.65
C GLY A 100 5.12 -9.68 -14.89
N GLN A 101 4.42 -8.56 -14.74
CA GLN A 101 3.79 -7.86 -15.85
C GLN A 101 4.03 -6.37 -15.67
N GLY A 102 4.98 -5.83 -16.43
CA GLY A 102 5.28 -4.42 -16.39
C GLY A 102 6.77 -4.19 -16.25
N ASN A 103 7.13 -2.95 -15.94
CA ASN A 103 8.52 -2.57 -15.75
C ASN A 103 8.95 -3.03 -14.36
N PHE A 104 9.51 -4.23 -14.31
CA PHE A 104 10.04 -4.78 -13.07
C PHE A 104 11.52 -4.49 -12.89
N GLY A 105 12.07 -3.58 -13.69
CA GLY A 105 13.48 -3.27 -13.65
C GLY A 105 14.27 -4.14 -14.61
N SER A 106 15.43 -3.63 -14.99
CA SER A 106 16.37 -4.35 -15.84
C SER A 106 17.75 -4.28 -15.20
N ARG A 107 18.74 -4.88 -15.87
CA ARG A 107 20.10 -4.76 -15.37
C ARG A 107 20.61 -3.33 -15.50
N THR A 108 20.21 -2.63 -16.56
CA THR A 108 20.67 -1.26 -16.76
C THR A 108 20.20 -0.35 -15.63
N VAL A 109 18.91 -0.35 -15.35
CA VAL A 109 18.35 0.35 -14.20
C VAL A 109 17.69 -0.69 -13.30
N GLN A 110 18.28 -0.88 -12.12
CA GLN A 110 17.84 -1.95 -11.22
C GLN A 110 16.83 -1.44 -10.20
N LYS A 111 15.79 -0.79 -10.67
CA LYS A 111 14.68 -0.37 -9.83
C LYS A 111 13.38 -0.67 -10.55
N ALA A 112 12.45 -1.32 -9.86
CA ALA A 112 11.18 -1.63 -10.48
C ALA A 112 10.29 -0.39 -10.49
N ALA A 113 9.22 -0.47 -11.27
CA ALA A 113 8.22 0.58 -11.24
C ALA A 113 7.53 0.61 -9.88
N ALA A 114 6.72 1.63 -9.66
CA ALA A 114 5.93 1.68 -8.44
C ALA A 114 4.93 0.53 -8.42
N SER A 115 4.47 0.18 -7.22
CA SER A 115 3.57 -0.95 -7.07
C SER A 115 2.23 -0.72 -7.77
N ARG A 116 1.92 0.51 -8.14
CA ARG A 116 0.65 0.83 -8.78
C ARG A 116 0.57 0.39 -10.22
N TYR A 117 1.70 0.06 -10.87
CA TYR A 117 1.70 -0.31 -12.28
C TYR A 117 1.91 -1.80 -12.52
N ILE A 118 2.82 -2.41 -11.81
CA ILE A 118 3.34 -3.73 -12.16
C ILE A 118 2.55 -4.82 -11.45
N PHE A 119 2.29 -5.90 -12.19
CA PHE A 119 1.54 -7.05 -11.70
C PHE A 119 2.46 -8.23 -11.49
N ALA A 120 2.07 -9.14 -10.61
CA ALA A 120 2.87 -10.32 -10.31
C ALA A 120 1.98 -11.55 -10.19
N ARG A 121 2.57 -12.71 -10.48
CA ARG A 121 1.91 -13.99 -10.32
C ARG A 121 2.98 -15.04 -10.05
N VAL A 122 2.56 -16.16 -9.46
CA VAL A 122 3.51 -17.22 -9.16
C VAL A 122 3.92 -17.90 -10.46
N SER A 123 5.22 -17.91 -10.74
CA SER A 123 5.72 -18.36 -12.02
C SER A 123 5.66 -19.88 -12.12
N LYS A 124 5.87 -20.38 -13.34
CA LYS A 124 5.86 -21.82 -13.58
C LYS A 124 7.05 -22.52 -12.92
N ASN A 125 8.12 -21.78 -12.59
CA ASN A 125 9.24 -22.39 -11.89
C ASN A 125 8.84 -22.86 -10.51
N PHE A 126 8.05 -22.06 -9.79
CA PHE A 126 7.59 -22.46 -8.46
C PHE A 126 6.75 -23.72 -8.53
N TYR A 127 5.82 -23.79 -9.48
CA TYR A 127 5.00 -24.99 -9.60
C TYR A 127 5.80 -26.19 -10.09
N ASN A 128 6.86 -25.95 -10.85
CA ASN A 128 7.67 -27.03 -11.37
C ASN A 128 8.60 -27.63 -10.31
N VAL A 129 9.11 -26.80 -9.41
CA VAL A 129 10.10 -27.24 -8.43
C VAL A 129 9.49 -27.45 -7.04
N TYR A 130 8.71 -26.48 -6.56
CA TYR A 130 8.19 -26.55 -5.21
C TYR A 130 7.04 -27.54 -5.14
N LYS A 131 7.22 -28.62 -4.40
CA LYS A 131 6.22 -29.65 -4.21
C LYS A 131 5.93 -29.83 -2.73
N ASP A 132 4.93 -30.65 -2.43
CA ASP A 132 4.57 -31.00 -1.05
C ASP A 132 4.27 -29.77 -0.21
N THR A 133 3.56 -28.80 -0.80
CA THR A 133 3.18 -27.60 -0.06
C THR A 133 2.28 -27.95 1.13
N GLU A 134 1.34 -28.88 0.93
CA GLU A 134 0.45 -29.28 2.00
C GLU A 134 1.15 -30.05 3.10
N TYR A 135 2.33 -30.62 2.83
CA TYR A 135 3.09 -31.37 3.81
C TYR A 135 4.18 -30.54 4.46
N ALA A 136 4.17 -29.23 4.26
CA ALA A 136 5.15 -28.37 4.88
C ALA A 136 4.90 -28.25 6.39
N PRO A 137 5.96 -28.07 7.17
CA PRO A 137 5.77 -27.99 8.63
C PRO A 137 4.95 -26.76 9.02
N VAL A 138 4.17 -26.92 10.07
CA VAL A 138 3.29 -25.86 10.55
C VAL A 138 4.05 -25.01 11.57
N HIS A 139 3.97 -23.69 11.40
CA HIS A 139 4.68 -22.78 12.29
C HIS A 139 4.14 -22.87 13.72
N GLN A 140 5.01 -22.59 14.68
CA GLN A 140 4.64 -22.72 16.09
C GLN A 140 3.52 -21.76 16.47
N ASP A 141 3.61 -20.51 16.03
CA ASP A 141 2.57 -19.53 16.35
C ASP A 141 1.39 -19.70 15.41
N LYS A 142 0.18 -19.59 15.98
CA LYS A 142 -1.03 -19.81 15.21
C LYS A 142 -1.29 -18.72 14.19
N GLU A 143 -0.78 -17.51 14.42
CA GLU A 143 -1.02 -16.40 13.50
C GLU A 143 -0.15 -16.49 12.26
N HIS A 144 0.83 -17.39 12.22
CA HIS A 144 1.69 -17.57 11.04
C HIS A 144 1.06 -18.63 10.14
N ILE A 145 0.11 -18.16 9.32
CA ILE A 145 -0.61 -19.09 8.43
C ILE A 145 0.31 -19.76 7.42
N PRO A 146 1.22 -19.07 6.75
CA PRO A 146 2.16 -19.77 5.88
C PRO A 146 2.99 -20.75 6.67
N PRO A 147 3.39 -21.85 6.06
CA PRO A 147 4.12 -22.90 6.80
C PRO A 147 5.51 -22.42 7.20
N ALA A 148 6.20 -23.28 7.96
CA ALA A 148 7.53 -22.95 8.42
C ALA A 148 8.49 -22.76 7.25
N PHE A 149 8.42 -23.64 6.27
CA PHE A 149 9.19 -23.49 5.04
C PHE A 149 8.63 -24.42 3.98
N TYR A 150 8.59 -23.94 2.73
CA TYR A 150 8.16 -24.78 1.63
C TYR A 150 9.21 -25.85 1.35
N LEU A 151 8.95 -26.69 0.36
CA LEU A 151 9.79 -27.85 0.07
C LEU A 151 10.14 -27.89 -1.42
N PRO A 152 11.09 -27.07 -1.84
CA PRO A 152 11.56 -27.16 -3.23
C PRO A 152 12.31 -28.46 -3.47
N ILE A 153 12.27 -28.90 -4.73
CA ILE A 153 12.99 -30.11 -5.10
C ILE A 153 14.50 -29.86 -5.04
N ILE A 154 14.93 -28.67 -5.42
CA ILE A 154 16.35 -28.31 -5.42
C ILE A 154 16.52 -27.11 -4.51
N PRO A 155 17.72 -26.88 -3.97
CA PRO A 155 17.91 -25.81 -2.99
C PRO A 155 17.90 -24.43 -3.62
N THR A 156 16.70 -23.85 -3.76
CA THR A 156 16.55 -22.55 -4.40
C THR A 156 17.43 -21.46 -3.77
N VAL A 157 17.95 -21.69 -2.56
CA VAL A 157 18.77 -20.68 -1.92
C VAL A 157 20.04 -20.42 -2.74
N LEU A 158 20.60 -21.49 -3.31
CA LEU A 158 21.73 -21.33 -4.24
C LEU A 158 21.24 -21.23 -5.68
N LEU A 159 20.25 -20.41 -5.93
CA LEU A 159 19.77 -20.26 -7.30
C LEU A 159 19.66 -18.82 -7.75
N ASN A 160 19.24 -17.91 -6.87
CA ASN A 160 19.05 -16.51 -7.24
C ASN A 160 20.04 -15.57 -6.58
N GLY A 161 20.66 -15.98 -5.49
CA GLY A 161 21.63 -15.12 -4.81
C GLY A 161 20.97 -14.26 -3.76
N VAL A 162 21.33 -14.48 -2.49
CA VAL A 162 20.76 -13.75 -1.38
C VAL A 162 21.83 -12.87 -0.76
N SER A 163 21.40 -11.79 -0.12
CA SER A 163 22.31 -10.91 0.62
C SER A 163 21.53 -10.36 1.81
N GLY A 164 21.63 -11.06 2.93
CA GLY A 164 20.92 -10.66 4.13
C GLY A 164 21.86 -10.05 5.15
N ILE A 165 21.33 -9.24 6.06
CA ILE A 165 22.14 -8.53 7.01
C ILE A 165 21.41 -8.57 8.35
N ALA A 166 22.14 -8.88 9.41
CA ALA A 166 21.49 -9.01 10.72
C ALA A 166 22.39 -8.42 11.80
N THR A 167 21.87 -8.37 13.01
CA THR A 167 22.62 -7.88 14.17
C THR A 167 23.56 -8.99 14.62
N GLY A 168 24.83 -8.89 14.22
CA GLY A 168 25.82 -9.86 14.61
C GLY A 168 26.21 -10.81 13.50
N TYR A 169 25.26 -11.13 12.63
CA TYR A 169 25.48 -12.07 11.55
C TYR A 169 25.06 -11.45 10.22
N ALA A 170 25.55 -12.04 9.13
CA ALA A 170 25.17 -11.63 7.80
C ALA A 170 25.41 -12.79 6.85
N THR A 171 24.77 -12.73 5.68
CA THR A 171 24.89 -13.78 4.69
C THR A 171 25.09 -13.17 3.31
N TYR A 172 25.75 -13.93 2.44
CA TYR A 172 25.94 -13.52 1.05
C TYR A 172 26.22 -14.77 0.24
N ILE A 173 25.27 -15.14 -0.62
CA ILE A 173 25.39 -16.34 -1.44
C ILE A 173 25.29 -15.93 -2.90
N LEU A 174 26.22 -16.41 -3.71
CA LEU A 174 26.24 -16.08 -5.14
C LEU A 174 25.29 -16.99 -5.91
N PRO A 175 24.75 -16.50 -7.03
CA PRO A 175 23.84 -17.33 -7.83
C PRO A 175 24.56 -18.51 -8.44
N HIS A 176 23.82 -19.60 -8.62
CA HIS A 176 24.32 -20.82 -9.24
C HIS A 176 23.38 -21.26 -10.34
N SER A 177 23.94 -21.86 -11.39
CA SER A 177 23.15 -22.32 -12.51
C SER A 177 22.21 -23.43 -12.07
N VAL A 178 21.00 -23.43 -12.64
CA VAL A 178 19.98 -24.39 -12.24
C VAL A 178 20.39 -25.80 -12.63
N SER A 179 20.96 -25.97 -13.82
CA SER A 179 21.36 -27.31 -14.27
C SER A 179 22.42 -27.90 -13.37
N SER A 180 23.41 -27.10 -12.97
CA SER A 180 24.48 -27.61 -12.12
C SER A 180 23.96 -27.97 -10.74
N VAL A 181 23.06 -27.16 -10.18
CA VAL A 181 22.46 -27.48 -8.89
C VAL A 181 21.64 -28.76 -8.99
N LYS A 182 20.90 -28.92 -10.08
CA LYS A 182 20.13 -30.14 -10.28
C LYS A 182 21.03 -31.36 -10.37
N LYS A 183 22.15 -31.24 -11.10
CA LYS A 183 23.08 -32.35 -11.19
C LYS A 183 23.69 -32.69 -9.83
N ALA A 184 24.05 -31.68 -9.06
CA ALA A 184 24.60 -31.92 -7.73
C ALA A 184 23.58 -32.61 -6.82
N VAL A 185 22.32 -32.18 -6.88
CA VAL A 185 21.29 -32.80 -6.07
C VAL A 185 21.07 -34.25 -6.49
N LEU A 186 21.07 -34.52 -7.80
CA LEU A 186 20.91 -35.89 -8.28
C LEU A 186 22.07 -36.77 -7.81
N GLN A 187 23.30 -36.26 -7.88
CA GLN A 187 24.45 -37.01 -7.41
C GLN A 187 24.35 -37.28 -5.91
N ALA A 188 23.91 -36.29 -5.13
CA ALA A 188 23.74 -36.50 -3.70
C ALA A 188 22.65 -37.54 -3.44
N LEU A 189 21.61 -37.56 -4.28
CA LEU A 189 20.57 -38.57 -4.15
C LEU A 189 21.13 -39.97 -4.37
N GLN A 190 21.84 -40.16 -5.48
CA GLN A 190 22.39 -41.49 -5.78
C GLN A 190 23.56 -41.85 -4.85
N GLY A 191 24.13 -40.88 -4.15
CA GLY A 191 25.15 -41.17 -3.16
C GLY A 191 26.55 -41.33 -3.70
N LYS A 192 26.96 -40.42 -4.58
CA LYS A 192 28.30 -40.42 -5.16
C LYS A 192 28.97 -39.07 -4.87
N LYS A 193 30.18 -38.90 -5.41
CA LYS A 193 30.88 -37.62 -5.28
C LYS A 193 30.10 -36.53 -5.99
N VAL A 194 29.86 -35.43 -5.29
CA VAL A 194 28.97 -34.37 -5.78
C VAL A 194 29.84 -33.22 -6.26
N THR A 195 29.69 -32.85 -7.52
CA THR A 195 30.41 -31.72 -8.07
C THR A 195 29.87 -30.41 -7.53
N LYS A 196 30.75 -29.47 -7.25
CA LYS A 196 30.33 -28.17 -6.74
C LYS A 196 29.55 -27.41 -7.81
N PRO A 197 28.51 -26.67 -7.42
CA PRO A 197 27.75 -25.90 -8.41
C PRO A 197 28.60 -24.81 -9.03
N LYS A 198 28.25 -24.44 -10.27
CA LYS A 198 28.92 -23.39 -11.01
C LYS A 198 28.16 -22.09 -10.85
N VAL A 199 28.88 -21.02 -10.51
CA VAL A 199 28.25 -19.71 -10.34
C VAL A 199 27.90 -19.14 -11.71
N GLU A 200 26.66 -18.71 -11.88
CA GLU A 200 26.19 -18.14 -13.13
C GLU A 200 25.21 -17.01 -12.83
N PHE A 201 25.59 -15.79 -13.15
CA PHE A 201 24.69 -14.67 -12.88
C PHE A 201 23.67 -14.52 -14.01
N PRO A 202 22.41 -14.25 -13.68
CA PRO A 202 21.39 -14.12 -14.71
C PRO A 202 21.65 -12.92 -15.61
N GLU A 203 21.36 -13.10 -16.90
CA GLU A 203 21.53 -12.04 -17.91
C GLU A 203 22.93 -11.46 -17.88
N PHE A 204 23.92 -12.33 -17.71
CA PHE A 204 25.32 -11.93 -17.64
C PHE A 204 26.10 -12.70 -18.69
N ARG A 205 26.84 -11.97 -19.53
CA ARG A 205 27.67 -12.57 -20.57
C ARG A 205 29.11 -12.20 -20.29
N GLY A 206 29.75 -12.97 -19.42
CA GLY A 206 31.12 -12.70 -19.03
C GLY A 206 31.78 -13.95 -18.52
N GLU A 207 32.80 -13.75 -17.69
CA GLU A 207 33.57 -14.85 -17.13
C GLU A 207 33.60 -14.74 -15.62
N VAL A 208 33.25 -15.83 -14.94
CA VAL A 208 33.35 -15.93 -13.49
C VAL A 208 34.25 -17.12 -13.18
N VAL A 209 35.31 -16.87 -12.41
CA VAL A 209 36.34 -17.87 -12.15
C VAL A 209 36.54 -18.01 -10.64
N GLU A 210 37.10 -19.16 -10.26
CA GLU A 210 37.42 -19.45 -8.87
C GLU A 210 38.90 -19.22 -8.64
N ILE A 211 39.23 -18.38 -7.67
CA ILE A 211 40.62 -18.11 -7.29
C ILE A 211 40.72 -18.14 -5.78
N ASP A 212 41.27 -19.24 -5.24
CA ASP A 212 41.53 -19.39 -3.81
C ASP A 212 40.27 -19.12 -2.98
N GLY A 213 39.14 -19.66 -3.43
CA GLY A 213 37.88 -19.51 -2.73
C GLY A 213 37.13 -18.23 -3.01
N GLN A 214 37.74 -17.26 -3.67
CA GLN A 214 37.07 -16.02 -4.04
C GLN A 214 36.24 -16.25 -5.29
N TYR A 215 35.72 -15.16 -5.87
CA TYR A 215 34.94 -15.25 -7.11
C TYR A 215 35.12 -13.93 -7.85
N GLU A 216 36.01 -13.93 -8.83
CA GLU A 216 36.32 -12.73 -9.61
C GLU A 216 35.36 -12.66 -10.79
N ILE A 217 34.49 -11.65 -10.77
CA ILE A 217 33.51 -11.43 -11.84
C ILE A 217 34.11 -10.42 -12.80
N ARG A 218 34.30 -10.83 -14.05
CA ARG A 218 34.98 -10.01 -15.05
C ARG A 218 34.04 -9.71 -16.22
N GLY A 219 34.08 -8.48 -16.70
CA GLY A 219 33.43 -8.12 -17.94
C GLY A 219 34.28 -8.52 -19.13
N THR A 220 33.81 -8.11 -20.31
CA THR A 220 34.52 -8.38 -21.55
C THR A 220 34.61 -7.11 -22.36
N TYR A 221 35.81 -6.85 -22.90
CA TYR A 221 36.04 -5.68 -23.74
C TYR A 221 36.90 -6.09 -24.92
N LYS A 222 36.70 -5.39 -26.04
CA LYS A 222 37.48 -5.62 -27.25
C LYS A 222 37.89 -4.28 -27.84
N PHE A 223 38.99 -4.29 -28.59
CA PHE A 223 39.49 -3.10 -29.26
C PHE A 223 39.15 -3.20 -30.74
N THR A 224 38.23 -2.34 -31.19
CA THR A 224 37.87 -2.30 -32.60
C THR A 224 38.98 -1.73 -33.46
N SER A 225 39.87 -0.93 -32.88
CA SER A 225 40.99 -0.33 -33.60
C SER A 225 42.07 0.02 -32.59
N ARG A 226 43.03 0.83 -33.00
CA ARG A 226 44.13 1.21 -32.12
C ARG A 226 43.63 2.00 -30.92
N THR A 227 42.67 2.92 -31.14
CA THR A 227 42.24 3.84 -30.11
C THR A 227 40.78 3.69 -29.71
N GLN A 228 40.03 2.78 -30.33
CA GLN A 228 38.62 2.59 -30.01
C GLN A 228 38.43 1.23 -29.34
N MET A 229 37.55 1.20 -28.33
CA MET A 229 37.26 -0.01 -27.60
C MET A 229 35.76 -0.13 -27.38
N HIS A 230 35.32 -1.37 -27.17
CA HIS A 230 33.90 -1.68 -27.00
C HIS A 230 33.73 -2.46 -25.71
N ILE A 231 33.10 -1.85 -24.71
CA ILE A 231 32.85 -2.50 -23.43
C ILE A 231 31.62 -3.38 -23.63
N THR A 232 31.85 -4.63 -24.01
CA THR A 232 30.75 -5.55 -24.28
C THR A 232 30.02 -5.97 -23.01
N GLU A 233 30.67 -5.90 -21.86
CA GLU A 233 30.07 -6.35 -20.61
C GLU A 233 30.68 -5.60 -19.45
N ILE A 234 29.92 -5.51 -18.37
CA ILE A 234 30.41 -4.95 -17.11
C ILE A 234 30.04 -5.92 -15.98
N PRO A 235 30.76 -5.86 -14.86
CA PRO A 235 30.45 -6.77 -13.75
C PRO A 235 29.02 -6.59 -13.25
N TYR A 236 28.51 -7.65 -12.63
CA TYR A 236 27.09 -7.74 -12.31
C TYR A 236 26.66 -6.68 -11.30
N LYS A 237 27.59 -6.18 -10.49
CA LYS A 237 27.23 -5.25 -9.43
C LYS A 237 26.86 -3.86 -9.95
N TYR A 238 27.05 -3.59 -11.23
CA TYR A 238 26.90 -2.25 -11.78
C TYR A 238 25.56 -2.08 -12.50
N ASP A 239 24.96 -0.91 -12.34
CA ASP A 239 23.81 -0.46 -13.12
C ASP A 239 24.32 0.36 -14.29
N ARG A 240 23.40 1.03 -14.99
CA ARG A 240 23.83 2.02 -15.97
C ARG A 240 24.20 3.33 -15.32
N GLU A 241 23.62 3.62 -14.15
CA GLU A 241 23.87 4.88 -13.46
C GLU A 241 25.07 4.79 -12.52
N THR A 242 25.13 3.75 -11.68
CA THR A 242 26.26 3.62 -10.76
C THR A 242 27.53 3.12 -11.46
N TYR A 243 27.44 2.70 -12.72
CA TYR A 243 28.65 2.45 -13.48
C TYR A 243 29.13 3.71 -14.17
N VAL A 244 28.23 4.44 -14.81
CA VAL A 244 28.61 5.66 -15.50
C VAL A 244 29.14 6.69 -14.50
N SER A 245 28.35 6.97 -13.45
CA SER A 245 28.72 7.99 -12.47
C SER A 245 29.90 7.58 -11.60
N LYS A 246 30.35 6.33 -11.68
CA LYS A 246 31.49 5.88 -10.89
C LYS A 246 32.76 5.69 -11.70
N ILE A 247 32.66 5.36 -12.99
CA ILE A 247 33.86 5.04 -13.74
C ILE A 247 34.05 5.98 -14.93
N LEU A 248 32.95 6.46 -15.51
CA LEU A 248 33.03 7.20 -16.76
C LEU A 248 32.93 8.70 -16.56
N ASP A 249 32.17 9.17 -15.57
CA ASP A 249 32.22 10.58 -15.21
C ASP A 249 33.59 11.00 -14.69
N PRO A 250 34.23 10.29 -13.75
CA PRO A 250 35.58 10.69 -13.37
C PRO A 250 36.57 10.65 -14.52
N LEU A 251 36.47 9.65 -15.40
CA LEU A 251 37.41 9.55 -16.52
C LEU A 251 37.17 10.66 -17.54
N GLU A 252 35.90 11.00 -17.79
CA GLU A 252 35.61 12.09 -18.72
C GLU A 252 36.00 13.44 -18.14
N ASN A 253 35.77 13.64 -16.83
CA ASN A 253 36.14 14.90 -16.20
C ASN A 253 37.66 15.10 -16.21
N LYS A 254 38.41 14.03 -16.00
CA LYS A 254 39.87 14.09 -16.03
C LYS A 254 40.42 14.20 -17.43
N GLY A 255 39.57 14.14 -18.45
CA GLY A 255 40.02 14.25 -19.83
C GLY A 255 40.89 13.11 -20.30
N PHE A 256 40.55 11.88 -19.88
CA PHE A 256 41.26 10.69 -20.33
C PHE A 256 40.55 9.96 -21.45
N ILE A 257 39.23 9.82 -21.36
CA ILE A 257 38.43 9.07 -22.32
C ILE A 257 37.25 9.91 -22.77
N THR A 258 36.69 9.52 -23.92
CA THR A 258 35.46 10.11 -24.44
C THR A 258 34.53 8.95 -24.78
N TRP A 259 33.51 8.74 -23.95
CA TRP A 259 32.69 7.54 -24.02
C TRP A 259 31.35 7.83 -24.67
N ASP A 260 30.84 6.85 -25.41
CA ASP A 260 29.50 6.88 -25.98
C ASP A 260 28.68 5.78 -25.34
N ASP A 261 27.37 5.84 -25.55
CA ASP A 261 26.44 4.88 -24.97
C ASP A 261 25.88 3.96 -26.04
N ALA A 262 25.91 2.66 -25.77
CA ALA A 262 25.27 1.69 -26.65
C ALA A 262 24.58 0.59 -25.85
N CYS A 263 24.03 0.94 -24.68
CA CYS A 263 23.39 -0.05 -23.83
C CYS A 263 22.05 -0.50 -24.41
N GLY A 264 22.09 -1.21 -25.53
CA GLY A 264 20.87 -1.65 -26.18
C GLY A 264 20.31 -2.93 -25.63
N GLU A 265 19.73 -3.75 -26.51
CA GLU A 265 19.22 -5.05 -26.09
C GLU A 265 20.34 -5.97 -25.59
N HIS A 266 21.56 -5.77 -26.10
CA HIS A 266 22.70 -6.59 -25.69
C HIS A 266 23.32 -6.07 -24.40
N GLY A 267 22.50 -5.90 -23.36
CA GLY A 267 23.03 -5.45 -22.08
C GLY A 267 23.71 -4.10 -22.20
N PHE A 268 24.90 -3.99 -21.61
CA PHE A 268 25.70 -2.78 -21.68
C PHE A 268 26.67 -2.85 -22.85
N GLY A 269 26.81 -1.74 -23.56
CA GLY A 269 27.63 -1.72 -24.75
C GLY A 269 28.48 -0.48 -24.92
N PHE A 270 28.96 0.11 -23.82
CA PHE A 270 29.67 1.38 -23.88
C PHE A 270 30.82 1.34 -24.89
N LYS A 271 30.90 2.36 -25.72
CA LYS A 271 31.98 2.53 -26.67
C LYS A 271 32.88 3.67 -26.20
N VAL A 272 34.17 3.38 -26.08
CA VAL A 272 35.12 4.30 -25.47
C VAL A 272 36.16 4.70 -26.51
N LYS A 273 36.38 6.00 -26.66
CA LYS A 273 37.45 6.54 -27.50
C LYS A 273 38.54 7.08 -26.59
N PHE A 274 39.77 6.62 -26.79
CA PHE A 274 40.89 7.03 -25.97
C PHE A 274 41.58 8.25 -26.54
N ARG A 275 42.01 9.14 -25.65
CA ARG A 275 42.79 10.30 -26.03
C ARG A 275 44.28 10.03 -25.82
N LYS A 276 45.10 10.99 -26.26
CA LYS A 276 46.54 10.84 -26.10
C LYS A 276 46.98 11.01 -24.64
N GLU A 277 46.10 11.54 -23.78
CA GLU A 277 46.44 11.69 -22.38
C GLU A 277 46.34 10.39 -21.60
N TYR A 278 45.74 9.35 -22.19
CA TYR A 278 45.64 8.04 -21.56
C TYR A 278 46.77 7.15 -22.04
N SER A 279 47.42 6.47 -21.10
CA SER A 279 48.53 5.59 -21.44
C SER A 279 48.05 4.41 -22.27
N LEU A 280 48.78 4.13 -23.35
CA LEU A 280 48.43 3.07 -24.29
C LEU A 280 49.66 2.23 -24.62
N SER A 281 50.36 1.79 -23.58
CA SER A 281 51.55 0.96 -23.77
C SER A 281 51.22 -0.29 -24.58
N ASP A 282 52.10 -0.62 -25.53
CA ASP A 282 51.85 -1.72 -26.44
C ASP A 282 51.91 -3.08 -25.76
N ASN A 283 52.39 -3.15 -24.52
CA ASN A 283 52.44 -4.43 -23.82
C ASN A 283 51.02 -4.95 -23.59
N GLU A 284 50.74 -6.14 -24.13
CA GLU A 284 49.38 -6.66 -24.09
C GLU A 284 48.91 -6.90 -22.66
N GLU A 285 49.73 -7.56 -21.84
CA GLU A 285 49.33 -7.84 -20.47
C GLU A 285 49.16 -6.55 -19.68
N GLU A 286 50.09 -5.62 -19.81
CA GLU A 286 49.98 -4.35 -19.09
C GLU A 286 48.78 -3.55 -19.55
N ARG A 287 48.52 -3.51 -20.86
CA ARG A 287 47.35 -2.80 -21.36
C ARG A 287 46.06 -3.41 -20.85
N HIS A 288 45.97 -4.75 -20.84
CA HIS A 288 44.79 -5.42 -20.34
C HIS A 288 44.60 -5.13 -18.84
N ALA A 289 45.68 -5.17 -18.07
CA ALA A 289 45.57 -4.88 -16.64
C ALA A 289 45.12 -3.45 -16.42
N LYS A 290 45.68 -2.50 -17.18
CA LYS A 290 45.30 -1.10 -17.03
C LYS A 290 43.83 -0.89 -17.37
N ILE A 291 43.35 -1.52 -18.45
CA ILE A 291 41.95 -1.38 -18.84
C ILE A 291 41.05 -1.98 -17.78
N MET A 292 41.40 -3.17 -17.28
CA MET A 292 40.56 -3.81 -16.26
C MET A 292 40.56 -3.01 -14.97
N LYS A 293 41.66 -2.35 -14.65
CA LYS A 293 41.75 -1.60 -13.39
C LYS A 293 40.98 -0.28 -13.48
N ASP A 294 41.26 0.52 -14.51
CA ASP A 294 40.65 1.83 -14.59
C ASP A 294 39.15 1.76 -14.89
N PHE A 295 38.73 0.78 -15.67
CA PHE A 295 37.33 0.67 -16.08
C PHE A 295 36.49 -0.17 -15.13
N GLY A 296 37.10 -0.73 -14.08
CA GLY A 296 36.35 -1.46 -13.08
C GLY A 296 35.61 -2.67 -13.62
N LEU A 297 36.18 -3.35 -14.61
CA LEU A 297 35.55 -4.52 -15.19
C LEU A 297 35.78 -5.77 -14.38
N ILE A 298 36.56 -5.70 -13.30
CA ILE A 298 36.85 -6.85 -12.44
C ILE A 298 36.22 -6.56 -11.08
N GLU A 299 35.39 -7.49 -10.61
CA GLU A 299 34.74 -7.39 -9.32
C GLU A 299 34.93 -8.71 -8.57
N ARG A 300 35.44 -8.63 -7.35
CA ARG A 300 35.71 -9.80 -6.53
C ARG A 300 34.71 -9.88 -5.40
N ARG A 301 34.05 -11.03 -5.27
CA ARG A 301 33.10 -11.26 -4.20
C ARG A 301 33.34 -12.65 -3.62
N SER A 302 33.17 -12.78 -2.30
CA SER A 302 33.35 -14.05 -1.62
C SER A 302 32.07 -14.43 -0.91
N GLN A 303 31.69 -15.70 -1.04
CA GLN A 303 30.46 -16.18 -0.42
C GLN A 303 30.58 -16.21 1.09
N ASN A 304 29.51 -15.80 1.77
CA ASN A 304 29.37 -15.94 3.22
C ASN A 304 28.09 -16.75 3.41
N ILE A 305 28.21 -18.07 3.34
CA ILE A 305 27.05 -18.94 3.31
C ILE A 305 26.52 -19.13 4.73
N THR A 306 25.64 -18.22 5.14
CA THR A 306 24.94 -18.31 6.42
C THR A 306 23.46 -18.49 6.14
N VAL A 307 22.89 -19.59 6.64
CA VAL A 307 21.50 -19.95 6.39
C VAL A 307 20.87 -20.38 7.71
N ILE A 308 19.60 -20.75 7.63
CA ILE A 308 18.85 -21.29 8.76
C ILE A 308 18.51 -22.73 8.44
N ASN A 309 18.95 -23.64 9.29
CA ASN A 309 18.77 -25.07 9.03
C ASN A 309 17.30 -25.42 9.25
N GLU A 310 16.99 -26.72 9.13
CA GLU A 310 15.61 -27.19 9.26
C GLU A 310 15.07 -27.03 10.68
N LYS A 311 15.94 -26.78 11.66
CA LYS A 311 15.52 -26.62 13.04
C LYS A 311 15.36 -25.16 13.44
N GLY A 312 15.38 -24.23 12.47
CA GLY A 312 15.18 -22.83 12.77
C GLY A 312 16.29 -22.19 13.58
N LYS A 313 17.53 -22.60 13.36
CA LYS A 313 18.68 -22.04 14.06
C LYS A 313 19.73 -21.63 13.04
N LEU A 314 20.48 -20.58 13.37
CA LEU A 314 21.52 -20.11 12.47
C LEU A 314 22.62 -21.16 12.31
N GLN A 315 23.03 -21.37 11.07
CA GLN A 315 24.11 -22.30 10.77
C GLN A 315 24.95 -21.72 9.64
N VAL A 316 26.27 -21.86 9.76
CA VAL A 316 27.22 -21.30 8.81
C VAL A 316 27.93 -22.46 8.11
N TYR A 317 27.92 -22.44 6.79
CA TYR A 317 28.59 -23.44 5.99
C TYR A 317 29.88 -22.86 5.40
N ASP A 318 30.79 -23.76 5.05
CA ASP A 318 32.09 -23.38 4.50
C ASP A 318 32.23 -23.70 3.03
N ASN A 319 32.01 -24.96 2.65
CA ASN A 319 32.03 -25.33 1.25
C ASN A 319 30.76 -24.86 0.56
N VAL A 320 30.87 -24.60 -0.73
CA VAL A 320 29.69 -24.26 -1.52
C VAL A 320 28.72 -25.43 -1.52
N VAL A 321 29.24 -26.63 -1.73
CA VAL A 321 28.41 -27.85 -1.62
C VAL A 321 28.58 -28.35 -0.18
N ASP A 322 27.79 -27.74 0.71
CA ASP A 322 27.48 -28.36 1.99
C ASP A 322 26.01 -28.19 2.37
N LEU A 323 25.28 -27.27 1.74
CA LEU A 323 23.84 -27.25 1.86
C LEU A 323 23.23 -28.45 1.16
N ILE A 324 23.76 -28.80 -0.01
CA ILE A 324 23.19 -29.88 -0.82
C ILE A 324 23.26 -31.20 -0.06
N LYS A 325 24.42 -31.49 0.52
CA LYS A 325 24.59 -32.77 1.23
C LYS A 325 23.86 -32.80 2.56
N ASP A 326 23.14 -31.75 2.92
CA ASP A 326 22.23 -31.75 4.07
C ASP A 326 20.79 -31.47 3.68
N PHE A 327 20.59 -30.56 2.72
CA PHE A 327 19.24 -30.32 2.20
C PHE A 327 18.68 -31.58 1.57
N VAL A 328 19.51 -32.32 0.82
CA VAL A 328 19.04 -33.55 0.21
C VAL A 328 18.62 -34.55 1.28
N GLU A 329 19.42 -34.66 2.34
CA GLU A 329 19.10 -35.62 3.41
C GLU A 329 17.81 -35.27 4.13
N VAL A 330 17.59 -33.99 4.45
CA VAL A 330 16.35 -33.63 5.12
C VAL A 330 15.16 -33.74 4.18
N ARG A 331 15.34 -33.36 2.91
CA ARG A 331 14.27 -33.48 1.93
C ARG A 331 13.91 -34.94 1.68
N LYS A 332 14.86 -35.85 1.86
CA LYS A 332 14.53 -37.27 1.75
C LYS A 332 13.57 -37.70 2.85
N THR A 333 13.82 -37.28 4.09
CA THR A 333 12.89 -37.59 5.17
C THR A 333 11.54 -36.93 4.92
N TYR A 334 11.55 -35.73 4.34
CA TYR A 334 10.27 -35.07 4.09
C TYR A 334 9.49 -35.75 2.98
N VAL A 335 10.17 -36.25 1.95
CA VAL A 335 9.50 -37.03 0.91
C VAL A 335 8.99 -38.34 1.49
N GLN A 336 9.72 -38.93 2.43
CA GLN A 336 9.23 -40.13 3.11
C GLN A 336 7.96 -39.83 3.90
N LYS A 337 7.92 -38.69 4.59
CA LYS A 337 6.71 -38.29 5.28
C LYS A 337 5.56 -38.08 4.31
N ARG A 338 5.85 -37.48 3.15
CA ARG A 338 4.84 -37.33 2.11
C ARG A 338 4.32 -38.68 1.66
N ILE A 339 5.22 -39.65 1.49
CA ILE A 339 4.82 -40.98 1.04
C ILE A 339 3.91 -41.64 2.06
N ASP A 340 4.27 -41.56 3.34
CA ASP A 340 3.44 -42.15 4.38
C ASP A 340 2.07 -41.47 4.45
N ASN A 341 2.05 -40.13 4.35
CA ASN A 341 0.78 -39.40 4.39
C ASN A 341 -0.08 -39.77 3.19
N LYS A 342 0.52 -39.88 2.01
CA LYS A 342 -0.24 -40.26 0.82
C LYS A 342 -0.77 -41.68 0.95
N ILE A 343 0.01 -42.59 1.53
CA ILE A 343 -0.46 -43.96 1.74
C ILE A 343 -1.68 -43.96 2.65
N LYS A 344 -1.62 -43.22 3.76
CA LYS A 344 -2.75 -43.16 4.67
C LYS A 344 -3.97 -42.54 4.00
N GLU A 345 -3.78 -41.44 3.27
CA GLU A 345 -4.89 -40.79 2.60
C GLU A 345 -5.52 -41.69 1.56
N THR A 346 -4.71 -42.39 0.77
CA THR A 346 -5.23 -43.28 -0.26
C THR A 346 -5.96 -44.46 0.36
N GLU A 347 -5.45 -45.00 1.46
CA GLU A 347 -6.15 -46.08 2.14
C GLU A 347 -7.50 -45.62 2.65
N SER A 348 -7.55 -44.44 3.28
CA SER A 348 -8.82 -43.92 3.77
C SER A 348 -9.80 -43.68 2.63
N ALA A 349 -9.31 -43.10 1.52
CA ALA A 349 -10.19 -42.83 0.38
C ALA A 349 -10.71 -44.13 -0.23
N PHE A 350 -9.85 -45.15 -0.35
CA PHE A 350 -10.28 -46.42 -0.92
C PHE A 350 -11.30 -47.10 -0.01
N ARG A 351 -11.08 -47.06 1.30
CA ARG A 351 -12.06 -47.65 2.21
C ARG A 351 -13.40 -46.92 2.13
N LEU A 352 -13.36 -45.58 2.05
CA LEU A 352 -14.59 -44.82 1.91
C LEU A 352 -15.31 -45.16 0.61
N ALA A 353 -14.57 -45.27 -0.50
CA ALA A 353 -15.18 -45.58 -1.77
C ALA A 353 -15.78 -46.98 -1.78
N PHE A 354 -15.08 -47.95 -1.18
CA PHE A 354 -15.61 -49.31 -1.12
C PHE A 354 -16.87 -49.37 -0.26
N ALA A 355 -16.86 -48.69 0.89
CA ALA A 355 -18.05 -48.63 1.73
C ALA A 355 -19.20 -47.95 1.01
N LYS A 356 -18.88 -46.90 0.23
CA LYS A 356 -19.90 -46.20 -0.54
C LYS A 356 -20.54 -47.12 -1.57
N ALA A 357 -19.72 -47.87 -2.30
CA ALA A 357 -20.25 -48.82 -3.28
C ALA A 357 -21.09 -49.89 -2.61
N HIS A 358 -20.63 -50.41 -1.47
CA HIS A 358 -21.39 -51.43 -0.77
C HIS A 358 -22.74 -50.90 -0.30
N PHE A 359 -22.75 -49.67 0.23
CA PHE A 359 -24.02 -49.08 0.66
C PHE A 359 -24.95 -48.85 -0.52
N ILE A 360 -24.40 -48.44 -1.67
CA ILE A 360 -25.23 -48.24 -2.85
C ILE A 360 -25.85 -49.57 -3.28
N LYS A 361 -25.05 -50.64 -3.30
CA LYS A 361 -25.59 -51.95 -3.67
C LYS A 361 -26.66 -52.40 -2.68
N LYS A 362 -26.44 -52.18 -1.39
CA LYS A 362 -27.40 -52.62 -0.39
C LYS A 362 -28.69 -51.81 -0.45
N VAL A 363 -28.61 -50.53 -0.80
CA VAL A 363 -29.80 -49.70 -0.82
C VAL A 363 -30.59 -49.90 -2.12
N ILE A 364 -29.91 -50.23 -3.22
CA ILE A 364 -30.65 -50.53 -4.46
C ILE A 364 -31.22 -51.94 -4.47
N SER A 365 -30.80 -52.79 -3.55
CA SER A 365 -31.30 -54.17 -3.45
C SER A 365 -32.42 -54.33 -2.44
N GLY A 366 -32.87 -53.24 -1.81
CA GLY A 366 -33.95 -53.32 -0.85
C GLY A 366 -33.57 -53.73 0.55
N GLU A 367 -32.28 -53.96 0.81
CA GLU A 367 -31.86 -54.30 2.17
C GLU A 367 -32.15 -53.17 3.14
N ILE A 368 -31.87 -51.94 2.74
CA ILE A 368 -32.17 -50.75 3.53
C ILE A 368 -33.27 -50.00 2.80
N VAL A 369 -34.50 -50.13 3.27
CA VAL A 369 -35.62 -49.38 2.71
C VAL A 369 -35.57 -47.98 3.32
N VAL A 370 -35.34 -46.98 2.46
CA VAL A 370 -35.19 -45.62 2.96
C VAL A 370 -36.54 -45.01 3.31
N GLN A 371 -37.58 -45.31 2.53
CA GLN A 371 -38.88 -44.71 2.74
C GLN A 371 -39.52 -45.22 4.04
N GLY A 372 -40.40 -44.40 4.61
CA GLY A 372 -41.14 -44.77 5.80
C GLY A 372 -40.32 -44.89 7.06
N LYS A 373 -39.33 -44.01 7.25
CA LYS A 373 -38.59 -43.96 8.50
C LYS A 373 -37.95 -42.58 8.66
N THR A 374 -37.81 -42.15 9.90
CA THR A 374 -37.19 -40.86 10.18
C THR A 374 -35.69 -40.93 9.94
N ARG A 375 -35.10 -39.77 9.66
CA ARG A 375 -33.67 -39.72 9.36
C ARG A 375 -32.82 -40.10 10.56
N LYS A 376 -33.22 -39.67 11.76
CA LYS A 376 -32.43 -39.93 12.96
C LYS A 376 -32.34 -41.43 13.24
N GLU A 377 -33.49 -42.11 13.28
CA GLU A 377 -33.48 -43.55 13.54
C GLU A 377 -32.83 -44.32 12.40
N LEU A 378 -33.02 -43.87 11.16
CA LEU A 378 -32.34 -44.52 10.03
C LEU A 378 -30.82 -44.43 10.18
N THR A 379 -30.32 -43.29 10.63
CA THR A 379 -28.90 -43.18 10.96
C THR A 379 -28.55 -44.13 12.09
N GLU A 380 -29.41 -44.23 13.11
CA GLU A 380 -29.21 -45.20 14.17
C GLU A 380 -29.45 -46.63 13.70
N GLU A 381 -30.15 -46.82 12.58
CA GLU A 381 -30.51 -48.15 12.11
C GLU A 381 -29.33 -48.84 11.42
N LEU A 382 -29.64 -49.90 10.67
CA LEU A 382 -28.63 -50.80 10.11
C LEU A 382 -27.48 -50.08 9.40
N SER A 383 -27.68 -48.81 9.00
CA SER A 383 -26.56 -48.02 8.51
C SER A 383 -25.48 -47.83 9.57
N LYS A 384 -25.83 -48.02 10.84
CA LYS A 384 -24.89 -47.98 11.95
C LYS A 384 -24.54 -49.41 12.35
N ILE A 385 -23.60 -49.54 13.29
CA ILE A 385 -23.01 -50.79 13.76
C ILE A 385 -22.88 -51.81 12.63
N ASP A 386 -22.16 -51.45 11.58
CA ASP A 386 -21.85 -52.37 10.50
C ASP A 386 -20.51 -51.94 9.89
N MET A 387 -20.20 -52.44 8.70
CA MET A 387 -18.87 -52.22 8.14
C MET A 387 -18.69 -50.78 7.68
N TYR A 388 -19.77 -50.12 7.25
CA TYR A 388 -19.72 -48.71 6.85
C TYR A 388 -20.40 -47.81 7.88
N SER A 389 -20.28 -48.17 9.16
CA SER A 389 -20.83 -47.35 10.23
C SER A 389 -19.97 -46.12 10.54
N SER A 390 -18.71 -46.12 10.11
CA SER A 390 -17.85 -44.96 10.36
C SER A 390 -18.19 -43.79 9.44
N TYR A 391 -18.75 -44.06 8.27
CA TYR A 391 -19.11 -43.04 7.29
C TYR A 391 -20.62 -42.98 7.10
N VAL A 392 -21.36 -43.18 8.19
CA VAL A 392 -22.82 -43.18 8.11
C VAL A 392 -23.34 -41.82 7.67
N ASP A 393 -22.77 -40.75 8.22
CA ASP A 393 -23.21 -39.40 7.84
C ASP A 393 -22.86 -39.09 6.39
N LYS A 394 -21.69 -39.53 5.93
CA LYS A 394 -21.31 -39.31 4.53
C LYS A 394 -22.23 -40.06 3.58
N LEU A 395 -22.57 -41.31 3.91
CA LEU A 395 -23.48 -42.08 3.07
C LEU A 395 -24.89 -41.48 3.09
N VAL A 396 -25.32 -41.00 4.26
CA VAL A 396 -26.64 -40.39 4.38
C VAL A 396 -26.75 -39.14 3.50
N GLY A 397 -25.67 -38.39 3.36
CA GLY A 397 -25.64 -37.21 2.53
C GLY A 397 -25.45 -37.45 1.06
N MET A 398 -25.51 -38.71 0.62
CA MET A 398 -25.38 -39.03 -0.79
C MET A 398 -26.48 -38.36 -1.61
N ASN A 399 -26.11 -37.89 -2.80
CA ASN A 399 -27.07 -37.26 -3.70
C ASN A 399 -27.83 -38.35 -4.46
N ILE A 400 -28.52 -37.97 -5.54
CA ILE A 400 -29.46 -38.89 -6.16
C ILE A 400 -28.84 -39.74 -7.27
N PHE A 401 -27.97 -39.17 -8.12
CA PHE A 401 -27.58 -39.93 -9.30
C PHE A 401 -26.57 -41.02 -8.95
N HIS A 402 -26.92 -41.85 -7.97
CA HIS A 402 -26.12 -43.00 -7.61
C HIS A 402 -26.92 -44.28 -7.43
N MET A 403 -28.23 -44.19 -7.19
CA MET A 403 -29.08 -45.38 -7.27
C MET A 403 -29.13 -45.93 -8.69
N THR A 404 -28.99 -45.05 -9.68
CA THR A 404 -29.03 -45.47 -11.08
C THR A 404 -27.84 -46.34 -11.42
N SER A 405 -28.02 -47.21 -12.41
CA SER A 405 -26.96 -48.10 -12.86
C SER A 405 -25.86 -47.38 -13.63
N ASP A 406 -26.08 -46.12 -14.03
CA ASP A 406 -25.06 -45.39 -14.76
C ASP A 406 -23.82 -45.18 -13.91
N GLU A 407 -24.01 -44.83 -12.63
CA GLU A 407 -22.90 -44.61 -11.71
C GLU A 407 -22.73 -45.75 -10.70
N ALA A 408 -23.63 -46.74 -10.70
CA ALA A 408 -23.50 -47.86 -9.78
C ALA A 408 -22.19 -48.60 -10.02
N LYS A 409 -21.83 -48.81 -11.29
CA LYS A 409 -20.53 -49.40 -11.61
C LYS A 409 -19.42 -48.37 -11.50
N LYS A 410 -19.74 -47.09 -11.68
CA LYS A 410 -18.72 -46.04 -11.59
C LYS A 410 -18.11 -45.98 -10.20
N LEU A 411 -18.94 -46.09 -9.16
CA LEU A 411 -18.41 -46.06 -7.80
C LEU A 411 -17.47 -47.25 -7.53
N ALA A 412 -17.84 -48.44 -8.03
CA ALA A 412 -16.94 -49.58 -7.90
C ALA A 412 -15.64 -49.34 -8.66
N GLU A 413 -15.73 -48.72 -9.84
CA GLU A 413 -14.53 -48.41 -10.62
C GLU A 413 -13.61 -47.46 -9.85
N GLU A 414 -14.19 -46.43 -9.22
CA GLU A 414 -13.38 -45.49 -8.44
C GLU A 414 -12.77 -46.16 -7.22
N ALA A 415 -13.50 -47.06 -6.58
CA ALA A 415 -12.93 -47.80 -5.45
C ALA A 415 -11.75 -48.66 -5.90
N LYS A 416 -11.89 -49.34 -7.04
CA LYS A 416 -10.77 -50.12 -7.57
C LYS A 416 -9.59 -49.23 -7.93
N ALA A 417 -9.85 -48.06 -8.50
CA ALA A 417 -8.78 -47.14 -8.84
C ALA A 417 -8.06 -46.64 -7.59
N LYS A 418 -8.80 -46.35 -6.53
CA LYS A 418 -8.19 -45.92 -5.28
C LYS A 418 -7.35 -47.05 -4.67
N LYS A 419 -7.83 -48.29 -4.74
CA LYS A 419 -7.04 -49.41 -4.26
C LYS A 419 -5.74 -49.55 -5.06
N GLU A 420 -5.83 -49.39 -6.38
CA GLU A 420 -4.63 -49.47 -7.22
C GLU A 420 -3.65 -48.35 -6.89
N GLU A 421 -4.16 -47.14 -6.65
CA GLU A 421 -3.29 -46.04 -6.25
C GLU A 421 -2.62 -46.31 -4.92
N ASN A 422 -3.36 -46.89 -3.97
CA ASN A 422 -2.76 -47.24 -2.68
C ASN A 422 -1.68 -48.30 -2.85
N GLU A 423 -1.92 -49.28 -3.71
CA GLU A 423 -0.90 -50.30 -3.97
C GLU A 423 0.33 -49.67 -4.62
N TYR A 424 0.13 -48.70 -5.52
CA TYR A 424 1.25 -47.99 -6.12
C TYR A 424 2.06 -47.24 -5.07
N TRP A 425 1.36 -46.54 -4.16
CA TRP A 425 2.05 -45.78 -3.14
C TRP A 425 2.78 -46.68 -2.15
N LYS A 426 2.25 -47.87 -1.90
CA LYS A 426 2.94 -48.81 -1.03
C LYS A 426 4.16 -49.41 -1.70
N THR A 427 4.11 -49.60 -3.02
CA THR A 427 5.22 -50.19 -3.78
C THR A 427 6.09 -49.09 -4.39
N THR A 428 6.69 -48.28 -3.52
CA THR A 428 7.58 -47.22 -3.96
C THR A 428 8.58 -46.93 -2.86
N ASP A 429 9.69 -46.28 -3.24
CA ASP A 429 10.73 -45.91 -2.31
C ASP A 429 11.01 -44.42 -2.44
N VAL A 430 11.61 -43.86 -1.38
CA VAL A 430 11.85 -42.43 -1.34
C VAL A 430 12.83 -42.00 -2.43
N VAL A 431 13.83 -42.83 -2.71
CA VAL A 431 14.82 -42.48 -3.72
C VAL A 431 14.18 -42.41 -5.09
N THR A 432 13.35 -43.41 -5.43
CA THR A 432 12.69 -43.42 -6.74
C THR A 432 11.75 -42.23 -6.90
N GLU A 433 10.98 -41.92 -5.85
CA GLU A 433 10.06 -40.79 -5.94
C GLU A 433 10.81 -39.48 -6.10
N TYR A 434 11.89 -39.29 -5.33
CA TYR A 434 12.65 -38.05 -5.43
C TYR A 434 13.33 -37.92 -6.78
N THR A 435 13.90 -39.02 -7.30
CA THR A 435 14.53 -38.94 -8.61
C THR A 435 13.53 -38.82 -9.75
N LYS A 436 12.28 -39.25 -9.52
CA LYS A 436 11.24 -39.02 -10.52
C LYS A 436 10.79 -37.57 -10.51
N ASP A 437 10.66 -36.98 -9.32
CA ASP A 437 10.30 -35.56 -9.24
C ASP A 437 11.36 -34.67 -9.85
N LEU A 438 12.61 -35.14 -9.94
CA LEU A 438 13.68 -34.34 -10.51
C LEU A 438 13.61 -34.30 -12.03
N GLU A 439 13.05 -35.32 -12.68
CA GLU A 439 12.96 -35.34 -14.13
C GLU A 439 12.03 -34.25 -14.66
N GLU A 440 11.12 -33.74 -13.83
CA GLU A 440 10.22 -32.69 -14.27
C GLU A 440 10.98 -31.42 -14.62
N ILE A 441 12.01 -31.08 -13.85
CA ILE A 441 12.84 -29.93 -14.15
C ILE A 441 13.63 -30.23 -15.42
N LYS A 442 13.27 -29.57 -16.51
CA LYS A 442 13.91 -29.80 -17.81
C LYS A 442 15.36 -29.33 -17.81
N LYS B 393 10.66 25.67 20.86
CA LYS B 393 10.06 26.19 19.64
C LYS B 393 9.95 25.10 18.58
N VAL B 394 9.92 23.85 19.03
CA VAL B 394 9.82 22.73 18.10
C VAL B 394 8.39 22.62 17.59
N HIS B 395 8.24 22.52 16.26
CA HIS B 395 6.91 22.43 15.65
C HIS B 395 6.18 21.17 16.09
N LYS B 396 6.90 20.07 16.26
CA LYS B 396 6.32 18.76 16.47
C LYS B 396 6.13 18.44 17.95
N HIS B 397 6.39 19.40 18.83
CA HIS B 397 6.43 19.20 20.27
C HIS B 397 5.11 19.62 20.92
N ILE B 398 4.59 18.78 21.80
CA ILE B 398 3.36 19.06 22.54
C ILE B 398 3.80 19.50 23.94
N LYS B 399 3.94 20.80 24.12
CA LYS B 399 4.47 21.33 25.37
C LYS B 399 3.48 21.14 26.50
N ALA B 400 3.99 20.76 27.67
CA ALA B 400 3.18 20.66 28.88
C ALA B 400 3.00 22.03 29.51
N ASN B 401 1.88 22.21 30.20
CA ASN B 401 1.57 23.51 30.79
C ASN B 401 2.61 23.89 31.83
N LEU B 402 3.05 22.94 32.65
CA LEU B 402 4.04 23.19 33.68
C LEU B 402 5.46 22.89 33.22
N CYS B 403 5.66 22.62 31.94
CA CYS B 403 6.99 22.38 31.41
C CYS B 403 7.88 23.60 31.62
N GLY B 404 9.09 23.37 32.12
CA GLY B 404 10.01 24.43 32.45
C GLY B 404 9.90 24.93 33.88
N LYS B 405 8.83 24.60 34.59
CA LYS B 405 8.64 24.99 35.97
C LYS B 405 8.98 23.83 36.90
N ASP B 406 8.73 24.02 38.19
CA ASP B 406 9.09 23.04 39.21
C ASP B 406 7.87 22.14 39.47
N ALA B 407 7.87 20.96 38.85
CA ALA B 407 6.81 19.99 39.06
C ALA B 407 7.31 18.63 38.57
N ASP B 408 6.41 17.65 38.58
CA ASP B 408 6.72 16.31 38.08
C ASP B 408 6.37 16.17 36.61
N THR B 409 6.89 17.10 35.79
CA THR B 409 6.63 17.07 34.36
C THR B 409 7.27 15.83 33.75
N THR B 410 6.65 15.32 32.69
CA THR B 410 7.10 14.10 32.04
C THR B 410 7.11 14.26 30.54
N LEU B 411 8.20 13.88 29.90
CA LEU B 411 8.26 13.74 28.45
C LEU B 411 7.87 12.32 28.07
N PHE B 412 7.27 12.18 26.90
CA PHE B 412 6.66 10.93 26.46
C PHE B 412 7.11 10.58 25.05
N LEU B 413 8.43 10.57 24.84
CA LEU B 413 8.98 10.36 23.50
C LEU B 413 8.43 9.11 22.84
N THR B 414 7.62 9.29 21.80
CA THR B 414 7.15 8.19 20.97
C THR B 414 8.12 8.02 19.81
N GLU B 415 7.72 7.24 18.80
CA GLU B 415 8.53 7.08 17.59
C GLU B 415 7.67 7.26 16.36
N GLY B 416 6.87 8.33 16.34
CA GLY B 416 6.03 8.62 15.19
C GLY B 416 4.81 9.43 15.57
N ASP B 417 4.30 10.22 14.63
CA ASP B 417 3.07 10.98 14.88
C ASP B 417 1.88 10.06 15.07
N SER B 418 1.91 8.89 14.43
CA SER B 418 0.79 7.97 14.54
C SER B 418 0.61 7.46 15.96
N ALA B 419 1.69 7.40 16.74
CA ALA B 419 1.62 6.93 18.12
C ALA B 419 1.30 8.03 19.12
N ILE B 420 1.32 9.30 18.69
CA ILE B 420 1.11 10.43 19.58
C ILE B 420 -0.21 11.13 19.33
N GLY B 421 -1.03 10.62 18.40
CA GLY B 421 -2.28 11.31 18.09
C GLY B 421 -3.23 11.36 19.26
N TYR B 422 -3.32 10.28 20.02
CA TYR B 422 -4.23 10.20 21.14
C TYR B 422 -3.63 10.73 22.44
N LEU B 423 -2.35 11.11 22.43
CA LEU B 423 -1.73 11.61 23.66
C LEU B 423 -2.37 12.92 24.11
N ILE B 424 -2.62 13.84 23.18
CA ILE B 424 -3.13 15.16 23.54
C ILE B 424 -4.49 15.05 24.19
N ASP B 425 -5.31 14.09 23.75
CA ASP B 425 -6.65 13.95 24.30
C ASP B 425 -6.62 13.38 25.70
N VAL B 426 -5.65 12.50 26.00
CA VAL B 426 -5.67 11.72 27.23
C VAL B 426 -4.61 12.14 28.22
N ARG B 427 -3.60 12.92 27.82
CA ARG B 427 -2.50 13.23 28.71
C ARG B 427 -2.94 14.18 29.82
N ASP B 428 -2.15 14.22 30.88
CA ASP B 428 -2.33 15.21 31.94
C ASP B 428 -1.90 16.55 31.41
N LYS B 429 -2.86 17.46 31.18
CA LYS B 429 -2.55 18.74 30.58
C LYS B 429 -1.55 19.53 31.40
N GLU B 430 -1.53 19.31 32.72
CA GLU B 430 -0.62 20.06 33.59
C GLU B 430 0.82 19.60 33.41
N LEU B 431 1.09 18.33 33.68
CA LEU B 431 2.45 17.78 33.62
C LEU B 431 2.49 16.52 32.76
N HIS B 432 2.62 16.73 31.45
CA HIS B 432 2.83 15.70 30.44
C HIS B 432 3.21 16.36 29.13
N GLY B 433 4.38 16.02 28.58
CA GLY B 433 4.81 16.50 27.30
C GLY B 433 4.75 15.43 26.23
N GLY B 434 5.41 15.71 25.11
CA GLY B 434 5.51 14.70 24.08
C GLY B 434 6.23 15.17 22.84
N TYR B 435 7.16 14.34 22.36
CA TYR B 435 7.84 14.61 21.10
C TYR B 435 8.02 13.30 20.35
N PRO B 436 7.40 13.14 19.18
CA PRO B 436 7.55 11.90 18.43
C PRO B 436 8.85 11.90 17.63
N LEU B 437 9.58 10.79 17.70
CA LEU B 437 10.82 10.62 16.97
C LEU B 437 10.51 10.28 15.51
N ARG B 438 11.53 9.87 14.76
CA ARG B 438 11.36 9.50 13.36
C ARG B 438 12.03 8.14 13.14
N GLY B 439 11.29 7.07 13.40
CA GLY B 439 11.82 5.74 13.17
C GLY B 439 12.97 5.41 14.10
N LYS B 440 13.91 4.62 13.60
CA LYS B 440 15.03 4.16 14.40
C LYS B 440 15.94 5.32 14.78
N VAL B 441 16.49 5.26 15.98
CA VAL B 441 17.37 6.28 16.51
C VAL B 441 18.80 5.99 16.10
N LEU B 442 19.54 7.04 15.79
CA LEU B 442 20.93 6.89 15.34
C LEU B 442 21.78 6.26 16.43
N ASN B 443 22.63 5.32 16.02
CA ASN B 443 23.53 4.65 16.94
C ASN B 443 24.53 5.67 17.48
N SER B 444 24.40 6.03 18.75
CA SER B 444 25.13 7.16 19.30
C SER B 444 26.13 6.71 20.36
N TRP B 445 26.90 5.67 20.06
CA TRP B 445 27.99 5.23 20.93
C TRP B 445 29.32 5.52 20.25
N GLY B 446 30.22 6.20 20.97
CA GLY B 446 31.53 6.51 20.44
C GLY B 446 31.60 7.76 19.59
N MET B 447 30.48 8.44 19.36
CA MET B 447 30.46 9.63 18.54
C MET B 447 30.67 10.88 19.38
N SER B 448 31.34 11.87 18.78
CA SER B 448 31.59 13.12 19.46
C SER B 448 30.31 13.93 19.60
N TYR B 449 30.34 14.91 20.51
CA TYR B 449 29.16 15.75 20.69
C TYR B 449 29.13 16.86 19.64
N ALA B 450 29.37 16.49 18.39
CA ALA B 450 29.16 17.37 17.25
C ALA B 450 28.49 16.69 16.08
N ASP B 451 28.59 15.38 15.94
CA ASP B 451 27.80 14.61 15.00
C ASP B 451 26.55 14.03 15.64
N MET B 452 26.51 14.00 16.98
CA MET B 452 25.29 13.60 17.68
C MET B 452 24.17 14.60 17.44
N LEU B 453 24.50 15.89 17.43
CA LEU B 453 23.53 16.94 17.10
C LEU B 453 23.49 17.20 15.60
N LYS B 454 23.35 16.12 14.83
CA LYS B 454 23.14 16.21 13.40
C LYS B 454 21.90 15.40 13.03
N ASN B 455 21.67 14.32 13.77
CA ASN B 455 20.40 13.63 13.70
C ASN B 455 19.30 14.55 14.23
N LYS B 456 18.18 14.60 13.51
CA LYS B 456 17.11 15.51 13.89
C LYS B 456 16.53 15.13 15.25
N GLU B 457 16.16 13.86 15.42
CA GLU B 457 15.59 13.41 16.69
C GLU B 457 16.67 12.93 17.65
N LEU B 458 17.75 13.69 17.74
CA LEU B 458 18.69 13.68 18.85
C LEU B 458 19.11 15.07 19.26
N PHE B 459 19.05 16.05 18.36
CA PHE B 459 19.17 17.45 18.73
C PHE B 459 17.84 18.00 19.21
N ASP B 460 16.73 17.51 18.64
CA ASP B 460 15.42 17.94 19.11
C ASP B 460 15.17 17.48 20.54
N ILE B 461 15.58 16.25 20.88
CA ILE B 461 15.42 15.79 22.25
C ILE B 461 16.20 16.69 23.22
N CYS B 462 17.42 17.06 22.83
CA CYS B 462 18.21 17.98 23.65
C CYS B 462 17.53 19.33 23.79
N ALA B 463 16.92 19.82 22.70
CA ALA B 463 16.22 21.10 22.77
C ALA B 463 15.01 21.03 23.70
N ILE B 464 14.25 19.94 23.63
CA ILE B 464 13.05 19.82 24.48
C ILE B 464 13.45 19.64 25.93
N THR B 465 14.21 18.59 26.24
CA THR B 465 14.57 18.33 27.63
C THR B 465 15.56 19.34 28.18
N GLY B 466 16.13 20.20 27.34
CA GLY B 466 17.08 21.19 27.80
C GLY B 466 18.46 20.67 28.08
N LEU B 467 18.67 19.35 27.98
CA LEU B 467 19.98 18.78 28.21
C LEU B 467 20.94 19.20 27.12
N VAL B 468 22.20 19.40 27.50
CA VAL B 468 23.27 19.69 26.54
C VAL B 468 24.40 18.70 26.79
N LEU B 469 25.04 18.28 25.71
CA LEU B 469 26.06 17.25 25.80
C LEU B 469 27.35 17.81 26.40
N GLY B 470 27.99 17.02 27.24
CA GLY B 470 29.22 17.42 27.89
C GLY B 470 29.05 18.21 29.16
N GLU B 471 27.81 18.44 29.62
CA GLU B 471 27.55 19.18 30.84
C GLU B 471 26.59 18.40 31.72
N LYS B 472 26.77 18.48 33.02
CA LYS B 472 25.91 17.78 33.94
C LYS B 472 24.50 18.27 33.88
N ALA B 473 23.55 17.36 33.85
CA ALA B 473 22.14 17.72 33.76
C ALA B 473 21.63 18.53 34.94
N PHE B 474 22.27 18.43 36.09
CA PHE B 474 21.86 19.25 37.21
C PHE B 474 22.91 19.16 38.31
N GLU B 475 22.91 20.16 39.19
CA GLU B 475 23.83 20.22 40.32
C GLU B 475 23.06 19.83 41.59
N GLU B 476 23.57 18.82 42.29
CA GLU B 476 22.89 18.31 43.47
C GLU B 476 23.11 19.24 44.67
N LYS B 477 22.23 19.13 45.65
CA LYS B 477 22.34 19.91 46.86
C LYS B 477 23.57 19.51 47.66
N GLU B 478 24.18 20.48 48.33
CA GLU B 478 25.34 20.21 49.15
C GLU B 478 24.98 19.31 50.33
N ASP B 479 25.91 18.42 50.67
CA ASP B 479 25.67 17.47 51.76
C ASP B 479 25.56 18.19 53.09
N GLY B 480 24.57 17.79 53.89
CA GLY B 480 24.36 18.39 55.19
C GLY B 480 24.28 17.37 56.31
N GLU B 481 23.17 17.36 57.05
CA GLU B 481 22.98 16.43 58.14
C GLU B 481 22.28 15.17 57.63
N TRP B 482 22.75 14.02 58.12
CA TRP B 482 22.23 12.73 57.70
C TRP B 482 21.27 12.18 58.75
N PHE B 483 20.20 11.56 58.29
CA PHE B 483 19.18 11.00 59.17
C PHE B 483 18.82 9.59 58.72
N THR B 484 18.46 8.76 59.70
CA THR B 484 18.03 7.39 59.45
C THR B 484 16.63 7.18 60.01
N PHE B 485 15.83 6.38 59.31
CA PHE B 485 14.48 6.07 59.76
C PHE B 485 14.12 4.66 59.32
N GLU B 486 13.14 4.08 60.01
CA GLU B 486 12.63 2.75 59.67
C GLU B 486 11.44 2.91 58.74
N LEU B 487 11.64 2.64 57.46
CA LEU B 487 10.62 2.79 56.44
C LEU B 487 10.10 1.40 56.07
N ASN B 488 8.85 1.11 56.44
CA ASN B 488 8.22 -0.18 56.16
C ASN B 488 9.04 -1.33 56.72
N GLY B 489 9.59 -1.14 57.92
CA GLY B 489 10.43 -2.15 58.55
C GLY B 489 11.86 -2.20 58.04
N ASP B 490 12.25 -1.33 57.13
CA ASP B 490 13.59 -1.31 56.56
C ASP B 490 14.32 -0.07 57.03
N THR B 491 15.53 -0.26 57.55
CA THR B 491 16.35 0.87 57.98
C THR B 491 16.93 1.56 56.75
N ILE B 492 16.63 2.85 56.60
CA ILE B 492 17.07 3.64 55.46
C ILE B 492 17.82 4.86 55.98
N ILE B 493 19.04 5.06 55.51
CA ILE B 493 19.88 6.19 55.89
C ILE B 493 19.81 7.23 54.79
N VAL B 494 19.35 8.44 55.14
CA VAL B 494 19.22 9.54 54.20
C VAL B 494 19.94 10.75 54.76
N ASN B 495 19.85 11.86 54.02
CA ASN B 495 20.41 13.14 54.42
C ASN B 495 19.29 14.17 54.36
N GLU B 496 19.47 15.28 55.08
CA GLU B 496 18.40 16.25 55.28
C GLU B 496 17.84 16.84 53.99
N ASN B 497 18.47 16.61 52.84
CA ASN B 497 18.00 17.19 51.58
C ASN B 497 17.98 16.15 50.45
N ASP B 498 17.39 14.98 50.71
CA ASP B 498 17.11 14.04 49.64
C ASP B 498 15.60 13.94 49.41
N GLU B 499 15.21 13.03 48.52
CA GLU B 499 13.82 12.74 48.21
C GLU B 499 13.59 11.24 48.30
N VAL B 500 12.44 10.85 48.84
CA VAL B 500 12.11 9.45 49.08
C VAL B 500 10.90 9.06 48.23
N GLN B 501 11.04 7.95 47.51
CA GLN B 501 9.98 7.44 46.64
C GLN B 501 9.04 6.57 47.47
N ILE B 502 7.86 7.08 47.78
CA ILE B 502 6.87 6.37 48.58
C ILE B 502 5.59 6.25 47.75
N ASN B 503 5.16 5.01 47.50
CA ASN B 503 3.91 4.73 46.80
C ASN B 503 3.84 5.46 45.45
N GLY B 504 4.94 5.45 44.73
CA GLY B 504 4.98 6.08 43.42
C GLY B 504 5.13 7.58 43.43
N LYS B 505 5.32 8.20 44.59
CA LYS B 505 5.47 9.65 44.71
C LYS B 505 6.77 9.96 45.44
N TRP B 506 7.41 11.06 45.04
CA TRP B 506 8.66 11.49 45.63
C TRP B 506 8.39 12.57 46.66
N ILE B 507 8.82 12.35 47.89
CA ILE B 507 8.55 13.24 49.02
C ILE B 507 9.87 13.74 49.59
N THR B 508 9.90 15.03 49.90
CA THR B 508 11.10 15.64 50.47
C THR B 508 11.34 15.13 51.89
N VAL B 509 12.59 15.24 52.32
CA VAL B 509 12.96 14.82 53.67
C VAL B 509 12.27 15.71 54.70
N GLY B 510 12.22 17.02 54.45
CA GLY B 510 11.54 17.91 55.37
C GLY B 510 10.07 17.61 55.52
N GLU B 511 9.41 17.23 54.42
CA GLU B 511 8.00 16.85 54.49
C GLU B 511 7.81 15.61 55.35
N LEU B 512 8.68 14.61 55.19
CA LEU B 512 8.59 13.41 56.01
C LEU B 512 8.84 13.73 57.48
N ARG B 513 9.78 14.63 57.76
CA ARG B 513 10.03 15.04 59.14
C ARG B 513 8.81 15.74 59.73
N LYS B 514 8.15 16.59 58.94
CA LYS B 514 6.95 17.27 59.38
C LYS B 514 5.75 16.35 59.49
N ASN B 515 5.84 15.12 58.98
CA ASN B 515 4.74 14.17 59.00
C ASN B 515 4.80 13.23 60.19
N LEU B 516 5.36 13.69 61.32
CA LEU B 516 5.43 12.91 62.55
C LEU B 516 6.12 11.56 62.34
N MET B 517 7.23 11.58 61.60
CA MET B 517 8.04 10.39 61.37
C MET B 517 9.32 10.52 62.18
N LYS B 518 9.70 9.45 62.88
CA LYS B 518 10.89 9.47 63.71
C LYS B 518 12.14 9.49 62.85
N PHE B 519 13.04 10.42 63.15
CA PHE B 519 14.31 10.56 62.44
C PHE B 519 15.45 10.49 63.44
N VAL B 520 16.48 9.71 63.11
CA VAL B 520 17.62 9.49 63.99
C VAL B 520 18.82 10.22 63.40
N LYS B 521 19.36 11.17 64.15
CA LYS B 521 20.54 11.91 63.71
C LYS B 521 21.78 11.03 63.83
N ILE B 522 22.56 10.97 62.75
CA ILE B 522 23.76 10.15 62.69
C ILE B 522 24.89 10.99 62.10
N ASP B 523 26.07 10.91 62.70
CA ASP B 523 27.22 11.67 62.23
C ASP B 523 27.58 11.23 60.81
N SER B 524 28.04 12.20 60.01
CA SER B 524 28.35 11.93 58.60
C SER B 524 29.45 10.89 58.46
N SER B 525 30.46 10.94 59.33
CA SER B 525 31.55 9.98 59.28
C SER B 525 31.08 8.56 59.59
N SER B 526 29.94 8.41 60.28
CA SER B 526 29.41 7.11 60.63
C SER B 526 28.32 6.64 59.68
N VAL B 527 28.14 7.31 58.54
CA VAL B 527 27.13 6.94 57.56
C VAL B 527 27.77 6.05 56.51
N ASP B 528 27.15 4.91 56.24
CA ASP B 528 27.64 3.97 55.24
C ASP B 528 27.27 4.49 53.86
N MET B 529 28.26 4.99 53.11
CA MET B 529 27.98 5.50 51.77
C MET B 529 27.64 4.38 50.80
N LYS B 530 28.23 3.20 50.99
CA LYS B 530 27.90 2.06 50.14
C LYS B 530 26.44 1.65 50.30
N LYS B 531 25.95 1.63 51.54
CA LYS B 531 24.54 1.34 51.77
C LYS B 531 23.65 2.44 51.19
N TYR B 532 24.08 3.70 51.36
CA TYR B 532 23.27 4.82 50.88
C TYR B 532 23.15 4.81 49.36
N LYS B 533 24.23 4.47 48.65
CA LYS B 533 24.20 4.46 47.20
C LYS B 533 23.31 3.35 46.66
N LEU B 534 23.19 2.23 47.40
CA LEU B 534 22.39 1.10 46.95
C LEU B 534 20.90 1.33 47.11
N GLN B 535 20.49 2.32 47.91
CA GLN B 535 19.06 2.57 48.14
C GLN B 535 18.45 3.19 46.90
N ASN B 536 17.54 2.46 46.25
CA ASN B 536 16.88 2.93 45.04
C ASN B 536 15.66 3.80 45.32
N ASN B 537 15.22 3.89 46.58
CA ASN B 537 14.06 4.69 46.93
C ASN B 537 14.43 6.08 47.43
N VAL B 538 15.72 6.42 47.45
CA VAL B 538 16.19 7.72 47.95
C VAL B 538 16.99 8.39 46.84
N ARG B 539 16.65 9.65 46.55
CA ARG B 539 17.37 10.43 45.56
C ARG B 539 17.63 11.82 46.11
N ARG B 540 18.79 12.37 45.77
CA ARG B 540 19.17 13.69 46.26
C ARG B 540 18.28 14.77 45.64
N SER B 541 17.93 15.77 46.44
CA SER B 541 17.13 16.88 45.94
C SER B 541 17.98 17.77 45.04
N ILE B 542 17.36 18.24 43.97
CA ILE B 542 18.06 19.05 42.97
C ILE B 542 18.14 20.49 43.48
N LYS B 543 19.36 21.03 43.57
CA LYS B 543 19.53 22.41 43.98
C LYS B 543 19.23 23.36 42.83
N SER B 544 19.78 23.06 41.65
CA SER B 544 19.47 23.81 40.43
C SER B 544 19.47 22.86 39.22
N SER B 545 18.79 23.20 38.12
CA SER B 545 18.77 22.34 36.92
C SER B 545 18.17 22.99 35.67
N SER B 546 18.39 22.36 34.52
CA SER B 546 17.87 22.91 33.26
C SER B 546 16.88 21.95 32.62
N MET B 547 16.97 20.69 32.98
CA MET B 547 16.06 19.75 32.44
C MET B 547 14.74 20.41 32.57
N ASN B 548 14.09 20.76 31.46
CA ASN B 548 12.72 21.29 31.52
C ASN B 548 11.80 20.28 32.17
N TYR B 549 11.77 19.06 31.68
CA TYR B 549 10.99 17.97 32.25
C TYR B 549 11.85 17.19 33.24
N ALA B 550 11.32 16.97 34.43
CA ALA B 550 11.99 16.11 35.39
C ALA B 550 11.52 14.67 35.25
N ASN B 551 11.47 14.20 34.01
CA ASN B 551 11.14 12.83 33.63
C ASN B 551 11.34 12.71 32.13
N VAL B 552 11.90 11.59 31.68
CA VAL B 552 12.13 11.39 30.27
C VAL B 552 11.55 10.02 29.88
N ALA B 553 10.42 9.69 30.50
CA ALA B 553 9.75 8.41 30.24
C ALA B 553 9.62 8.14 28.75
N ILE B 554 10.28 7.08 28.29
CA ILE B 554 10.28 6.70 26.88
C ILE B 554 9.17 5.69 26.65
N MET B 555 8.36 5.92 25.62
CA MET B 555 7.30 5.00 25.22
C MET B 555 7.39 4.77 23.72
N THR B 556 7.41 3.50 23.32
CA THR B 556 7.63 3.15 21.93
C THR B 556 6.74 1.98 21.56
N ASP B 557 6.71 1.67 20.27
CA ASP B 557 6.00 0.50 19.80
C ASP B 557 6.51 -0.74 20.52
N ALA B 558 5.59 -1.60 20.94
CA ALA B 558 5.95 -2.74 21.74
C ALA B 558 6.49 -3.90 20.93
N ASP B 559 6.59 -3.75 19.61
CA ASP B 559 7.15 -4.81 18.76
C ASP B 559 8.66 -4.92 18.99
N HIS B 560 9.28 -5.86 18.28
CA HIS B 560 10.69 -6.12 18.47
C HIS B 560 11.54 -4.91 18.09
N ASP B 561 11.20 -4.26 16.99
CA ASP B 561 12.01 -3.13 16.51
C ASP B 561 12.01 -1.98 17.51
N GLY B 562 10.85 -1.66 18.08
CA GLY B 562 10.77 -0.56 19.02
C GLY B 562 11.16 -0.89 20.44
N LEU B 563 11.39 -2.17 20.73
CA LEU B 563 11.76 -2.60 22.07
C LEU B 563 13.23 -2.96 22.20
N GLY B 564 13.84 -3.49 21.14
CA GLY B 564 15.23 -3.91 21.23
C GLY B 564 16.17 -3.15 20.33
N SER B 565 15.65 -2.22 19.53
CA SER B 565 16.47 -1.42 18.64
C SER B 565 16.36 0.07 18.90
N ILE B 566 15.23 0.56 19.42
CA ILE B 566 15.04 1.97 19.68
C ILE B 566 15.17 2.28 21.17
N TYR B 567 14.63 1.42 22.02
CA TYR B 567 14.80 1.61 23.47
C TYR B 567 16.26 1.59 23.88
N PRO B 568 17.07 0.59 23.54
CA PRO B 568 18.48 0.63 23.97
C PRO B 568 19.29 1.70 23.26
N SER B 569 18.93 2.08 22.03
CA SER B 569 19.64 3.18 21.38
C SER B 569 19.41 4.49 22.12
N LEU B 570 18.17 4.75 22.53
CA LEU B 570 17.90 5.94 23.32
C LEU B 570 18.53 5.85 24.69
N LEU B 571 18.61 4.65 25.27
CA LEU B 571 19.32 4.48 26.53
C LEU B 571 20.80 4.84 26.37
N GLY B 572 21.41 4.39 25.28
CA GLY B 572 22.80 4.73 25.02
C GLY B 572 23.00 6.22 24.76
N PHE B 573 22.02 6.87 24.14
CA PHE B 573 22.11 8.31 23.97
C PHE B 573 22.03 9.02 25.32
N PHE B 574 21.02 8.69 26.12
CA PHE B 574 20.82 9.32 27.42
C PHE B 574 21.91 8.96 28.42
N SER B 575 22.71 7.93 28.14
CA SER B 575 23.85 7.62 28.99
C SER B 575 24.94 8.68 28.92
N ASN B 576 24.86 9.61 27.98
CA ASN B 576 25.81 10.73 27.97
C ASN B 576 25.71 11.56 29.22
N TRP B 577 24.58 11.48 29.94
CA TRP B 577 24.42 12.05 31.27
C TRP B 577 24.24 10.89 32.23
N PRO B 578 25.34 10.32 32.75
CA PRO B 578 25.21 9.15 33.64
C PRO B 578 24.75 9.55 35.03
N GLU B 579 23.76 10.42 35.09
CA GLU B 579 23.09 10.79 36.34
C GLU B 579 21.57 10.73 36.23
N LEU B 580 21.01 10.70 35.03
CA LEU B 580 19.58 10.50 34.87
C LEU B 580 19.16 9.13 35.36
N PHE B 581 19.98 8.11 35.09
CA PHE B 581 19.74 6.77 35.64
C PHE B 581 20.34 6.65 37.03
N GLU B 582 20.02 7.61 37.88
CA GLU B 582 20.43 7.60 39.29
C GLU B 582 19.35 8.08 40.23
N GLN B 583 18.37 8.85 39.76
CA GLN B 583 17.23 9.29 40.56
C GLN B 583 15.92 8.74 40.03
N GLY B 584 15.97 7.68 39.22
CA GLY B 584 14.78 7.14 38.61
C GLY B 584 14.11 8.08 37.64
N ARG B 585 14.89 8.84 36.87
CA ARG B 585 14.35 9.85 35.98
C ARG B 585 14.18 9.38 34.55
N ILE B 586 14.65 8.18 34.21
CA ILE B 586 14.48 7.61 32.88
C ILE B 586 13.62 6.37 33.02
N ARG B 587 12.41 6.44 32.48
CA ARG B 587 11.41 5.39 32.66
C ARG B 587 10.95 4.87 31.31
N PHE B 588 10.35 3.69 31.33
CA PHE B 588 9.78 3.08 30.14
C PHE B 588 8.28 2.89 30.36
N VAL B 589 7.47 3.58 29.56
CA VAL B 589 6.02 3.48 29.65
C VAL B 589 5.62 2.19 28.96
N LYS B 590 5.41 1.13 29.74
CA LYS B 590 5.12 -0.17 29.16
C LYS B 590 3.80 -0.15 28.41
N THR B 591 3.79 -0.76 27.24
CA THR B 591 2.68 -0.75 26.30
C THR B 591 2.39 -2.17 25.83
N PRO B 592 1.11 -2.55 25.73
CA PRO B 592 0.79 -3.90 25.26
C PRO B 592 1.30 -4.16 23.85
N VAL B 593 1.73 -5.39 23.61
CA VAL B 593 2.12 -5.81 22.27
C VAL B 593 1.06 -6.76 21.73
N ILE B 594 0.36 -7.44 22.62
CA ILE B 594 -0.68 -8.39 22.26
C ILE B 594 -1.82 -8.24 23.24
N ILE B 595 -3.03 -8.07 22.73
CA ILE B 595 -4.23 -7.88 23.53
C ILE B 595 -5.17 -9.04 23.25
N ALA B 596 -5.63 -9.69 24.33
CA ALA B 596 -6.60 -10.77 24.22
C ALA B 596 -7.90 -10.38 24.92
N GLN B 597 -9.00 -10.91 24.42
CA GLN B 597 -10.32 -10.57 24.94
C GLN B 597 -11.02 -11.80 25.50
N VAL B 598 -10.31 -12.58 26.34
CA VAL B 598 -10.92 -13.75 26.95
C VAL B 598 -12.16 -13.33 27.73
N GLY B 599 -13.28 -13.99 27.45
CA GLY B 599 -14.53 -13.60 28.07
C GLY B 599 -14.91 -12.18 27.71
N LYS B 600 -15.52 -11.48 28.65
CA LYS B 600 -15.89 -10.08 28.49
C LYS B 600 -14.83 -9.12 28.98
N LYS B 601 -13.72 -9.64 29.53
CA LYS B 601 -12.68 -8.82 30.13
C LYS B 601 -11.48 -8.75 29.19
N GLN B 602 -10.65 -7.73 29.39
CA GLN B 602 -9.55 -7.42 28.51
C GLN B 602 -8.23 -7.75 29.21
N GLU B 603 -7.39 -8.53 28.55
CA GLU B 603 -6.12 -8.96 29.13
C GLU B 603 -4.97 -8.46 28.27
N TRP B 604 -3.95 -7.89 28.91
CA TRP B 604 -2.84 -7.23 28.25
C TRP B 604 -1.57 -8.04 28.43
N PHE B 605 -0.85 -8.26 27.33
CA PHE B 605 0.48 -8.86 27.36
C PHE B 605 1.48 -7.82 26.87
N TYR B 606 2.45 -7.47 27.72
CA TYR B 606 3.35 -6.38 27.41
C TYR B 606 4.43 -6.75 26.42
N THR B 607 4.91 -7.99 26.44
CA THR B 607 5.94 -8.44 25.52
C THR B 607 5.51 -9.75 24.87
N VAL B 608 5.98 -9.97 23.64
CA VAL B 608 5.68 -11.22 22.95
C VAL B 608 6.27 -12.41 23.70
N ALA B 609 7.40 -12.20 24.38
CA ALA B 609 7.97 -13.26 25.20
C ALA B 609 7.05 -13.63 26.36
N GLU B 610 6.45 -12.61 27.00
CA GLU B 610 5.48 -12.88 28.05
C GLU B 610 4.25 -13.60 27.50
N TYR B 611 3.80 -13.20 26.30
CA TYR B 611 2.66 -13.87 25.69
C TYR B 611 2.96 -15.34 25.40
N GLU B 612 4.16 -15.63 24.90
CA GLU B 612 4.53 -17.01 24.63
C GLU B 612 5.08 -17.65 25.90
N SER B 613 4.36 -17.47 27.00
CA SER B 613 4.60 -18.22 28.24
C SER B 613 3.30 -18.67 28.90
N ALA B 614 2.16 -18.11 28.52
CA ALA B 614 0.85 -18.60 28.95
C ALA B 614 -0.11 -18.68 27.77
N LYS B 615 0.41 -18.77 26.54
CA LYS B 615 -0.46 -18.84 25.37
C LYS B 615 -1.35 -20.06 25.42
N ASP B 616 -0.78 -21.22 25.77
CA ASP B 616 -1.58 -22.42 26.01
C ASP B 616 -1.97 -22.52 27.49
N ALA B 617 -2.49 -21.42 28.02
CA ALA B 617 -3.02 -21.38 29.37
C ALA B 617 -4.24 -20.50 29.51
N LEU B 618 -4.74 -19.92 28.42
CA LEU B 618 -5.89 -19.03 28.44
C LEU B 618 -7.06 -19.64 27.68
N PRO B 619 -8.29 -19.35 28.08
CA PRO B 619 -9.44 -19.88 27.34
C PRO B 619 -9.90 -18.96 26.23
N LYS B 620 -10.07 -19.52 25.03
CA LYS B 620 -10.67 -18.86 23.86
C LYS B 620 -10.20 -17.41 23.70
N HIS B 621 -8.90 -17.26 23.49
CA HIS B 621 -8.29 -15.95 23.26
C HIS B 621 -8.12 -15.72 21.77
N SER B 622 -8.56 -14.55 21.29
CA SER B 622 -8.41 -14.14 19.91
C SER B 622 -7.59 -12.85 19.90
N ILE B 623 -6.26 -13.01 19.79
CA ILE B 623 -5.36 -11.90 20.06
C ILE B 623 -5.49 -10.82 18.98
N ARG B 624 -5.18 -9.59 19.37
CA ARG B 624 -5.07 -8.46 18.45
C ARG B 624 -3.67 -7.90 18.63
N TYR B 625 -2.72 -8.40 17.84
CA TYR B 625 -1.33 -7.98 17.95
C TYR B 625 -1.21 -6.48 17.73
N ILE B 626 -0.50 -5.81 18.64
CA ILE B 626 -0.38 -4.36 18.62
C ILE B 626 1.02 -4.01 18.16
N LYS B 627 1.12 -3.45 16.97
CA LYS B 627 2.39 -2.97 16.42
C LYS B 627 2.58 -1.48 16.62
N GLY B 628 1.52 -0.70 16.50
CA GLY B 628 1.61 0.74 16.71
C GLY B 628 1.37 1.08 18.17
N LEU B 629 2.24 1.95 18.70
CA LEU B 629 2.17 2.33 20.10
C LEU B 629 0.86 3.02 20.42
N GLY B 630 0.45 3.95 19.57
CA GLY B 630 -0.79 4.67 19.79
C GLY B 630 -1.64 4.72 18.55
N SER B 631 -1.57 3.66 17.74
CA SER B 631 -2.29 3.60 16.49
C SER B 631 -3.19 2.38 16.36
N LEU B 632 -3.09 1.41 17.26
CA LEU B 632 -4.07 0.34 17.36
C LEU B 632 -4.84 0.40 18.67
N GLU B 633 -4.83 1.55 19.34
CA GLU B 633 -5.47 1.71 20.62
C GLU B 633 -6.42 2.90 20.55
N LYS B 634 -7.62 2.74 21.11
CA LYS B 634 -8.64 3.77 21.08
C LYS B 634 -8.96 4.32 22.47
N SER B 635 -9.39 3.44 23.38
CA SER B 635 -9.56 3.79 24.78
C SER B 635 -8.53 3.11 25.67
N GLU B 636 -7.80 2.12 25.14
CA GLU B 636 -6.67 1.55 25.86
C GLU B 636 -5.57 2.58 26.05
N TYR B 637 -5.46 3.54 25.13
CA TYR B 637 -4.46 4.60 25.26
C TYR B 637 -4.71 5.44 26.51
N ARG B 638 -5.97 5.83 26.75
CA ARG B 638 -6.28 6.61 27.93
C ARG B 638 -6.01 5.83 29.20
N GLU B 639 -6.38 4.55 29.22
CA GLU B 639 -6.14 3.72 30.40
C GLU B 639 -4.65 3.57 30.66
N MET B 640 -3.86 3.34 29.62
CA MET B 640 -2.43 3.10 29.80
C MET B 640 -1.64 4.39 30.01
N ILE B 641 -2.24 5.55 29.76
CA ILE B 641 -1.57 6.81 30.06
C ILE B 641 -1.94 7.33 31.44
N GLN B 642 -3.23 7.29 31.79
CA GLN B 642 -3.65 7.74 33.12
C GLN B 642 -3.29 6.76 34.22
N ASN B 643 -3.07 5.49 33.88
CA ASN B 643 -2.65 4.46 34.83
C ASN B 643 -1.40 3.78 34.29
N PRO B 644 -0.29 4.50 34.22
CA PRO B 644 0.89 3.99 33.53
C PRO B 644 1.69 3.02 34.38
N VAL B 645 2.38 2.11 33.68
CA VAL B 645 3.27 1.15 34.33
C VAL B 645 4.71 1.49 33.94
N TYR B 646 5.36 2.32 34.74
CA TYR B 646 6.71 2.77 34.42
C TYR B 646 7.73 1.70 34.80
N ASP B 647 8.94 1.85 34.23
CA ASP B 647 10.08 1.01 34.56
C ASP B 647 11.31 1.90 34.49
N VAL B 648 11.83 2.30 35.66
CA VAL B 648 13.01 3.16 35.69
C VAL B 648 14.24 2.36 35.30
N VAL B 649 15.15 3.00 34.58
CA VAL B 649 16.39 2.37 34.13
C VAL B 649 17.49 2.68 35.14
N LYS B 650 18.14 1.64 35.65
CA LYS B 650 19.24 1.78 36.58
C LYS B 650 20.49 1.18 35.97
N LEU B 651 21.56 1.96 35.93
CA LEU B 651 22.81 1.46 35.35
C LEU B 651 23.56 0.61 36.38
N PRO B 652 23.99 -0.60 36.02
CA PRO B 652 24.89 -1.35 36.90
C PRO B 652 26.29 -0.76 36.86
N GLU B 653 27.23 -1.40 37.55
CA GLU B 653 28.60 -0.87 37.58
C GLU B 653 29.21 -0.86 36.18
N ASN B 654 29.09 -1.97 35.47
CA ASN B 654 29.68 -2.13 34.14
C ASN B 654 28.71 -1.80 33.02
N TRP B 655 28.09 -0.62 33.06
CA TRP B 655 27.15 -0.27 31.99
C TRP B 655 27.88 0.09 30.70
N LYS B 656 29.08 0.66 30.82
CA LYS B 656 29.87 1.00 29.64
C LYS B 656 30.18 -0.24 28.82
N GLU B 657 30.53 -1.34 29.51
CA GLU B 657 30.81 -2.59 28.82
C GLU B 657 29.59 -3.08 28.05
N LEU B 658 28.41 -3.03 28.68
CA LEU B 658 27.19 -3.49 28.02
C LEU B 658 26.85 -2.62 26.82
N PHE B 659 27.01 -1.31 26.95
CA PHE B 659 26.66 -0.42 25.85
C PHE B 659 27.67 -0.54 24.70
N GLU B 660 28.92 -0.84 25.01
CA GLU B 660 29.89 -1.10 23.94
C GLU B 660 29.61 -2.43 23.26
N MET B 661 29.24 -3.45 24.02
CA MET B 661 28.95 -4.74 23.44
C MET B 661 27.73 -4.70 22.54
N LEU B 662 26.64 -4.10 23.03
CA LEU B 662 25.42 -4.03 22.22
C LEU B 662 25.55 -2.99 21.12
N MET B 663 26.16 -1.84 21.41
CA MET B 663 26.28 -0.72 20.48
C MET B 663 27.77 -0.42 20.33
N GLY B 664 28.43 -1.12 19.41
CA GLY B 664 29.85 -0.93 19.22
C GLY B 664 30.30 -1.45 17.87
N ASP B 665 31.49 -1.00 17.47
CA ASP B 665 32.03 -1.40 16.17
C ASP B 665 32.32 -2.89 16.12
N ASN B 666 32.86 -3.45 17.21
CA ASN B 666 33.21 -4.87 17.23
C ASN B 666 31.95 -5.71 17.19
N ALA B 667 31.72 -6.39 16.08
CA ALA B 667 30.57 -7.27 15.93
C ALA B 667 30.83 -8.67 16.45
N ASP B 668 32.07 -9.00 16.82
CA ASP B 668 32.36 -10.32 17.36
C ASP B 668 31.88 -10.44 18.81
N LEU B 669 31.86 -9.32 19.54
CA LEU B 669 31.31 -9.35 20.90
C LEU B 669 29.84 -9.71 20.88
N ARG B 670 29.09 -9.17 19.90
CA ARG B 670 27.69 -9.54 19.76
C ARG B 670 27.55 -11.03 19.46
N LYS B 671 28.34 -11.55 18.51
CA LYS B 671 28.28 -12.97 18.20
C LYS B 671 28.60 -13.81 19.43
N GLU B 672 29.49 -13.35 20.30
CA GLU B 672 29.73 -14.02 21.56
C GLU B 672 28.57 -13.84 22.53
N TRP B 673 27.76 -12.79 22.34
CA TRP B 673 26.67 -12.48 23.27
C TRP B 673 25.41 -13.27 22.96
N MET B 674 24.99 -13.30 21.69
CA MET B 674 23.78 -14.02 21.32
C MET B 674 23.98 -15.53 21.22
N SER B 675 25.21 -16.01 21.34
CA SER B 675 25.49 -17.44 21.31
C SER B 675 25.34 -18.08 22.69
N GLN B 676 25.01 -17.32 23.72
CA GLN B 676 24.84 -17.85 25.05
C GLN B 676 23.49 -17.46 25.64
N MET C 1 7.12 4.67 -37.95
CA MET C 1 7.24 6.13 -37.96
C MET C 1 6.04 6.76 -38.63
N GLN C 2 5.13 7.33 -37.83
CA GLN C 2 3.94 7.99 -38.32
C GLN C 2 3.90 9.41 -37.76
N LEU C 3 3.64 10.37 -38.64
CA LEU C 3 3.53 11.79 -38.25
C LEU C 3 2.15 12.28 -38.63
N ASN C 4 1.19 12.14 -37.73
CA ASN C 4 -0.17 12.61 -37.94
C ASN C 4 -0.32 13.98 -37.30
N ASN C 5 -0.66 14.99 -38.11
CA ASN C 5 -0.82 16.34 -37.60
C ASN C 5 -2.13 16.44 -36.84
N ARG C 6 -2.06 16.93 -35.60
CA ARG C 6 -3.21 17.08 -34.74
C ARG C 6 -3.39 18.54 -34.37
N ASP C 7 -4.60 19.06 -34.54
CA ASP C 7 -4.90 20.42 -34.15
C ASP C 7 -5.14 20.49 -32.65
N LEU C 8 -4.69 21.59 -32.04
CA LEU C 8 -4.86 21.75 -30.60
C LEU C 8 -6.33 21.82 -30.22
N LYS C 9 -7.18 22.30 -31.13
CA LYS C 9 -8.61 22.35 -30.86
C LYS C 9 -9.16 20.95 -30.61
N SER C 10 -8.76 19.97 -31.42
CA SER C 10 -9.19 18.60 -31.20
C SER C 10 -8.66 18.06 -29.88
N ILE C 11 -7.42 18.40 -29.54
CA ILE C 11 -6.84 17.96 -28.28
C ILE C 11 -7.69 18.44 -27.11
N ILE C 12 -7.99 19.74 -27.10
CA ILE C 12 -8.78 20.31 -26.00
C ILE C 12 -10.19 19.75 -26.00
N ASP C 13 -10.79 19.57 -27.17
CA ASP C 13 -12.18 19.11 -27.24
C ASP C 13 -12.34 17.64 -26.94
N ASN C 14 -11.28 16.83 -27.03
CA ASN C 14 -11.40 15.40 -26.74
C ASN C 14 -10.70 15.02 -25.45
N GLU C 15 -9.39 15.21 -25.35
CA GLU C 15 -8.66 14.72 -24.19
C GLU C 15 -8.98 15.54 -22.96
N ALA C 16 -8.88 16.87 -23.08
CA ALA C 16 -9.16 17.74 -21.95
C ALA C 16 -10.62 17.65 -21.52
N LEU C 17 -11.53 17.58 -22.49
CA LEU C 17 -12.95 17.45 -22.17
C LEU C 17 -13.23 16.14 -21.46
N ALA C 18 -12.63 15.05 -21.93
CA ALA C 18 -12.81 13.76 -21.26
C ALA C 18 -12.29 13.82 -19.84
N TYR C 19 -11.12 14.45 -19.64
CA TYR C 19 -10.58 14.55 -18.28
C TYR C 19 -11.47 15.39 -17.38
N ALA C 20 -11.98 16.51 -17.89
CA ALA C 20 -12.82 17.38 -17.08
C ALA C 20 -14.12 16.70 -16.70
N MET C 21 -14.77 16.05 -17.66
CA MET C 21 -15.99 15.30 -17.35
C MET C 21 -15.70 14.16 -16.41
N TYR C 22 -14.53 13.53 -16.52
CA TYR C 22 -14.17 12.47 -15.59
C TYR C 22 -14.01 13.00 -14.18
N THR C 23 -13.31 14.12 -14.02
CA THR C 23 -13.15 14.71 -12.69
C THR C 23 -14.50 15.08 -12.10
N VAL C 24 -15.39 15.65 -12.91
CA VAL C 24 -16.69 16.06 -12.40
C VAL C 24 -17.53 14.86 -12.01
N GLU C 25 -17.59 13.84 -12.86
CA GLU C 25 -18.53 12.75 -12.64
C GLU C 25 -17.95 11.64 -11.78
N ASN C 26 -16.83 11.04 -12.21
CA ASN C 26 -16.32 9.82 -11.61
C ASN C 26 -15.17 10.03 -10.65
N ARG C 27 -14.85 11.27 -10.30
CA ARG C 27 -13.79 11.51 -9.31
C ARG C 27 -14.27 12.26 -8.08
N ALA C 28 -14.87 13.44 -8.24
CA ALA C 28 -15.02 14.38 -7.13
C ALA C 28 -16.47 14.59 -6.71
N ILE C 29 -17.35 14.97 -7.63
CA ILE C 29 -18.72 15.33 -7.24
C ILE C 29 -19.44 14.09 -6.74
N PRO C 30 -20.10 14.14 -5.59
CA PRO C 30 -20.75 12.94 -5.05
C PRO C 30 -22.08 12.65 -5.70
N ASN C 31 -22.43 11.37 -5.73
CA ASN C 31 -23.72 10.95 -6.25
C ASN C 31 -24.85 11.49 -5.37
N MET C 32 -25.95 11.90 -6.01
CA MET C 32 -27.09 12.41 -5.24
C MET C 32 -27.68 11.33 -4.35
N ILE C 33 -27.88 10.14 -4.90
CA ILE C 33 -28.52 9.06 -4.15
C ILE C 33 -27.54 8.43 -3.17
N ASP C 34 -26.42 7.93 -3.68
CA ASP C 34 -25.46 7.23 -2.83
C ASP C 34 -24.78 8.18 -1.86
N GLY C 35 -24.35 9.34 -2.32
CA GLY C 35 -23.53 10.20 -1.51
C GLY C 35 -22.08 9.81 -1.48
N PHE C 36 -21.60 9.07 -2.47
CA PHE C 36 -20.22 8.60 -2.52
C PHE C 36 -19.52 9.17 -3.74
N LYS C 37 -18.33 9.70 -3.53
CA LYS C 37 -17.41 9.86 -4.65
C LYS C 37 -16.95 8.48 -5.10
N PRO C 38 -16.64 8.29 -6.37
CA PRO C 38 -16.34 6.95 -6.86
C PRO C 38 -14.95 6.45 -6.48
N VAL C 39 -14.55 6.71 -5.23
CA VAL C 39 -13.42 6.03 -4.61
C VAL C 39 -13.89 5.50 -3.27
N GLN C 40 -14.93 6.15 -2.73
CA GLN C 40 -15.52 5.68 -1.48
C GLN C 40 -16.41 4.47 -1.72
N ARG C 41 -17.13 4.45 -2.85
CA ARG C 41 -17.94 3.28 -3.16
C ARG C 41 -17.07 2.08 -3.50
N PHE C 42 -15.91 2.30 -4.10
CA PHE C 42 -14.97 1.20 -4.30
C PHE C 42 -14.49 0.63 -2.97
N VAL C 43 -14.15 1.51 -2.03
CA VAL C 43 -13.69 1.07 -0.71
C VAL C 43 -14.80 0.29 -0.01
N ILE C 44 -16.03 0.78 -0.09
CA ILE C 44 -17.13 0.10 0.59
C ILE C 44 -17.44 -1.24 -0.08
N ALA C 45 -17.37 -1.30 -1.41
CA ALA C 45 -17.57 -2.57 -2.10
C ALA C 45 -16.51 -3.58 -1.68
N ARG C 46 -15.25 -3.15 -1.63
CA ARG C 46 -14.18 -4.06 -1.21
C ARG C 46 -14.36 -4.49 0.25
N ALA C 47 -14.75 -3.56 1.12
CA ALA C 47 -14.96 -3.90 2.52
C ALA C 47 -16.10 -4.88 2.69
N LEU C 48 -17.17 -4.72 1.91
CA LEU C 48 -18.25 -5.70 1.92
C LEU C 48 -17.79 -7.05 1.41
N ASP C 49 -16.92 -7.06 0.39
CA ASP C 49 -16.35 -8.31 -0.10
C ASP C 49 -15.55 -9.00 1.00
N LEU C 50 -14.75 -8.24 1.75
CA LEU C 50 -14.00 -8.79 2.86
C LEU C 50 -14.89 -9.17 4.04
N ALA C 51 -16.09 -8.61 4.13
CA ALA C 51 -16.99 -8.86 5.24
C ALA C 51 -17.96 -9.99 4.97
N ARG C 52 -17.78 -10.73 3.86
CA ARG C 52 -18.70 -11.81 3.54
C ARG C 52 -18.69 -12.90 4.61
N GLY C 53 -17.49 -13.39 4.94
CA GLY C 53 -17.37 -14.46 5.92
C GLY C 53 -17.69 -14.01 7.34
N ASN C 54 -16.84 -13.15 7.88
CA ASN C 54 -17.00 -12.64 9.24
C ASN C 54 -17.43 -11.18 9.15
N LYS C 55 -18.68 -10.90 9.56
CA LYS C 55 -19.19 -9.54 9.49
C LYS C 55 -18.41 -8.61 10.41
N ASP C 56 -18.09 -9.07 11.62
CA ASP C 56 -17.47 -8.22 12.62
C ASP C 56 -15.95 -8.16 12.53
N LYS C 57 -15.34 -8.93 11.64
CA LYS C 57 -13.89 -8.96 11.56
C LYS C 57 -13.35 -7.63 11.07
N PHE C 58 -12.28 -7.17 11.71
CA PHE C 58 -11.61 -5.94 11.33
C PHE C 58 -10.51 -6.23 10.31
N HIS C 59 -10.48 -5.45 9.25
CA HIS C 59 -9.49 -5.61 8.19
C HIS C 59 -8.57 -4.40 8.17
N LYS C 60 -7.28 -4.65 7.93
CA LYS C 60 -6.30 -3.59 7.87
C LYS C 60 -6.62 -2.65 6.71
N LEU C 61 -6.38 -1.35 6.93
CA LEU C 61 -6.65 -0.36 5.89
C LEU C 61 -5.81 -0.59 4.64
N ALA C 62 -4.67 -1.27 4.77
CA ALA C 62 -3.90 -1.67 3.60
C ALA C 62 -4.50 -2.88 2.90
N SER C 63 -5.43 -3.58 3.54
CA SER C 63 -6.12 -4.70 2.91
C SER C 63 -7.42 -4.27 2.25
N ILE C 64 -8.11 -3.27 2.82
CA ILE C 64 -9.31 -2.74 2.20
C ILE C 64 -8.96 -2.00 0.92
N ALA C 65 -8.13 -0.96 1.04
CA ALA C 65 -7.73 -0.19 -0.13
C ALA C 65 -6.87 -1.02 -1.07
N GLY C 66 -6.14 -2.00 -0.54
CA GLY C 66 -5.41 -2.90 -1.39
C GLY C 66 -6.36 -3.84 -2.14
N GLY C 67 -6.03 -4.10 -3.40
CA GLY C 67 -6.88 -4.95 -4.21
C GLY C 67 -8.23 -4.38 -4.55
N VAL C 68 -8.32 -3.06 -4.75
CA VAL C 68 -9.52 -2.45 -5.32
C VAL C 68 -9.39 -2.20 -6.81
N ALA C 69 -8.21 -2.43 -7.39
CA ALA C 69 -8.07 -2.30 -8.83
C ALA C 69 -8.80 -3.41 -9.56
N ASP C 70 -8.89 -4.60 -8.95
CA ASP C 70 -9.68 -5.66 -9.56
C ASP C 70 -11.17 -5.34 -9.57
N LEU C 71 -11.64 -4.46 -8.69
CA LEU C 71 -13.01 -4.00 -8.74
C LEU C 71 -13.25 -2.91 -9.77
N GLY C 72 -12.19 -2.39 -10.39
CA GLY C 72 -12.32 -1.37 -11.41
C GLY C 72 -11.70 -0.03 -11.06
N TYR C 73 -11.03 0.11 -9.92
CA TYR C 73 -10.33 1.35 -9.60
C TYR C 73 -9.13 1.51 -10.53
N HIS C 74 -9.03 2.68 -11.16
CA HIS C 74 -8.00 2.96 -12.14
C HIS C 74 -6.95 3.93 -11.64
N HIS C 75 -6.71 3.98 -10.33
CA HIS C 75 -5.80 4.96 -9.75
C HIS C 75 -4.98 4.29 -8.64
N GLY C 76 -4.16 5.09 -7.97
CA GLY C 76 -3.29 4.55 -6.95
C GLY C 76 -4.03 4.18 -5.69
N GLU C 77 -3.48 3.21 -4.97
CA GLU C 77 -4.12 2.72 -3.75
C GLU C 77 -3.95 3.65 -2.57
N ASN C 78 -3.00 4.60 -2.64
CA ASN C 78 -2.84 5.55 -1.54
C ASN C 78 -4.07 6.45 -1.44
N SER C 79 -4.63 6.86 -2.57
CA SER C 79 -5.86 7.65 -2.53
C SER C 79 -7.01 6.84 -1.93
N ALA C 80 -7.08 5.55 -2.24
CA ALA C 80 -8.11 4.70 -1.65
C ALA C 80 -7.91 4.57 -0.15
N GLN C 81 -6.67 4.43 0.31
CA GLN C 81 -6.39 4.37 1.74
C GLN C 81 -6.81 5.67 2.43
N ASP C 82 -6.47 6.81 1.83
CA ASP C 82 -6.82 8.10 2.41
C ASP C 82 -8.33 8.28 2.44
N ALA C 83 -9.03 7.86 1.38
CA ALA C 83 -10.48 7.96 1.36
C ALA C 83 -11.12 7.05 2.40
N GLY C 84 -10.58 5.85 2.58
CA GLY C 84 -11.12 4.95 3.59
C GLY C 84 -10.81 5.37 5.01
N ALA C 85 -9.74 6.15 5.21
CA ALA C 85 -9.43 6.65 6.54
C ALA C 85 -10.35 7.77 6.96
N LEU C 86 -10.86 8.55 6.00
CA LEU C 86 -11.71 9.69 6.33
C LEU C 86 -13.14 9.27 6.69
N MET C 87 -13.64 8.21 6.09
CA MET C 87 -15.01 7.75 6.32
C MET C 87 -15.09 6.65 7.38
N ALA C 88 -13.97 6.28 7.99
CA ALA C 88 -13.96 5.25 9.03
C ALA C 88 -13.94 5.81 10.43
N ASN C 89 -14.03 7.12 10.58
CA ASN C 89 -13.90 7.78 11.87
C ASN C 89 -15.23 8.37 12.32
N THR C 90 -15.19 9.06 13.45
CA THR C 90 -16.38 9.65 14.04
C THR C 90 -16.25 11.15 14.25
N TRP C 91 -15.04 11.69 14.30
CA TRP C 91 -14.88 13.12 14.57
C TRP C 91 -15.49 13.97 13.48
N ASN C 92 -15.33 13.58 12.21
CA ASN C 92 -16.09 14.20 11.11
C ASN C 92 -16.81 13.12 10.30
N ASN C 93 -17.90 12.62 10.86
CA ASN C 93 -18.84 11.75 10.20
C ASN C 93 -20.10 11.68 11.04
N ASN C 94 -21.20 12.22 10.53
CA ASN C 94 -22.46 12.18 11.28
C ASN C 94 -23.18 10.85 11.11
N PHE C 95 -22.64 9.95 10.29
CA PHE C 95 -23.18 8.63 10.08
C PHE C 95 -22.05 7.74 9.58
N PRO C 96 -21.24 7.18 10.48
CA PRO C 96 -20.05 6.44 10.05
C PRO C 96 -20.42 5.18 9.26
N LEU C 97 -20.00 5.14 8.01
CA LEU C 97 -20.23 3.99 7.15
C LEU C 97 -19.13 2.95 7.24
N LEU C 98 -18.04 3.24 7.95
CA LEU C 98 -16.98 2.28 8.21
C LEU C 98 -16.63 2.34 9.68
N ASP C 99 -16.52 1.17 10.31
CA ASP C 99 -16.13 1.06 11.71
C ASP C 99 -14.70 0.58 11.78
N GLY C 100 -13.88 1.30 12.52
CA GLY C 100 -12.46 0.98 12.61
C GLY C 100 -11.95 1.11 14.03
N GLN C 101 -10.96 0.29 14.35
CA GLN C 101 -10.25 0.35 15.62
C GLN C 101 -8.84 0.86 15.36
N GLY C 102 -8.39 1.79 16.19
CA GLY C 102 -7.10 2.42 16.03
C GLY C 102 -7.24 3.92 16.09
N ASN C 103 -6.14 4.60 15.80
CA ASN C 103 -6.11 6.07 15.87
C ASN C 103 -6.48 6.62 14.50
N PHE C 104 -7.78 6.90 14.33
CA PHE C 104 -8.28 7.55 13.13
C PHE C 104 -8.32 9.06 13.25
N GLY C 105 -7.50 9.63 14.13
CA GLY C 105 -7.50 11.05 14.35
C GLY C 105 -8.62 11.46 15.29
N SER C 106 -8.58 12.74 15.68
CA SER C 106 -9.64 13.35 16.47
C SER C 106 -9.76 14.79 16.03
N ARG C 107 -10.67 15.53 16.68
CA ARG C 107 -10.83 16.93 16.33
C ARG C 107 -9.56 17.72 16.62
N THR C 108 -8.83 17.35 17.67
CA THR C 108 -7.57 18.03 17.97
C THR C 108 -6.52 17.76 16.89
N VAL C 109 -6.31 16.50 16.56
CA VAL C 109 -5.34 16.09 15.54
C VAL C 109 -6.14 15.48 14.40
N GLN C 110 -6.42 16.28 13.37
CA GLN C 110 -7.28 15.85 12.27
C GLN C 110 -6.46 15.13 11.20
N LYS C 111 -5.86 14.02 11.62
CA LYS C 111 -5.03 13.22 10.73
C LYS C 111 -4.94 11.81 11.30
N ALA C 112 -5.45 10.83 10.56
CA ALA C 112 -5.42 9.46 11.04
C ALA C 112 -3.99 8.92 11.03
N ALA C 113 -3.79 7.81 11.73
CA ALA C 113 -2.50 7.16 11.74
C ALA C 113 -2.15 6.63 10.35
N ALA C 114 -0.91 6.17 10.21
CA ALA C 114 -0.49 5.58 8.95
C ALA C 114 -1.29 4.31 8.67
N SER C 115 -1.54 4.06 7.39
CA SER C 115 -2.43 2.97 7.00
C SER C 115 -1.91 1.60 7.43
N ARG C 116 -0.62 1.49 7.76
CA ARG C 116 -0.09 0.22 8.23
C ARG C 116 -0.71 -0.22 9.55
N TYR C 117 -1.27 0.73 10.30
CA TYR C 117 -1.81 0.44 11.63
C TYR C 117 -3.32 0.26 11.63
N ILE C 118 -4.05 1.28 11.22
CA ILE C 118 -5.48 1.37 11.52
C ILE C 118 -6.25 0.33 10.72
N PHE C 119 -7.17 -0.35 11.40
CA PHE C 119 -8.06 -1.32 10.78
C PHE C 119 -9.43 -0.69 10.57
N ALA C 120 -10.24 -1.33 9.71
CA ALA C 120 -11.57 -0.81 9.43
C ALA C 120 -12.48 -1.96 8.99
N ARG C 121 -13.77 -1.73 9.14
CA ARG C 121 -14.80 -2.65 8.67
C ARG C 121 -16.09 -1.88 8.48
N VAL C 122 -17.02 -2.48 7.73
CA VAL C 122 -18.31 -1.85 7.49
C VAL C 122 -19.09 -1.79 8.79
N SER C 123 -19.62 -0.61 9.11
CA SER C 123 -20.30 -0.41 10.37
C SER C 123 -21.75 -0.88 10.29
N LYS C 124 -22.40 -0.91 11.46
CA LYS C 124 -23.81 -1.27 11.51
C LYS C 124 -24.69 -0.22 10.87
N ASN C 125 -24.22 1.03 10.76
CA ASN C 125 -25.00 2.06 10.11
C ASN C 125 -25.21 1.76 8.63
N PHE C 126 -24.18 1.27 7.96
CA PHE C 126 -24.30 0.92 6.55
C PHE C 126 -25.32 -0.19 6.34
N TYR C 127 -25.26 -1.23 7.18
CA TYR C 127 -26.23 -2.31 7.05
C TYR C 127 -27.64 -1.84 7.44
N ASN C 128 -27.73 -0.84 8.31
CA ASN C 128 -29.03 -0.34 8.71
C ASN C 128 -29.68 0.51 7.62
N VAL C 129 -28.91 1.28 6.88
CA VAL C 129 -29.45 2.17 5.86
C VAL C 129 -29.35 1.58 4.47
N TYR C 130 -28.17 1.07 4.09
CA TYR C 130 -27.95 0.63 2.72
C TYR C 130 -28.59 -0.74 2.51
N LYS C 131 -29.77 -0.74 1.88
CA LYS C 131 -30.51 -1.96 1.56
C LYS C 131 -30.54 -2.17 0.06
N ASP C 132 -30.99 -3.36 -0.34
CA ASP C 132 -31.17 -3.72 -1.75
C ASP C 132 -29.87 -3.50 -2.54
N THR C 133 -28.77 -4.01 -1.98
CA THR C 133 -27.48 -3.89 -2.67
C THR C 133 -27.49 -4.68 -3.97
N GLU C 134 -28.20 -5.80 -4.03
CA GLU C 134 -28.25 -6.62 -5.23
C GLU C 134 -29.13 -6.03 -6.33
N TYR C 135 -30.08 -5.16 -5.98
CA TYR C 135 -30.95 -4.52 -6.95
C TYR C 135 -30.40 -3.17 -7.41
N ALA C 136 -29.19 -2.81 -6.98
CA ALA C 136 -28.57 -1.58 -7.39
C ALA C 136 -28.25 -1.63 -8.89
N PRO C 137 -28.19 -0.47 -9.56
CA PRO C 137 -27.95 -0.47 -11.00
C PRO C 137 -26.61 -1.08 -11.35
N VAL C 138 -26.56 -1.74 -12.50
CA VAL C 138 -25.31 -2.28 -13.02
C VAL C 138 -24.63 -1.20 -13.84
N HIS C 139 -23.37 -0.89 -13.51
CA HIS C 139 -22.63 0.11 -14.24
C HIS C 139 -22.37 -0.35 -15.68
N GLN C 140 -22.27 0.61 -16.58
CA GLN C 140 -22.11 0.29 -18.00
C GLN C 140 -20.85 -0.51 -18.25
N ASP C 141 -19.74 -0.12 -17.62
CA ASP C 141 -18.49 -0.84 -17.80
C ASP C 141 -18.56 -2.20 -17.13
N LYS C 142 -18.11 -3.23 -17.86
CA LYS C 142 -18.08 -4.57 -17.29
C LYS C 142 -17.03 -4.68 -16.19
N GLU C 143 -15.98 -3.87 -16.26
CA GLU C 143 -14.92 -3.92 -15.25
C GLU C 143 -15.33 -3.29 -13.93
N HIS C 144 -16.35 -2.43 -13.94
CA HIS C 144 -16.84 -1.78 -12.73
C HIS C 144 -17.63 -2.81 -11.92
N ILE C 145 -16.88 -3.57 -11.12
CA ILE C 145 -17.53 -4.61 -10.30
C ILE C 145 -18.57 -4.05 -9.36
N PRO C 146 -18.35 -2.93 -8.66
CA PRO C 146 -19.42 -2.35 -7.83
C PRO C 146 -20.57 -1.89 -8.70
N PRO C 147 -21.75 -1.69 -8.12
CA PRO C 147 -22.87 -1.18 -8.90
C PRO C 147 -22.64 0.25 -9.33
N ALA C 148 -23.52 0.74 -10.21
CA ALA C 148 -23.45 2.13 -10.63
C ALA C 148 -23.55 3.06 -9.42
N PHE C 149 -24.40 2.71 -8.46
CA PHE C 149 -24.45 3.38 -7.17
C PHE C 149 -25.27 2.53 -6.22
N TYR C 150 -24.80 2.40 -4.98
CA TYR C 150 -25.55 1.68 -3.97
C TYR C 150 -26.88 2.38 -3.71
N LEU C 151 -27.75 1.71 -2.97
CA LEU C 151 -29.11 2.17 -2.74
C LEU C 151 -29.34 2.36 -1.24
N PRO C 152 -29.09 3.55 -0.72
CA PRO C 152 -29.41 3.81 0.69
C PRO C 152 -30.89 4.05 0.89
N ILE C 153 -31.28 4.34 2.13
CA ILE C 153 -32.67 4.65 2.44
C ILE C 153 -32.87 6.13 2.75
N ILE C 154 -31.97 6.71 3.51
CA ILE C 154 -31.94 8.16 3.72
C ILE C 154 -30.82 8.71 2.85
N PRO C 155 -30.86 9.99 2.47
CA PRO C 155 -29.76 10.53 1.66
C PRO C 155 -28.48 10.66 2.46
N THR C 156 -27.54 9.76 2.23
CA THR C 156 -26.29 9.77 2.98
C THR C 156 -25.48 11.03 2.70
N VAL C 157 -25.63 11.61 1.52
CA VAL C 157 -24.82 12.75 1.12
C VAL C 157 -25.02 13.93 2.05
N LEU C 158 -26.19 14.02 2.69
CA LEU C 158 -26.46 15.12 3.62
C LEU C 158 -25.98 14.85 5.03
N LEU C 159 -25.68 13.59 5.36
CA LEU C 159 -25.35 13.27 6.75
C LEU C 159 -23.92 13.62 7.09
N ASN C 160 -22.95 12.97 6.43
CA ASN C 160 -21.55 13.13 6.81
C ASN C 160 -21.00 14.49 6.41
N GLY C 161 -21.43 15.03 5.28
CA GLY C 161 -20.89 16.28 4.80
C GLY C 161 -19.78 16.04 3.79
N VAL C 162 -20.00 16.44 2.54
CA VAL C 162 -19.11 16.12 1.44
C VAL C 162 -18.61 17.41 0.82
N SER C 163 -17.30 17.49 0.61
CA SER C 163 -16.66 18.61 -0.07
C SER C 163 -15.71 18.07 -1.11
N GLY C 164 -15.89 18.49 -2.36
CA GLY C 164 -15.05 18.01 -3.44
C GLY C 164 -14.87 19.08 -4.49
N ILE C 165 -13.72 19.01 -5.18
CA ILE C 165 -13.36 19.98 -6.21
C ILE C 165 -13.05 19.21 -7.48
N ALA C 166 -13.61 19.68 -8.60
CA ALA C 166 -13.36 19.09 -9.91
C ALA C 166 -13.09 20.22 -10.88
N THR C 167 -12.86 19.86 -12.14
CA THR C 167 -12.60 20.87 -13.17
C THR C 167 -13.90 21.55 -13.56
N GLY C 168 -14.00 22.85 -13.27
CA GLY C 168 -15.13 23.65 -13.66
C GLY C 168 -16.28 23.67 -12.65
N TYR C 169 -16.36 22.66 -11.79
CA TYR C 169 -17.42 22.59 -10.79
C TYR C 169 -16.83 22.17 -9.45
N ALA C 170 -17.55 22.50 -8.39
CA ALA C 170 -17.14 22.13 -7.04
C ALA C 170 -18.39 22.01 -6.17
N THR C 171 -18.27 21.27 -5.07
CA THR C 171 -19.39 21.01 -4.18
C THR C 171 -18.99 21.30 -2.74
N TYR C 172 -20.00 21.58 -1.92
CA TYR C 172 -19.80 21.67 -0.47
C TYR C 172 -21.17 21.50 0.18
N ILE C 173 -21.38 20.37 0.86
CA ILE C 173 -22.62 20.08 1.55
C ILE C 173 -22.31 19.92 3.03
N LEU C 174 -23.00 20.70 3.87
CA LEU C 174 -22.78 20.63 5.30
C LEU C 174 -23.36 19.35 5.86
N PRO C 175 -22.87 18.90 7.02
CA PRO C 175 -23.47 17.73 7.66
C PRO C 175 -24.85 18.04 8.20
N HIS C 176 -25.74 17.05 8.11
CA HIS C 176 -27.09 17.17 8.63
C HIS C 176 -27.37 16.01 9.58
N SER C 177 -28.13 16.28 10.63
CA SER C 177 -28.42 15.26 11.63
C SER C 177 -29.27 14.15 11.03
N VAL C 178 -28.99 12.92 11.46
CA VAL C 178 -29.75 11.77 10.97
C VAL C 178 -31.20 11.84 11.43
N SER C 179 -31.42 12.24 12.67
CA SER C 179 -32.78 12.28 13.22
C SER C 179 -33.69 13.19 12.42
N SER C 180 -33.16 14.27 11.86
CA SER C 180 -33.97 15.20 11.10
C SER C 180 -34.04 14.83 9.62
N VAL C 181 -32.98 14.25 9.07
CA VAL C 181 -33.02 13.79 7.69
C VAL C 181 -34.06 12.68 7.55
N LYS C 182 -34.14 11.79 8.54
CA LYS C 182 -35.16 10.74 8.51
C LYS C 182 -36.56 11.35 8.55
N LYS C 183 -36.76 12.38 9.37
CA LYS C 183 -38.06 13.04 9.41
C LYS C 183 -38.41 13.68 8.08
N ALA C 184 -37.43 14.34 7.44
CA ALA C 184 -37.69 14.95 6.14
C ALA C 184 -38.04 13.91 5.09
N VAL C 185 -37.33 12.77 5.11
CA VAL C 185 -37.66 11.70 4.16
C VAL C 185 -39.05 11.14 4.45
N LEU C 186 -39.43 11.06 5.72
CA LEU C 186 -40.77 10.60 6.06
C LEU C 186 -41.84 11.54 5.52
N GLN C 187 -41.63 12.86 5.68
CA GLN C 187 -42.59 13.82 5.15
C GLN C 187 -42.65 13.74 3.63
N ALA C 188 -41.51 13.58 2.96
CA ALA C 188 -41.53 13.43 1.51
C ALA C 188 -42.26 12.16 1.09
N LEU C 189 -42.07 11.07 1.84
CA LEU C 189 -42.73 9.81 1.51
C LEU C 189 -44.24 9.91 1.64
N GLN C 190 -44.72 10.39 2.80
CA GLN C 190 -46.15 10.56 2.98
C GLN C 190 -46.71 11.62 2.03
N GLY C 191 -46.00 12.74 1.89
CA GLY C 191 -46.43 13.83 1.06
C GLY C 191 -47.04 14.94 1.87
N LYS C 192 -46.26 15.96 2.17
CA LYS C 192 -46.65 17.07 3.03
C LYS C 192 -45.56 18.13 2.95
N LYS C 193 -45.70 19.17 3.77
CA LYS C 193 -44.66 20.19 3.85
C LYS C 193 -43.39 19.58 4.42
N VAL C 194 -42.31 19.62 3.65
CA VAL C 194 -41.04 19.02 4.05
C VAL C 194 -40.28 20.04 4.89
N THR C 195 -40.13 19.75 6.18
CA THR C 195 -39.39 20.64 7.06
C THR C 195 -37.90 20.59 6.71
N LYS C 196 -37.28 21.77 6.68
CA LYS C 196 -35.86 21.84 6.36
C LYS C 196 -35.05 21.15 7.45
N PRO C 197 -34.02 20.39 7.09
CA PRO C 197 -33.23 19.69 8.11
C PRO C 197 -32.23 20.59 8.81
N LYS C 198 -31.84 20.17 10.01
CA LYS C 198 -30.96 20.94 10.87
C LYS C 198 -29.52 20.47 10.68
N VAL C 199 -28.62 21.43 10.47
CA VAL C 199 -27.21 21.12 10.29
C VAL C 199 -26.59 20.82 11.65
N GLU C 200 -26.04 19.61 11.80
CA GLU C 200 -25.44 19.17 13.05
C GLU C 200 -24.04 18.65 12.76
N PHE C 201 -23.07 19.16 13.48
CA PHE C 201 -21.68 18.75 13.26
C PHE C 201 -21.30 17.65 14.25
N PRO C 202 -20.46 16.71 13.81
CA PRO C 202 -20.11 15.58 14.69
C PRO C 202 -19.19 16.01 15.81
N GLU C 203 -19.51 15.58 17.03
CA GLU C 203 -18.69 15.84 18.22
C GLU C 203 -18.45 17.34 18.40
N PHE C 204 -19.47 18.15 18.12
CA PHE C 204 -19.37 19.59 18.21
C PHE C 204 -20.40 20.09 19.21
N ARG C 205 -19.96 20.91 20.15
CA ARG C 205 -20.82 21.46 21.20
C ARG C 205 -20.79 22.99 21.07
N GLY C 206 -21.65 23.51 20.21
CA GLY C 206 -21.73 24.95 20.01
C GLY C 206 -23.09 25.33 19.49
N GLU C 207 -23.15 26.34 18.64
CA GLU C 207 -24.42 26.80 18.08
C GLU C 207 -24.22 27.12 16.61
N VAL C 208 -25.00 26.48 15.75
CA VAL C 208 -25.00 26.74 14.32
C VAL C 208 -26.22 27.59 14.02
N VAL C 209 -25.99 28.83 13.59
CA VAL C 209 -27.07 29.77 13.30
C VAL C 209 -27.08 30.05 11.80
N GLU C 210 -28.22 29.84 11.16
CA GLU C 210 -28.39 30.10 9.75
C GLU C 210 -29.23 31.35 9.57
N ILE C 211 -28.76 32.27 8.74
CA ILE C 211 -29.48 33.52 8.49
C ILE C 211 -30.23 33.43 7.17
N ASP C 212 -29.49 33.30 6.07
CA ASP C 212 -30.08 33.07 4.75
C ASP C 212 -29.03 32.35 3.89
N GLY C 213 -29.12 31.03 3.87
CA GLY C 213 -28.13 30.24 3.16
C GLY C 213 -26.80 30.18 3.90
N GLN C 214 -26.30 31.34 4.30
CA GLN C 214 -25.11 31.40 5.13
C GLN C 214 -25.32 30.69 6.46
N TYR C 215 -24.28 30.04 6.95
CA TYR C 215 -24.27 29.47 8.28
C TYR C 215 -23.19 30.14 9.11
N GLU C 216 -23.46 30.28 10.41
CA GLU C 216 -22.70 31.13 11.31
C GLU C 216 -22.20 30.33 12.51
N ILE C 217 -21.55 29.21 12.26
CA ILE C 217 -21.05 28.32 13.31
C ILE C 217 -20.20 29.10 14.31
N ARG C 218 -20.63 29.12 15.57
CA ARG C 218 -19.94 29.86 16.62
C ARG C 218 -19.27 28.93 17.60
N GLY C 219 -18.42 29.51 18.45
CA GLY C 219 -17.81 28.82 19.55
C GLY C 219 -18.43 29.20 20.88
N THR C 220 -17.66 29.01 21.94
CA THR C 220 -18.14 29.29 23.30
C THR C 220 -16.98 29.83 24.13
N TYR C 221 -17.33 30.56 25.19
CA TYR C 221 -16.34 31.03 26.15
C TYR C 221 -17.03 31.21 27.49
N LYS C 222 -16.22 31.45 28.52
CA LYS C 222 -16.75 31.65 29.87
C LYS C 222 -15.72 32.40 30.69
N PHE C 223 -16.04 33.63 31.07
CA PHE C 223 -15.16 34.40 31.94
C PHE C 223 -15.22 33.84 33.35
N THR C 224 -14.08 33.36 33.86
CA THR C 224 -14.07 32.71 35.16
C THR C 224 -14.46 33.67 36.28
N SER C 225 -13.61 34.68 36.56
CA SER C 225 -13.99 35.70 37.52
C SER C 225 -14.03 37.09 36.91
N ARG C 226 -12.91 37.62 36.42
CA ARG C 226 -12.92 38.91 35.75
C ARG C 226 -12.03 38.99 34.51
N THR C 227 -10.96 38.20 34.41
CA THR C 227 -10.06 38.25 33.27
C THR C 227 -9.63 36.90 32.73
N GLN C 228 -9.71 35.83 33.52
CA GLN C 228 -9.36 34.49 33.05
C GLN C 228 -10.59 33.84 32.46
N MET C 229 -10.45 33.24 31.29
CA MET C 229 -11.59 32.63 30.61
C MET C 229 -11.21 31.27 30.07
N HIS C 230 -12.24 30.45 29.83
CA HIS C 230 -12.09 29.07 29.39
C HIS C 230 -12.79 28.93 28.04
N ILE C 231 -12.01 28.81 26.97
CA ILE C 231 -12.58 28.56 25.65
C ILE C 231 -13.01 27.11 25.60
N THR C 232 -14.32 26.88 25.79
CA THR C 232 -14.82 25.51 25.90
C THR C 232 -15.07 24.85 24.56
N GLU C 233 -15.11 25.61 23.47
CA GLU C 233 -15.32 25.02 22.14
C GLU C 233 -14.95 26.04 21.07
N ILE C 234 -14.12 25.60 20.12
CA ILE C 234 -13.74 26.42 18.97
C ILE C 234 -14.54 25.94 17.78
N PRO C 235 -14.67 26.73 16.71
CA PRO C 235 -15.42 26.27 15.53
C PRO C 235 -14.87 24.97 14.97
N TYR C 236 -15.66 24.35 14.11
CA TYR C 236 -15.32 23.06 13.54
C TYR C 236 -14.18 23.11 12.54
N LYS C 237 -13.82 24.30 12.06
CA LYS C 237 -12.78 24.40 11.03
C LYS C 237 -11.39 24.11 11.59
N TYR C 238 -11.16 24.42 12.85
CA TYR C 238 -9.80 24.45 13.39
C TYR C 238 -9.34 23.08 13.87
N ASP C 239 -8.05 22.80 13.66
CA ASP C 239 -7.37 21.70 14.31
C ASP C 239 -6.93 22.16 15.69
N ARG C 240 -6.07 21.38 16.35
CA ARG C 240 -5.36 21.93 17.49
C ARG C 240 -4.09 22.66 17.07
N GLU C 241 -3.38 22.13 16.08
CA GLU C 241 -2.18 22.80 15.58
C GLU C 241 -2.53 24.09 14.85
N THR C 242 -3.46 24.01 13.90
CA THR C 242 -3.84 25.21 13.14
C THR C 242 -5.05 25.86 13.82
N TYR C 243 -4.94 25.94 15.12
CA TYR C 243 -5.63 26.92 15.96
C TYR C 243 -4.65 27.58 16.90
N VAL C 244 -3.72 26.82 17.48
CA VAL C 244 -2.63 27.41 18.25
C VAL C 244 -1.81 28.32 17.35
N SER C 245 -1.18 27.74 16.33
CA SER C 245 -0.31 28.49 15.44
C SER C 245 -1.05 29.56 14.64
N LYS C 246 -2.37 29.51 14.58
CA LYS C 246 -3.15 30.47 13.81
C LYS C 246 -3.66 31.65 14.64
N ILE C 247 -4.08 31.40 15.88
CA ILE C 247 -4.66 32.45 16.70
C ILE C 247 -3.85 32.64 17.97
N LEU C 248 -3.58 31.54 18.68
CA LEU C 248 -3.02 31.63 20.01
C LEU C 248 -1.54 31.95 20.01
N ASP C 249 -0.82 31.53 18.96
CA ASP C 249 0.58 31.91 18.81
C ASP C 249 0.69 33.35 18.31
N PRO C 250 -0.07 33.77 17.27
CA PRO C 250 -0.04 35.20 16.93
C PRO C 250 -0.99 36.00 17.81
N LEU C 251 -0.95 35.70 19.10
CA LEU C 251 -1.56 36.53 20.13
C LEU C 251 -0.72 36.60 21.40
N GLU C 252 0.24 35.69 21.57
CA GLU C 252 1.11 35.69 22.74
C GLU C 252 2.40 36.47 22.47
N ASN C 253 2.97 36.34 21.29
CA ASN C 253 4.10 37.18 20.90
C ASN C 253 3.63 38.49 20.28
N LYS C 254 2.69 39.14 20.96
CA LYS C 254 2.24 40.47 20.59
C LYS C 254 1.86 41.29 21.82
N GLY C 255 2.08 40.79 23.02
CA GLY C 255 1.66 41.48 24.23
C GLY C 255 0.17 41.60 24.38
N PHE C 256 -0.60 40.60 23.95
CA PHE C 256 -2.05 40.65 24.02
C PHE C 256 -2.62 39.63 25.01
N ILE C 257 -2.31 38.35 24.83
CA ILE C 257 -2.88 37.29 25.65
C ILE C 257 -1.80 36.32 26.09
N THR C 258 -2.10 35.59 27.16
CA THR C 258 -1.33 34.42 27.57
C THR C 258 -2.30 33.27 27.74
N TRP C 259 -1.90 32.08 27.29
CA TRP C 259 -2.83 30.97 27.20
C TRP C 259 -2.20 29.70 27.74
N ASP C 260 -3.05 28.79 28.20
CA ASP C 260 -2.66 27.46 28.62
C ASP C 260 -3.56 26.46 27.94
N ASP C 261 -3.08 25.22 27.83
CA ASP C 261 -3.80 24.16 27.14
C ASP C 261 -4.55 23.31 28.17
N ALA C 262 -5.83 23.11 27.94
CA ALA C 262 -6.64 22.19 28.74
C ALA C 262 -7.56 21.38 27.85
N CYS C 263 -7.04 20.92 26.71
CA CYS C 263 -7.84 20.14 25.75
C CYS C 263 -8.03 18.74 26.32
N GLY C 264 -9.01 18.61 27.21
CA GLY C 264 -9.29 17.35 27.86
C GLY C 264 -10.00 16.35 26.97
N GLU C 265 -10.66 15.38 27.58
CA GLU C 265 -11.34 14.34 26.81
C GLU C 265 -12.63 14.86 26.18
N HIS C 266 -13.27 15.86 26.80
CA HIS C 266 -14.49 16.43 26.22
C HIS C 266 -14.20 17.11 24.89
N GLY C 267 -13.11 17.87 24.81
CA GLY C 267 -12.78 18.60 23.60
C GLY C 267 -11.71 19.64 23.83
N PHE C 268 -11.85 20.80 23.20
CA PHE C 268 -10.87 21.87 23.34
C PHE C 268 -11.08 22.62 24.65
N GLY C 269 -9.98 23.01 25.27
CA GLY C 269 -10.04 23.68 26.57
C GLY C 269 -9.09 24.84 26.75
N PHE C 270 -8.83 25.62 25.70
CA PHE C 270 -7.75 26.60 25.74
C PHE C 270 -8.10 27.70 26.74
N LYS C 271 -7.61 27.55 27.97
CA LYS C 271 -7.82 28.53 29.02
C LYS C 271 -6.89 29.71 28.81
N VAL C 272 -7.45 30.92 28.82
CA VAL C 272 -6.73 32.14 28.44
C VAL C 272 -6.85 33.17 29.54
N LYS C 273 -5.76 33.89 29.78
CA LYS C 273 -5.72 35.04 30.67
C LYS C 273 -5.23 36.25 29.89
N PHE C 274 -5.84 37.40 30.13
CA PHE C 274 -5.49 38.62 29.41
C PHE C 274 -4.60 39.52 30.27
N ARG C 275 -3.62 40.14 29.63
CA ARG C 275 -2.72 41.06 30.29
C ARG C 275 -3.28 42.48 30.20
N LYS C 276 -2.47 43.48 30.60
CA LYS C 276 -2.94 44.86 30.63
C LYS C 276 -3.13 45.42 29.23
N GLU C 277 -2.28 45.03 28.28
CA GLU C 277 -2.36 45.56 26.91
C GLU C 277 -3.48 44.84 26.17
N TYR C 278 -4.69 45.38 26.31
CA TYR C 278 -5.86 44.81 25.66
C TYR C 278 -6.90 45.90 25.53
N SER C 279 -7.65 45.87 24.42
CA SER C 279 -8.69 46.85 24.14
C SER C 279 -10.01 46.51 24.83
N LEU C 280 -9.98 45.64 25.84
CA LEU C 280 -11.20 45.25 26.53
C LEU C 280 -11.79 46.42 27.32
N SER C 281 -13.11 46.42 27.42
CA SER C 281 -13.83 47.47 28.15
C SER C 281 -15.03 46.84 28.84
N ASP C 282 -15.85 47.70 29.47
CA ASP C 282 -16.97 47.22 30.27
C ASP C 282 -18.14 46.75 29.41
N ASN C 283 -18.37 47.41 28.26
CA ASN C 283 -19.56 47.14 27.46
C ASN C 283 -19.57 45.68 27.01
N GLU C 284 -20.73 45.04 27.16
CA GLU C 284 -20.83 43.60 26.91
C GLU C 284 -20.82 43.29 25.42
N GLU C 285 -21.53 44.09 24.62
CA GLU C 285 -21.66 43.78 23.21
C GLU C 285 -20.33 43.87 22.48
N GLU C 286 -19.60 44.97 22.68
CA GLU C 286 -18.30 45.10 22.03
C GLU C 286 -17.30 44.09 22.56
N ARG C 287 -17.39 43.78 23.87
CA ARG C 287 -16.56 42.73 24.44
C ARG C 287 -16.78 41.41 23.72
N HIS C 288 -18.04 41.00 23.58
CA HIS C 288 -18.38 39.75 22.92
C HIS C 288 -17.93 39.75 21.47
N ALA C 289 -18.19 40.84 20.75
CA ALA C 289 -17.81 40.90 19.35
C ALA C 289 -16.30 40.82 19.19
N LYS C 290 -15.55 41.53 20.02
CA LYS C 290 -14.09 41.52 19.90
C LYS C 290 -13.53 40.14 20.27
N ILE C 291 -14.08 39.50 21.28
CA ILE C 291 -13.60 38.17 21.65
C ILE C 291 -13.87 37.17 20.52
N MET C 292 -15.07 37.21 19.95
CA MET C 292 -15.39 36.27 18.88
C MET C 292 -14.60 36.56 17.61
N LYS C 293 -14.29 37.82 17.32
CA LYS C 293 -13.55 38.13 16.10
C LYS C 293 -12.06 37.84 16.25
N ASP C 294 -11.47 38.26 17.37
CA ASP C 294 -10.03 38.11 17.55
C ASP C 294 -9.63 36.65 17.66
N PHE C 295 -10.41 35.84 18.36
CA PHE C 295 -10.08 34.45 18.59
C PHE C 295 -10.65 33.52 17.53
N GLY C 296 -11.31 34.06 16.50
CA GLY C 296 -11.83 33.23 15.44
C GLY C 296 -12.84 32.21 15.92
N LEU C 297 -13.68 32.58 16.89
CA LEU C 297 -14.69 31.68 17.41
C LEU C 297 -15.94 31.63 16.53
N ILE C 298 -15.94 32.36 15.42
CA ILE C 298 -17.05 32.34 14.47
C ILE C 298 -16.51 31.94 13.11
N GLU C 299 -17.09 30.90 12.51
CA GLU C 299 -16.77 30.48 11.16
C GLU C 299 -18.05 30.43 10.33
N ARG C 300 -17.92 30.78 9.06
CA ARG C 300 -19.07 30.90 8.18
C ARG C 300 -18.96 29.89 7.05
N ARG C 301 -20.03 29.13 6.82
CA ARG C 301 -20.10 28.12 5.78
C ARG C 301 -21.36 28.32 4.96
N SER C 302 -21.21 28.26 3.64
CA SER C 302 -22.34 28.39 2.71
C SER C 302 -22.36 27.18 1.80
N GLN C 303 -23.48 26.46 1.81
CA GLN C 303 -23.58 25.24 1.02
C GLN C 303 -23.58 25.54 -0.47
N ASN C 304 -22.89 24.69 -1.23
CA ASN C 304 -22.91 24.72 -2.70
C ASN C 304 -23.25 23.29 -3.11
N ILE C 305 -24.55 22.98 -3.14
CA ILE C 305 -25.00 21.60 -3.28
C ILE C 305 -24.90 21.16 -4.72
N THR C 306 -23.77 20.55 -5.09
CA THR C 306 -23.57 19.99 -6.42
C THR C 306 -23.47 18.48 -6.29
N VAL C 307 -24.39 17.76 -6.93
CA VAL C 307 -24.44 16.31 -6.85
C VAL C 307 -24.71 15.73 -8.23
N ILE C 308 -24.32 14.48 -8.41
CA ILE C 308 -24.58 13.74 -9.64
C ILE C 308 -25.91 13.02 -9.49
N ASN C 309 -26.86 13.31 -10.39
CA ASN C 309 -28.18 12.72 -10.27
C ASN C 309 -28.14 11.24 -10.62
N GLU C 310 -29.31 10.61 -10.58
CA GLU C 310 -29.41 9.18 -10.85
C GLU C 310 -29.08 8.83 -12.29
N LYS C 311 -29.09 9.80 -13.20
CA LYS C 311 -28.80 9.56 -14.60
C LYS C 311 -27.32 9.73 -14.93
N GLY C 312 -26.49 10.09 -13.95
CA GLY C 312 -25.09 10.29 -14.17
C GLY C 312 -24.69 11.67 -14.62
N LYS C 313 -25.60 12.63 -14.59
CA LYS C 313 -25.32 13.99 -15.01
C LYS C 313 -25.23 14.91 -13.79
N LEU C 314 -24.46 15.99 -13.92
CA LEU C 314 -24.33 16.96 -12.85
C LEU C 314 -25.65 17.67 -12.60
N GLN C 315 -25.95 17.94 -11.34
CA GLN C 315 -27.16 18.65 -10.97
C GLN C 315 -26.87 19.54 -9.77
N VAL C 316 -27.24 20.81 -9.88
CA VAL C 316 -27.03 21.79 -8.82
C VAL C 316 -28.37 22.15 -8.22
N TYR C 317 -28.48 22.04 -6.90
CA TYR C 317 -29.73 22.29 -6.19
C TYR C 317 -29.66 23.64 -5.45
N ASP C 318 -30.83 24.14 -5.10
CA ASP C 318 -30.94 25.41 -4.39
C ASP C 318 -31.11 25.24 -2.90
N ASN C 319 -31.63 24.09 -2.46
CA ASN C 319 -31.80 23.81 -1.04
C ASN C 319 -31.81 22.30 -0.86
N VAL C 320 -31.62 21.88 0.39
CA VAL C 320 -31.54 20.46 0.70
C VAL C 320 -32.89 19.77 0.50
N VAL C 321 -33.99 20.49 0.75
CA VAL C 321 -35.32 19.88 0.63
C VAL C 321 -35.56 19.38 -0.79
N ASP C 322 -35.11 20.13 -1.79
CA ASP C 322 -35.24 19.68 -3.17
C ASP C 322 -34.46 18.38 -3.38
N LEU C 323 -33.25 18.30 -2.82
CA LEU C 323 -32.48 17.07 -2.92
C LEU C 323 -33.21 15.90 -2.28
N ILE C 324 -33.81 16.13 -1.11
CA ILE C 324 -34.53 15.05 -0.43
C ILE C 324 -35.72 14.59 -1.25
N LYS C 325 -36.47 15.54 -1.83
CA LYS C 325 -37.62 15.17 -2.64
C LYS C 325 -37.20 14.37 -3.86
N ASP C 326 -36.14 14.82 -4.55
CA ASP C 326 -35.67 14.07 -5.72
C ASP C 326 -35.15 12.69 -5.33
N PHE C 327 -34.43 12.60 -4.21
CA PHE C 327 -33.90 11.32 -3.77
C PHE C 327 -35.02 10.35 -3.42
N VAL C 328 -36.04 10.81 -2.71
CA VAL C 328 -37.13 9.91 -2.36
C VAL C 328 -37.91 9.51 -3.59
N GLU C 329 -38.04 10.41 -4.57
CA GLU C 329 -38.71 10.04 -5.82
C GLU C 329 -37.92 8.96 -6.55
N VAL C 330 -36.59 9.05 -6.53
CA VAL C 330 -35.77 8.04 -7.19
C VAL C 330 -35.84 6.71 -6.44
N ARG C 331 -35.78 6.76 -5.11
CA ARG C 331 -35.78 5.53 -4.31
C ARG C 331 -37.14 4.85 -4.28
N LYS C 332 -38.22 5.59 -4.50
CA LYS C 332 -39.54 4.98 -4.55
C LYS C 332 -39.65 3.98 -5.70
N THR C 333 -39.02 4.30 -6.85
CA THR C 333 -39.02 3.35 -7.96
C THR C 333 -38.19 2.11 -7.65
N TYR C 334 -37.08 2.26 -6.92
CA TYR C 334 -36.26 1.10 -6.62
C TYR C 334 -36.91 0.22 -5.57
N VAL C 335 -37.74 0.80 -4.70
CA VAL C 335 -38.55 -0.02 -3.81
C VAL C 335 -39.52 -0.90 -4.61
N GLN C 336 -40.15 -0.31 -5.64
CA GLN C 336 -41.05 -1.07 -6.50
C GLN C 336 -40.28 -2.14 -7.27
N LYS C 337 -39.06 -1.82 -7.71
CA LYS C 337 -38.23 -2.83 -8.37
C LYS C 337 -37.91 -3.98 -7.43
N ARG C 338 -37.62 -3.67 -6.16
CA ARG C 338 -37.43 -4.72 -5.16
C ARG C 338 -38.69 -5.56 -5.02
N ILE C 339 -39.86 -4.91 -5.00
CA ILE C 339 -41.12 -5.65 -4.88
C ILE C 339 -41.27 -6.63 -6.04
N ASP C 340 -41.05 -6.15 -7.27
CA ASP C 340 -41.23 -7.02 -8.44
C ASP C 340 -40.22 -8.16 -8.44
N ASN C 341 -38.96 -7.86 -8.14
CA ASN C 341 -37.93 -8.91 -8.13
C ASN C 341 -38.22 -9.95 -7.06
N LYS C 342 -38.66 -9.50 -5.88
CA LYS C 342 -39.01 -10.43 -4.82
C LYS C 342 -40.21 -11.28 -5.22
N ILE C 343 -41.18 -10.68 -5.91
CA ILE C 343 -42.34 -11.45 -6.38
C ILE C 343 -41.89 -12.56 -7.32
N LYS C 344 -41.04 -12.23 -8.29
CA LYS C 344 -40.58 -13.24 -9.24
C LYS C 344 -39.75 -14.32 -8.56
N GLU C 345 -38.83 -13.91 -7.68
CA GLU C 345 -37.98 -14.88 -6.99
C GLU C 345 -38.82 -15.81 -6.12
N THR C 346 -39.78 -15.25 -5.38
CA THR C 346 -40.62 -16.07 -4.52
C THR C 346 -41.49 -17.02 -5.34
N GLU C 347 -42.01 -16.56 -6.48
CA GLU C 347 -42.80 -17.47 -7.32
C GLU C 347 -41.96 -18.62 -7.84
N SER C 348 -40.74 -18.33 -8.30
CA SER C 348 -39.86 -19.40 -8.79
C SER C 348 -39.50 -20.37 -7.67
N ALA C 349 -39.20 -19.84 -6.48
CA ALA C 349 -38.87 -20.71 -5.35
C ALA C 349 -40.06 -21.56 -4.93
N PHE C 350 -41.27 -20.98 -4.98
CA PHE C 350 -42.47 -21.73 -4.65
C PHE C 350 -42.66 -22.89 -5.63
N ARG C 351 -42.46 -22.61 -6.92
CA ARG C 351 -42.59 -23.68 -7.92
C ARG C 351 -41.54 -24.76 -7.70
N LEU C 352 -40.31 -24.37 -7.38
CA LEU C 352 -39.26 -25.34 -7.09
C LEU C 352 -39.61 -26.20 -5.89
N ALA C 353 -40.08 -25.58 -4.81
CA ALA C 353 -40.43 -26.32 -3.61
C ALA C 353 -41.61 -27.26 -3.86
N PHE C 354 -42.59 -26.81 -4.63
CA PHE C 354 -43.73 -27.67 -4.95
C PHE C 354 -43.30 -28.87 -5.78
N ALA C 355 -42.41 -28.65 -6.75
CA ALA C 355 -41.89 -29.77 -7.54
C ALA C 355 -41.12 -30.74 -6.65
N LYS C 356 -40.33 -30.21 -5.70
CA LYS C 356 -39.62 -31.08 -4.78
C LYS C 356 -40.57 -31.89 -3.92
N ALA C 357 -41.64 -31.26 -3.43
CA ALA C 357 -42.63 -31.97 -2.62
C ALA C 357 -43.31 -33.07 -3.43
N HIS C 358 -43.67 -32.77 -4.67
CA HIS C 358 -44.31 -33.77 -5.52
C HIS C 358 -43.37 -34.94 -5.79
N PHE C 359 -42.09 -34.63 -6.03
CA PHE C 359 -41.10 -35.69 -6.23
C PHE C 359 -40.97 -36.57 -5.00
N ILE C 360 -40.89 -35.96 -3.82
CA ILE C 360 -40.75 -36.74 -2.59
C ILE C 360 -41.98 -37.61 -2.38
N LYS C 361 -43.17 -37.05 -2.60
CA LYS C 361 -44.39 -37.80 -2.37
C LYS C 361 -44.57 -38.94 -3.38
N LYS C 362 -44.12 -38.72 -4.63
CA LYS C 362 -44.35 -39.70 -5.69
C LYS C 362 -43.22 -40.72 -5.83
N VAL C 363 -42.10 -40.51 -5.16
CA VAL C 363 -41.04 -41.52 -5.21
C VAL C 363 -40.98 -42.36 -3.94
N ILE C 364 -41.36 -41.79 -2.79
CA ILE C 364 -41.39 -42.57 -1.56
C ILE C 364 -42.40 -43.70 -1.68
N SER C 365 -43.59 -43.40 -2.20
CA SER C 365 -44.59 -44.44 -2.40
C SER C 365 -44.14 -45.45 -3.45
N GLY C 366 -43.51 -44.96 -4.53
CA GLY C 366 -42.92 -45.83 -5.51
C GLY C 366 -43.46 -45.70 -6.92
N GLU C 367 -44.00 -44.53 -7.25
CA GLU C 367 -44.47 -44.30 -8.63
C GLU C 367 -43.30 -44.05 -9.57
N ILE C 368 -42.51 -43.02 -9.29
CA ILE C 368 -41.33 -42.70 -10.11
C ILE C 368 -40.19 -43.56 -9.55
N VAL C 369 -39.88 -44.63 -10.27
CA VAL C 369 -38.86 -45.57 -9.83
C VAL C 369 -37.53 -45.22 -10.49
N VAL C 370 -36.48 -45.11 -9.69
CA VAL C 370 -35.14 -44.79 -10.18
C VAL C 370 -34.21 -46.00 -10.16
N GLN C 371 -34.63 -47.11 -9.55
CA GLN C 371 -33.80 -48.30 -9.53
C GLN C 371 -33.68 -48.90 -10.92
N GLY C 372 -32.49 -49.42 -11.23
CA GLY C 372 -32.26 -50.02 -12.54
C GLY C 372 -32.41 -49.06 -13.69
N LYS C 373 -31.92 -47.83 -13.53
CA LYS C 373 -32.03 -46.79 -14.54
C LYS C 373 -30.65 -46.19 -14.80
N THR C 374 -30.60 -45.24 -15.72
CA THR C 374 -29.42 -44.42 -15.96
C THR C 374 -29.83 -42.96 -15.96
N ARG C 375 -28.84 -42.08 -16.05
CA ARG C 375 -29.10 -40.65 -15.98
C ARG C 375 -29.96 -40.18 -17.15
N LYS C 376 -29.64 -40.64 -18.36
CA LYS C 376 -30.32 -40.13 -19.55
C LYS C 376 -31.79 -40.49 -19.54
N GLU C 377 -32.11 -41.77 -19.30
CA GLU C 377 -33.51 -42.19 -19.33
C GLU C 377 -34.32 -41.54 -18.22
N LEU C 378 -33.73 -41.43 -17.02
CA LEU C 378 -34.43 -40.77 -15.91
C LEU C 378 -34.71 -39.32 -16.23
N THR C 379 -33.72 -38.61 -16.77
CA THR C 379 -33.91 -37.21 -17.12
C THR C 379 -34.96 -37.05 -18.21
N GLU C 380 -34.93 -37.93 -19.21
CA GLU C 380 -35.93 -37.85 -20.27
C GLU C 380 -37.34 -38.13 -19.74
N GLU C 381 -37.47 -39.12 -18.85
CA GLU C 381 -38.77 -39.42 -18.26
C GLU C 381 -39.29 -38.24 -17.45
N LEU C 382 -38.43 -37.60 -16.66
CA LEU C 382 -38.88 -36.49 -15.84
C LEU C 382 -39.15 -35.24 -16.67
N SER C 383 -38.43 -35.06 -17.79
CA SER C 383 -38.67 -33.91 -18.64
C SER C 383 -39.94 -34.08 -19.48
N LYS C 384 -40.26 -35.30 -19.88
CA LYS C 384 -41.46 -35.53 -20.68
C LYS C 384 -42.72 -35.22 -19.89
N ILE C 385 -42.74 -35.57 -18.60
CA ILE C 385 -43.89 -35.23 -17.76
C ILE C 385 -43.84 -33.75 -17.40
N ASP C 386 -45.02 -33.15 -17.25
CA ASP C 386 -45.12 -31.72 -17.03
C ASP C 386 -44.72 -31.36 -15.59
N MET C 387 -44.40 -30.08 -15.40
CA MET C 387 -44.18 -29.45 -14.10
C MET C 387 -42.89 -29.97 -13.46
N TYR C 388 -42.21 -30.92 -14.11
CA TYR C 388 -40.92 -31.40 -13.66
C TYR C 388 -39.76 -30.98 -14.57
N SER C 389 -40.04 -30.66 -15.84
CA SER C 389 -38.96 -30.46 -16.80
C SER C 389 -38.14 -29.21 -16.50
N SER C 390 -38.81 -28.11 -16.13
CA SER C 390 -38.13 -26.83 -15.97
C SER C 390 -37.11 -26.86 -14.83
N TYR C 391 -37.19 -27.82 -13.93
CA TYR C 391 -36.32 -27.90 -12.77
C TYR C 391 -35.81 -29.32 -12.57
N VAL C 392 -35.25 -29.89 -13.64
CA VAL C 392 -34.68 -31.25 -13.57
C VAL C 392 -33.54 -31.33 -12.56
N ASP C 393 -32.98 -30.19 -12.16
CA ASP C 393 -31.96 -30.20 -11.11
C ASP C 393 -32.52 -30.69 -9.78
N LYS C 394 -33.83 -30.52 -9.56
CA LYS C 394 -34.47 -31.02 -8.35
C LYS C 394 -34.32 -32.53 -8.23
N LEU C 395 -34.30 -33.24 -9.37
CA LEU C 395 -34.09 -34.69 -9.34
C LEU C 395 -32.82 -35.06 -8.60
N VAL C 396 -31.73 -34.32 -8.84
CA VAL C 396 -30.43 -34.69 -8.29
C VAL C 396 -30.07 -33.92 -7.02
N GLY C 397 -30.73 -32.80 -6.74
CA GLY C 397 -30.45 -32.02 -5.56
C GLY C 397 -31.18 -32.46 -4.31
N MET C 398 -31.97 -33.53 -4.39
CA MET C 398 -32.76 -33.96 -3.25
C MET C 398 -31.89 -34.66 -2.21
N ASN C 399 -30.92 -35.46 -2.66
CA ASN C 399 -30.05 -36.29 -1.82
C ASN C 399 -30.79 -37.45 -1.17
N ILE C 400 -30.03 -38.44 -0.70
CA ILE C 400 -30.63 -39.69 -0.23
C ILE C 400 -31.41 -39.48 1.06
N PHE C 401 -30.90 -38.66 1.97
CA PHE C 401 -31.57 -38.48 3.25
C PHE C 401 -32.92 -37.81 3.11
N HIS C 402 -33.23 -37.23 1.96
CA HIS C 402 -34.55 -36.70 1.68
C HIS C 402 -35.52 -37.75 1.17
N MET C 403 -35.07 -39.00 1.02
CA MET C 403 -35.98 -40.12 0.78
C MET C 403 -36.32 -40.81 2.10
N THR C 404 -36.72 -40.04 3.10
CA THR C 404 -37.00 -40.56 4.44
C THR C 404 -38.24 -39.84 4.98
N SER C 405 -38.47 -40.00 6.28
CA SER C 405 -39.50 -39.25 6.98
C SER C 405 -38.85 -38.08 7.71
N ASP C 406 -39.69 -37.29 8.40
CA ASP C 406 -39.27 -36.10 9.13
C ASP C 406 -38.70 -35.04 8.20
N GLU C 407 -38.76 -35.29 6.89
CA GLU C 407 -38.37 -34.32 5.88
C GLU C 407 -39.49 -33.97 4.92
N ALA C 408 -40.37 -34.93 4.59
CA ALA C 408 -41.53 -34.62 3.76
C ALA C 408 -42.44 -33.63 4.45
N LYS C 409 -42.66 -33.82 5.76
CA LYS C 409 -43.41 -32.83 6.52
C LYS C 409 -42.68 -31.49 6.52
N LYS C 410 -41.36 -31.51 6.71
CA LYS C 410 -40.58 -30.27 6.71
C LYS C 410 -40.63 -29.58 5.37
N LEU C 411 -40.41 -30.34 4.29
CA LEU C 411 -40.39 -29.72 2.96
C LEU C 411 -41.78 -29.22 2.58
N ALA C 412 -42.83 -29.95 2.94
CA ALA C 412 -44.19 -29.49 2.68
C ALA C 412 -44.50 -28.22 3.47
N GLU C 413 -44.03 -28.14 4.72
CA GLU C 413 -44.19 -26.92 5.50
C GLU C 413 -43.45 -25.76 4.86
N GLU C 414 -42.25 -26.01 4.36
CA GLU C 414 -41.50 -24.96 3.66
C GLU C 414 -42.26 -24.48 2.43
N ALA C 415 -42.80 -25.42 1.65
CA ALA C 415 -43.54 -25.05 0.45
C ALA C 415 -44.80 -24.25 0.81
N LYS C 416 -45.47 -24.63 1.89
CA LYS C 416 -46.67 -23.91 2.32
C LYS C 416 -46.32 -22.50 2.77
N ALA C 417 -45.32 -22.37 3.64
CA ALA C 417 -44.89 -21.04 4.10
C ALA C 417 -44.36 -20.18 2.96
N LYS C 418 -43.86 -20.81 1.90
CA LYS C 418 -43.46 -20.04 0.73
C LYS C 418 -44.66 -19.37 0.07
N LYS C 419 -45.82 -20.03 0.08
CA LYS C 419 -47.04 -19.40 -0.41
C LYS C 419 -47.40 -18.17 0.42
N GLU C 420 -47.29 -18.28 1.75
CA GLU C 420 -47.55 -17.13 2.61
C GLU C 420 -46.58 -16.00 2.33
N GLU C 421 -45.30 -16.32 2.14
CA GLU C 421 -44.30 -15.30 1.84
C GLU C 421 -44.59 -14.61 0.51
N ASN C 422 -44.97 -15.40 -0.51
CA ASN C 422 -45.31 -14.81 -1.80
C ASN C 422 -46.55 -13.92 -1.69
N GLU C 423 -47.55 -14.35 -0.92
CA GLU C 423 -48.73 -13.51 -0.71
C GLU C 423 -48.34 -12.22 0.00
N TYR C 424 -47.41 -12.30 0.95
CA TYR C 424 -46.92 -11.10 1.61
C TYR C 424 -46.26 -10.15 0.61
N TRP C 425 -45.47 -10.69 -0.31
CA TRP C 425 -44.83 -9.85 -1.31
C TRP C 425 -45.82 -9.34 -2.35
N LYS C 426 -46.96 -10.00 -2.52
CA LYS C 426 -47.95 -9.63 -3.52
C LYS C 426 -48.97 -8.61 -3.01
N THR C 427 -48.91 -8.23 -1.74
CA THR C 427 -49.85 -7.29 -1.17
C THR C 427 -49.24 -5.97 -0.75
N THR C 428 -47.99 -5.98 -0.30
CA THR C 428 -47.35 -4.75 0.17
C THR C 428 -47.05 -3.83 -1.00
N ASP C 429 -47.21 -2.53 -0.77
CA ASP C 429 -46.90 -1.50 -1.74
C ASP C 429 -45.60 -0.79 -1.35
N VAL C 430 -45.25 0.24 -2.12
CA VAL C 430 -43.99 0.93 -1.90
C VAL C 430 -44.03 1.72 -0.60
N VAL C 431 -45.12 2.45 -0.36
CA VAL C 431 -45.17 3.38 0.76
C VAL C 431 -45.08 2.64 2.09
N THR C 432 -45.87 1.57 2.25
CA THR C 432 -45.90 0.87 3.53
C THR C 432 -44.60 0.13 3.79
N GLU C 433 -44.03 -0.51 2.77
CA GLU C 433 -42.75 -1.20 2.96
C GLU C 433 -41.64 -0.21 3.28
N TYR C 434 -41.62 0.93 2.59
CA TYR C 434 -40.63 1.96 2.87
C TYR C 434 -40.77 2.49 4.30
N THR C 435 -42.01 2.72 4.74
CA THR C 435 -42.23 3.20 6.10
C THR C 435 -41.79 2.15 7.13
N LYS C 436 -42.09 0.88 6.88
CA LYS C 436 -41.69 -0.18 7.80
C LYS C 436 -40.17 -0.26 7.89
N ASP C 437 -39.48 -0.10 6.76
CA ASP C 437 -38.02 -0.13 6.79
C ASP C 437 -37.47 1.09 7.52
N LEU C 438 -38.05 2.28 7.28
CA LEU C 438 -37.64 3.48 7.99
C LEU C 438 -37.85 3.35 9.49
N GLU C 439 -38.87 2.61 9.92
CA GLU C 439 -39.12 2.45 11.35
C GLU C 439 -38.03 1.65 12.05
N GLU C 440 -37.14 1.01 11.31
CA GLU C 440 -36.05 0.23 11.90
C GLU C 440 -34.77 1.04 12.09
N ILE C 441 -34.78 2.33 11.80
CA ILE C 441 -33.61 3.18 11.93
C ILE C 441 -33.73 3.97 13.24
N LYS C 442 -32.70 3.87 14.08
CA LYS C 442 -32.69 4.57 15.35
C LYS C 442 -31.26 4.82 15.83
N LYS D 393 23.12 19.93 -17.09
CA LYS D 393 23.63 18.66 -16.57
C LYS D 393 22.75 18.16 -15.44
N VAL D 394 21.48 17.92 -15.74
CA VAL D 394 20.50 17.52 -14.73
C VAL D 394 20.68 16.04 -14.40
N HIS D 395 20.04 15.60 -13.31
CA HIS D 395 20.31 14.26 -12.79
C HIS D 395 19.71 13.17 -13.67
N LYS D 396 18.40 13.20 -13.86
CA LYS D 396 17.70 12.11 -14.53
C LYS D 396 17.49 12.42 -16.02
N HIS D 397 18.60 12.57 -16.74
CA HIS D 397 18.56 12.83 -18.18
C HIS D 397 19.29 11.72 -18.89
N ILE D 398 18.62 11.09 -19.85
CA ILE D 398 19.21 10.01 -20.65
C ILE D 398 19.72 10.68 -21.93
N LYS D 399 20.96 11.13 -21.88
CA LYS D 399 21.48 11.96 -22.96
C LYS D 399 21.70 11.13 -24.22
N ALA D 400 21.27 11.69 -25.36
CA ALA D 400 21.52 11.06 -26.64
C ALA D 400 22.96 11.35 -27.09
N ASN D 401 23.52 10.43 -27.87
CA ASN D 401 24.90 10.55 -28.30
C ASN D 401 25.12 11.67 -29.32
N LEU D 402 24.07 12.23 -29.89
CA LEU D 402 24.17 13.40 -30.77
C LEU D 402 23.23 14.49 -30.29
N CYS D 403 23.28 14.79 -29.00
CA CYS D 403 22.40 15.82 -28.44
C CYS D 403 22.77 17.20 -28.98
N GLY D 404 23.98 17.66 -28.69
CA GLY D 404 24.39 18.99 -29.10
C GLY D 404 24.87 19.07 -30.54
N LYS D 405 24.35 18.19 -31.40
CA LYS D 405 24.76 18.13 -32.80
C LYS D 405 23.54 18.23 -33.69
N ASP D 406 23.77 18.65 -34.93
CA ASP D 406 22.69 18.82 -35.89
C ASP D 406 22.19 17.47 -36.38
N ALA D 407 21.17 16.94 -35.72
CA ALA D 407 20.63 15.62 -36.05
C ALA D 407 19.18 15.56 -35.58
N ASP D 408 18.47 14.55 -36.07
CA ASP D 408 17.05 14.38 -35.76
C ASP D 408 16.87 13.72 -34.39
N THR D 409 17.31 14.44 -33.36
CA THR D 409 17.23 13.94 -32.00
C THR D 409 15.81 14.14 -31.44
N THR D 410 15.46 13.32 -30.45
CA THR D 410 14.16 13.39 -29.81
C THR D 410 14.33 13.29 -28.30
N LEU D 411 13.57 14.10 -27.56
CA LEU D 411 13.56 14.05 -26.11
C LEU D 411 12.18 13.57 -25.67
N PHE D 412 12.16 12.53 -24.85
CA PHE D 412 10.93 11.90 -24.41
C PHE D 412 10.63 12.36 -22.99
N LEU D 413 9.45 12.95 -22.79
CA LEU D 413 9.05 13.49 -21.50
C LEU D 413 7.99 12.56 -20.90
N THR D 414 8.44 11.51 -20.23
CA THR D 414 7.55 10.71 -19.41
C THR D 414 7.33 11.41 -18.08
N GLU D 415 6.23 11.09 -17.42
CA GLU D 415 5.85 11.81 -16.23
C GLU D 415 6.37 11.16 -14.95
N GLY D 416 7.15 10.10 -15.05
CA GLY D 416 7.66 9.46 -13.85
C GLY D 416 8.86 8.60 -14.14
N ASP D 417 9.54 8.20 -13.05
CA ASP D 417 10.69 7.31 -13.16
C ASP D 417 10.28 5.89 -13.51
N SER D 418 9.03 5.52 -13.24
CA SER D 418 8.56 4.18 -13.57
C SER D 418 8.31 4.00 -15.06
N ALA D 419 8.13 5.09 -15.79
CA ALA D 419 7.90 5.05 -17.23
C ALA D 419 9.18 5.07 -18.04
N ILE D 420 10.32 5.25 -17.40
CA ILE D 420 11.59 5.45 -18.09
C ILE D 420 12.46 4.19 -18.09
N GLY D 421 12.29 3.30 -17.12
CA GLY D 421 13.22 2.19 -16.96
C GLY D 421 13.34 1.32 -18.21
N TYR D 422 12.22 1.06 -18.88
CA TYR D 422 12.24 0.28 -20.11
C TYR D 422 12.62 1.09 -21.32
N LEU D 423 12.65 2.43 -21.22
CA LEU D 423 13.04 3.24 -22.37
C LEU D 423 14.53 3.11 -22.65
N ILE D 424 15.35 2.93 -21.60
CA ILE D 424 16.80 2.87 -21.77
C ILE D 424 17.17 1.77 -22.76
N ASP D 425 16.56 0.60 -22.62
CA ASP D 425 16.93 -0.55 -23.42
C ASP D 425 16.39 -0.50 -24.85
N VAL D 426 15.52 0.46 -25.17
CA VAL D 426 14.81 0.43 -26.45
C VAL D 426 15.02 1.71 -27.24
N ARG D 427 15.90 2.60 -26.77
CA ARG D 427 16.16 3.82 -27.51
C ARG D 427 16.83 3.50 -28.84
N ASP D 428 16.94 4.53 -29.68
CA ASP D 428 17.79 4.46 -30.85
C ASP D 428 19.27 4.54 -30.49
N LYS D 429 19.58 4.94 -29.25
CA LYS D 429 20.93 5.05 -28.72
C LYS D 429 21.71 6.17 -29.38
N GLU D 430 21.13 6.77 -30.41
CA GLU D 430 21.76 7.88 -31.10
C GLU D 430 20.84 9.08 -31.21
N LEU D 431 19.56 8.88 -31.52
CA LEU D 431 18.58 9.95 -31.60
C LEU D 431 17.40 9.54 -30.74
N HIS D 432 17.54 9.72 -29.43
CA HIS D 432 16.49 9.45 -28.46
C HIS D 432 16.97 9.94 -27.11
N GLY D 433 16.09 10.62 -26.38
CA GLY D 433 16.44 11.08 -25.06
C GLY D 433 15.53 10.52 -24.00
N GLY D 434 15.42 11.23 -22.87
CA GLY D 434 14.46 10.86 -21.86
C GLY D 434 14.61 11.65 -20.59
N TYR D 435 13.51 12.14 -20.05
CA TYR D 435 13.52 12.84 -18.78
C TYR D 435 12.19 12.62 -18.07
N PRO D 436 12.21 12.14 -16.83
CA PRO D 436 10.95 11.94 -16.10
C PRO D 436 10.51 13.23 -15.42
N LEU D 437 9.25 13.60 -15.63
CA LEU D 437 8.65 14.70 -14.89
C LEU D 437 8.20 14.19 -13.53
N ARG D 438 7.41 14.98 -12.82
CA ARG D 438 6.88 14.60 -11.50
C ARG D 438 5.39 14.88 -11.47
N GLY D 439 4.60 13.93 -11.96
CA GLY D 439 3.15 14.01 -11.88
C GLY D 439 2.58 15.19 -12.63
N LYS D 440 1.51 15.76 -12.06
CA LYS D 440 0.83 16.89 -12.68
C LYS D 440 1.78 18.06 -12.83
N VAL D 441 1.81 18.63 -14.03
CA VAL D 441 2.70 19.73 -14.34
C VAL D 441 2.08 21.02 -13.80
N LEU D 442 2.93 21.94 -13.38
CA LEU D 442 2.47 23.23 -12.90
C LEU D 442 1.71 23.96 -13.99
N ASN D 443 0.62 24.64 -13.61
CA ASN D 443 -0.18 25.39 -14.55
C ASN D 443 0.62 26.58 -15.03
N SER D 444 1.23 26.46 -16.21
CA SER D 444 2.17 27.46 -16.69
C SER D 444 1.49 28.69 -17.26
N TRP D 445 0.16 28.72 -17.36
CA TRP D 445 -0.53 29.81 -18.02
C TRP D 445 -0.63 31.02 -17.10
N GLY D 446 -0.07 32.15 -17.53
CA GLY D 446 -0.29 33.42 -16.89
C GLY D 446 0.81 33.91 -15.98
N MET D 447 1.70 33.03 -15.51
CA MET D 447 2.74 33.46 -14.59
C MET D 447 3.92 34.06 -15.36
N SER D 448 4.65 34.93 -14.66
CA SER D 448 5.87 35.50 -15.22
C SER D 448 6.97 34.44 -15.29
N TYR D 449 7.95 34.71 -16.15
CA TYR D 449 9.03 33.74 -16.35
C TYR D 449 9.83 33.50 -15.07
N ALA D 450 9.91 34.50 -14.20
CA ALA D 450 10.64 34.33 -12.95
C ALA D 450 9.99 33.26 -12.08
N ASP D 451 8.66 33.31 -11.94
CA ASP D 451 7.96 32.27 -11.19
C ASP D 451 7.84 31.00 -12.02
N MET D 452 7.83 31.13 -13.35
CA MET D 452 7.76 29.96 -14.21
C MET D 452 8.97 29.07 -14.03
N LEU D 453 10.16 29.66 -13.95
CA LEU D 453 11.40 28.90 -13.75
C LEU D 453 11.70 28.75 -12.26
N LYS D 454 10.70 28.29 -11.51
CA LYS D 454 10.84 27.94 -10.11
C LYS D 454 10.44 26.50 -9.82
N ASN D 455 9.48 25.96 -10.57
CA ASN D 455 9.19 24.54 -10.50
C ASN D 455 10.36 23.75 -11.08
N LYS D 456 10.69 22.63 -10.43
CA LYS D 456 11.85 21.86 -10.84
C LYS D 456 11.69 21.27 -12.23
N GLU D 457 10.50 20.77 -12.56
CA GLU D 457 10.31 20.09 -13.84
C GLU D 457 10.43 21.05 -15.01
N LEU D 458 9.81 22.22 -14.92
CA LEU D 458 9.93 23.21 -16.00
C LEU D 458 11.37 23.68 -16.14
N PHE D 459 12.06 23.90 -15.01
CA PHE D 459 13.44 24.32 -15.06
C PHE D 459 14.32 23.27 -15.72
N ASP D 460 14.07 21.99 -15.42
CA ASP D 460 14.86 20.93 -16.03
C ASP D 460 14.52 20.73 -17.50
N ILE D 461 13.27 20.94 -17.88
CA ILE D 461 12.91 20.92 -19.30
C ILE D 461 13.66 22.02 -20.03
N CYS D 462 13.73 23.21 -19.44
CA CYS D 462 14.48 24.30 -20.04
C CYS D 462 15.96 23.97 -20.15
N ALA D 463 16.54 23.41 -19.08
CA ALA D 463 17.96 23.12 -19.08
C ALA D 463 18.31 22.02 -20.09
N ILE D 464 17.46 21.00 -20.21
CA ILE D 464 17.76 19.87 -21.07
C ILE D 464 17.66 20.28 -22.53
N THR D 465 16.47 20.72 -22.95
CA THR D 465 16.24 21.06 -24.35
C THR D 465 16.93 22.36 -24.75
N GLY D 466 17.35 23.17 -23.78
CA GLY D 466 17.99 24.43 -24.08
C GLY D 466 17.05 25.59 -24.32
N LEU D 467 15.74 25.37 -24.25
CA LEU D 467 14.78 26.44 -24.42
C LEU D 467 14.84 27.39 -23.23
N VAL D 468 14.92 28.69 -23.51
CA VAL D 468 14.93 29.72 -22.48
C VAL D 468 13.71 30.61 -22.68
N LEU D 469 13.06 30.98 -21.58
CA LEU D 469 11.83 31.76 -21.65
C LEU D 469 12.12 33.18 -22.10
N GLY D 470 11.17 33.74 -22.86
CA GLY D 470 11.23 35.12 -23.27
C GLY D 470 12.11 35.41 -24.47
N GLU D 471 12.74 34.34 -24.96
CA GLU D 471 13.56 34.43 -26.16
C GLU D 471 13.17 33.28 -27.08
N LYS D 472 13.23 33.48 -28.40
CA LYS D 472 12.78 32.44 -29.34
C LYS D 472 13.63 31.21 -29.29
N ALA D 473 13.23 30.19 -30.04
CA ALA D 473 13.91 28.90 -29.98
C ALA D 473 14.71 28.57 -31.24
N PHE D 474 14.61 29.38 -32.28
CA PHE D 474 15.40 29.17 -33.50
C PHE D 474 15.06 30.18 -34.59
N GLU D 475 16.05 30.68 -35.33
CA GLU D 475 15.81 31.73 -36.35
C GLU D 475 15.69 31.15 -37.74
N GLU D 476 14.85 31.71 -38.62
CA GLU D 476 14.80 31.03 -39.89
C GLU D 476 15.72 31.68 -40.92
N LYS D 477 16.02 30.94 -41.97
CA LYS D 477 16.83 31.46 -43.06
C LYS D 477 16.08 32.56 -43.81
N GLU D 478 16.85 33.48 -44.38
CA GLU D 478 16.25 34.57 -45.15
C GLU D 478 15.55 34.02 -46.39
N ASP D 479 14.40 34.61 -46.71
CA ASP D 479 13.63 34.16 -47.86
C ASP D 479 14.37 34.45 -49.15
N GLY D 480 14.35 33.48 -50.06
CA GLY D 480 15.04 33.58 -51.34
C GLY D 480 14.13 33.15 -52.47
N GLU D 481 14.74 32.50 -53.46
CA GLU D 481 14.00 32.06 -54.64
C GLU D 481 12.98 30.99 -54.28
N TRP D 482 11.78 31.12 -54.84
CA TRP D 482 10.70 30.17 -54.60
C TRP D 482 10.62 29.16 -55.72
N PHE D 483 10.48 27.89 -55.36
CA PHE D 483 10.41 26.79 -56.31
C PHE D 483 9.16 25.96 -56.05
N THR D 484 8.49 25.57 -57.13
CA THR D 484 7.29 24.75 -57.06
C THR D 484 7.51 23.46 -57.82
N PHE D 485 7.10 22.34 -57.21
CA PHE D 485 7.16 21.04 -57.85
C PHE D 485 5.89 20.27 -57.53
N GLU D 486 5.73 19.12 -58.17
CA GLU D 486 4.57 18.25 -57.99
C GLU D 486 5.02 17.00 -57.26
N LEU D 487 4.62 16.87 -55.99
CA LEU D 487 4.97 15.73 -55.16
C LEU D 487 3.71 14.90 -54.94
N ASN D 488 3.77 13.63 -55.35
CA ASN D 488 2.63 12.71 -55.23
C ASN D 488 1.38 13.28 -55.91
N GLY D 489 1.58 13.94 -57.04
CA GLY D 489 0.48 14.54 -57.76
C GLY D 489 -0.06 15.82 -57.18
N ASP D 490 0.60 16.37 -56.16
CA ASP D 490 0.15 17.59 -55.51
C ASP D 490 1.18 18.69 -55.70
N THR D 491 0.72 19.86 -56.12
CA THR D 491 1.61 21.00 -56.28
C THR D 491 2.08 21.48 -54.91
N ILE D 492 3.40 21.67 -54.77
CA ILE D 492 4.00 22.11 -53.53
C ILE D 492 4.93 23.28 -53.82
N ILE D 493 4.77 24.37 -53.07
CA ILE D 493 5.56 25.58 -53.25
C ILE D 493 6.51 25.69 -52.07
N VAL D 494 7.81 25.76 -52.36
CA VAL D 494 8.85 25.87 -51.35
C VAL D 494 9.87 26.91 -51.81
N ASN D 495 10.80 27.22 -50.92
CA ASN D 495 11.94 28.06 -51.22
C ASN D 495 13.13 27.18 -51.58
N GLU D 496 14.31 27.79 -51.71
CA GLU D 496 15.54 27.03 -51.91
C GLU D 496 16.15 26.55 -50.60
N ASN D 497 15.55 26.89 -49.46
CA ASN D 497 16.09 26.58 -48.15
C ASN D 497 15.00 26.02 -47.24
N ASP D 498 14.21 25.09 -47.74
CA ASP D 498 13.11 24.51 -47.00
C ASP D 498 13.32 23.01 -46.77
N GLU D 499 12.54 22.46 -45.85
CA GLU D 499 12.58 21.05 -45.51
C GLU D 499 11.28 20.39 -45.95
N VAL D 500 11.37 19.22 -46.57
CA VAL D 500 10.22 18.52 -47.09
C VAL D 500 10.09 17.19 -46.36
N GLN D 501 8.90 16.93 -45.82
CA GLN D 501 8.62 15.71 -45.04
C GLN D 501 8.16 14.63 -46.00
N ILE D 502 9.06 13.69 -46.33
CA ILE D 502 8.76 12.60 -47.24
C ILE D 502 9.04 11.28 -46.51
N ASN D 503 8.02 10.44 -46.39
CA ASN D 503 8.14 9.11 -45.78
C ASN D 503 8.75 9.19 -44.39
N GLY D 504 8.34 10.20 -43.63
CA GLY D 504 8.81 10.35 -42.26
C GLY D 504 10.18 10.95 -42.12
N LYS D 505 10.81 11.38 -43.21
CA LYS D 505 12.13 11.97 -43.18
C LYS D 505 12.09 13.34 -43.85
N TRP D 506 12.81 14.29 -43.25
CA TRP D 506 12.87 15.65 -43.76
C TRP D 506 14.07 15.77 -44.71
N ILE D 507 13.79 16.17 -45.96
CA ILE D 507 14.79 16.23 -47.01
C ILE D 507 14.95 17.67 -47.45
N THR D 508 16.20 18.10 -47.61
CA THR D 508 16.47 19.48 -47.99
C THR D 508 16.06 19.73 -49.43
N VAL D 509 15.82 21.00 -49.74
CA VAL D 509 15.47 21.39 -51.11
C VAL D 509 16.65 21.13 -52.04
N GLY D 510 17.87 21.42 -51.58
CA GLY D 510 19.04 21.13 -52.38
C GLY D 510 19.20 19.67 -52.71
N GLU D 511 18.91 18.79 -51.73
CA GLU D 511 18.98 17.36 -51.97
C GLU D 511 17.97 16.93 -53.03
N LEU D 512 16.74 17.46 -52.94
CA LEU D 512 15.72 17.14 -53.94
C LEU D 512 16.13 17.64 -55.32
N ARG D 513 16.74 18.82 -55.39
CA ARG D 513 17.25 19.31 -56.66
C ARG D 513 18.33 18.40 -57.21
N LYS D 514 19.21 17.90 -56.34
CA LYS D 514 20.24 16.95 -56.74
C LYS D 514 19.67 15.58 -57.09
N ASN D 515 18.41 15.31 -56.76
CA ASN D 515 17.77 14.03 -57.02
C ASN D 515 17.04 14.00 -58.36
N LEU D 516 17.44 14.85 -59.31
CA LEU D 516 16.85 14.88 -60.65
C LEU D 516 15.33 15.07 -60.60
N MET D 517 14.89 15.99 -59.74
CA MET D 517 13.48 16.34 -59.61
C MET D 517 13.26 17.71 -60.22
N LYS D 518 12.23 17.84 -61.06
CA LYS D 518 11.98 19.09 -61.77
C LYS D 518 11.54 20.18 -60.80
N PHE D 519 12.14 21.36 -60.94
CA PHE D 519 11.83 22.52 -60.11
C PHE D 519 11.41 23.67 -61.00
N VAL D 520 10.35 24.37 -60.61
CA VAL D 520 9.80 25.49 -61.35
C VAL D 520 10.09 26.77 -60.57
N LYS D 521 10.91 27.65 -61.13
CA LYS D 521 11.20 28.92 -60.50
C LYS D 521 10.02 29.87 -60.66
N ILE D 522 9.58 30.45 -59.54
CA ILE D 522 8.42 31.33 -59.51
C ILE D 522 8.78 32.60 -58.77
N ASP D 523 8.38 33.74 -59.33
CA ASP D 523 8.66 35.02 -58.70
C ASP D 523 8.00 35.10 -57.33
N SER D 524 8.67 35.77 -56.39
CA SER D 524 8.20 35.82 -55.01
C SER D 524 6.84 36.50 -54.91
N SER D 525 6.64 37.57 -55.69
CA SER D 525 5.37 38.28 -55.67
C SER D 525 4.21 37.44 -56.21
N SER D 526 4.49 36.39 -56.98
CA SER D 526 3.48 35.52 -57.56
C SER D 526 3.42 34.18 -56.84
N VAL D 527 3.61 34.19 -55.53
CA VAL D 527 3.59 32.99 -54.70
C VAL D 527 2.46 33.12 -53.68
N ASP D 528 1.63 32.08 -53.59
CA ASP D 528 0.53 32.05 -52.64
C ASP D 528 1.09 31.70 -51.27
N MET D 529 1.19 32.70 -50.39
CA MET D 529 1.69 32.46 -49.04
C MET D 529 0.70 31.67 -48.21
N LYS D 530 -0.60 31.87 -48.41
CA LYS D 530 -1.60 31.13 -47.65
C LYS D 530 -1.52 29.63 -47.93
N LYS D 531 -1.38 29.25 -49.20
CA LYS D 531 -1.22 27.85 -49.53
C LYS D 531 0.14 27.33 -49.07
N TYR D 532 1.17 28.18 -49.12
CA TYR D 532 2.51 27.78 -48.69
C TYR D 532 2.52 27.42 -47.21
N LYS D 533 1.83 28.21 -46.38
CA LYS D 533 1.82 27.96 -44.95
C LYS D 533 0.84 26.87 -44.53
N LEU D 534 -0.01 26.40 -45.44
CA LEU D 534 -0.98 25.35 -45.14
C LEU D 534 -0.42 23.95 -45.33
N GLN D 535 0.80 23.81 -45.85
CA GLN D 535 1.40 22.51 -46.11
C GLN D 535 2.14 22.03 -44.87
N ASN D 536 1.66 20.93 -44.28
CA ASN D 536 2.27 20.39 -43.08
C ASN D 536 3.59 19.69 -43.35
N ASN D 537 3.87 19.34 -44.60
CA ASN D 537 5.10 18.63 -44.95
C ASN D 537 6.21 19.57 -45.40
N VAL D 538 6.00 20.89 -45.31
CA VAL D 538 6.98 21.88 -45.71
C VAL D 538 7.31 22.75 -44.51
N ARG D 539 8.60 22.89 -44.22
CA ARG D 539 9.06 23.74 -43.13
C ARG D 539 10.39 24.37 -43.54
N ARG D 540 10.64 25.57 -43.01
CA ARG D 540 11.85 26.30 -43.34
C ARG D 540 13.05 25.75 -42.57
N SER D 541 14.20 25.72 -43.23
CA SER D 541 15.42 25.29 -42.57
C SER D 541 15.96 26.39 -41.67
N ILE D 542 16.44 25.99 -40.50
CA ILE D 542 16.92 26.94 -39.50
C ILE D 542 18.34 27.35 -39.84
N LYS D 543 18.62 28.63 -39.61
CA LYS D 543 19.97 29.07 -39.74
C LYS D 543 20.68 28.57 -38.51
N SER D 544 20.15 28.89 -37.33
CA SER D 544 20.81 28.51 -36.06
C SER D 544 19.86 28.03 -34.94
N SER D 545 20.32 27.11 -34.10
CA SER D 545 19.49 26.64 -32.99
C SER D 545 20.23 26.50 -31.67
N SER D 546 19.47 26.49 -30.58
CA SER D 546 20.05 26.30 -29.27
C SER D 546 19.36 25.12 -28.63
N MET D 547 18.28 24.70 -29.25
CA MET D 547 17.54 23.62 -28.68
C MET D 547 18.48 22.51 -28.85
N ASN D 548 19.12 22.10 -27.79
CA ASN D 548 19.97 20.94 -27.99
C ASN D 548 19.30 19.91 -28.88
N TYR D 549 18.09 19.50 -28.53
CA TYR D 549 17.39 18.48 -29.29
C TYR D 549 16.76 19.08 -30.53
N ALA D 550 16.17 18.22 -31.35
CA ALA D 550 15.43 18.64 -32.54
C ALA D 550 13.97 18.25 -32.48
N ASN D 551 13.56 17.49 -31.47
CA ASN D 551 12.18 17.05 -31.33
C ASN D 551 11.91 16.78 -29.85
N VAL D 552 10.72 17.13 -29.41
CA VAL D 552 10.31 16.92 -28.02
C VAL D 552 9.02 16.11 -28.05
N ALA D 553 9.13 14.80 -27.88
CA ALA D 553 7.99 13.89 -27.96
C ALA D 553 7.44 13.69 -26.55
N ILE D 554 6.36 14.39 -26.24
CA ILE D 554 5.68 14.24 -24.96
C ILE D 554 5.08 12.84 -24.90
N MET D 555 5.63 11.99 -24.04
CA MET D 555 5.22 10.59 -23.93
C MET D 555 4.75 10.34 -22.51
N THR D 556 3.48 10.64 -22.26
CA THR D 556 2.89 10.46 -20.94
C THR D 556 1.94 9.27 -20.96
N ASP D 557 1.45 8.91 -19.78
CA ASP D 557 0.50 7.81 -19.70
C ASP D 557 -0.80 8.19 -20.41
N ALA D 558 -1.59 7.18 -20.72
CA ALA D 558 -2.87 7.45 -21.37
C ALA D 558 -4.06 7.40 -20.43
N ASP D 559 -3.87 7.65 -19.16
CA ASP D 559 -5.00 7.73 -18.26
C ASP D 559 -5.58 9.08 -18.45
N HIS D 560 -6.74 9.32 -17.87
CA HIS D 560 -7.40 10.59 -18.11
C HIS D 560 -6.54 11.69 -17.59
N ASP D 561 -5.89 11.48 -16.46
CA ASP D 561 -5.00 12.53 -15.99
C ASP D 561 -3.88 12.78 -16.99
N GLY D 562 -3.24 11.71 -17.47
CA GLY D 562 -2.09 11.86 -18.34
C GLY D 562 -2.41 12.61 -19.62
N LEU D 563 -3.58 12.36 -20.20
CA LEU D 563 -3.99 13.03 -21.43
C LEU D 563 -4.73 14.34 -21.20
N GLY D 564 -5.21 14.60 -19.99
CA GLY D 564 -6.04 15.76 -19.79
C GLY D 564 -5.48 16.88 -18.93
N SER D 565 -4.68 16.52 -17.91
CA SER D 565 -4.12 17.51 -17.00
C SER D 565 -2.62 17.68 -17.14
N ILE D 566 -1.95 16.77 -17.86
CA ILE D 566 -0.51 16.80 -18.02
C ILE D 566 -0.11 17.00 -19.47
N TYR D 567 -0.78 16.34 -20.40
CA TYR D 567 -0.50 16.57 -21.81
C TYR D 567 -0.87 17.98 -22.24
N PRO D 568 -2.13 18.46 -22.09
CA PRO D 568 -2.40 19.86 -22.45
C PRO D 568 -2.09 20.80 -21.31
N SER D 569 -0.99 20.54 -20.64
CA SER D 569 -0.33 21.45 -19.72
C SER D 569 1.14 21.62 -20.09
N LEU D 570 1.81 20.54 -20.46
CA LEU D 570 3.07 20.67 -21.18
C LEU D 570 2.85 21.33 -22.51
N LEU D 571 1.70 21.09 -23.15
CA LEU D 571 1.37 21.82 -24.36
C LEU D 571 1.29 23.32 -24.09
N GLY D 572 0.63 23.71 -23.00
CA GLY D 572 0.55 25.12 -22.65
C GLY D 572 1.90 25.70 -22.32
N PHE D 573 2.75 24.94 -21.63
CA PHE D 573 4.10 25.41 -21.32
C PHE D 573 4.93 25.61 -22.58
N PHE D 574 4.88 24.65 -23.50
CA PHE D 574 5.61 24.78 -24.76
C PHE D 574 4.99 25.79 -25.69
N SER D 575 3.76 26.24 -25.42
CA SER D 575 3.16 27.29 -26.23
C SER D 575 3.93 28.60 -26.16
N ASN D 576 4.81 28.76 -25.17
CA ASN D 576 5.66 29.93 -25.10
C ASN D 576 6.66 30.01 -26.25
N TRP D 577 6.83 28.92 -27.00
CA TRP D 577 7.67 28.90 -28.20
C TRP D 577 6.82 28.36 -29.33
N PRO D 578 5.97 29.20 -29.93
CA PRO D 578 5.10 28.72 -31.02
C PRO D 578 5.86 28.24 -32.23
N GLU D 579 7.13 28.63 -32.39
CA GLU D 579 7.93 28.11 -33.49
C GLU D 579 8.11 26.60 -33.41
N LEU D 580 8.10 26.05 -32.20
CA LEU D 580 8.20 24.60 -32.06
C LEU D 580 6.98 23.91 -32.67
N PHE D 581 5.80 24.50 -32.51
CA PHE D 581 4.60 23.94 -33.12
C PHE D 581 4.54 24.22 -34.61
N GLU D 582 5.04 25.39 -35.04
CA GLU D 582 5.00 25.73 -36.46
C GLU D 582 5.87 24.78 -37.29
N GLN D 583 7.01 24.38 -36.75
CA GLN D 583 7.93 23.50 -37.45
C GLN D 583 7.57 22.02 -37.28
N GLY D 584 6.49 21.72 -36.57
CA GLY D 584 6.11 20.34 -36.33
C GLY D 584 7.07 19.58 -35.46
N ARG D 585 7.60 20.23 -34.43
CA ARG D 585 8.62 19.65 -33.57
C ARG D 585 8.11 19.16 -32.23
N ILE D 586 6.88 19.53 -31.85
CA ILE D 586 6.27 19.07 -30.62
C ILE D 586 5.29 17.97 -30.97
N ARG D 587 5.57 16.75 -30.51
CA ARG D 587 4.80 15.57 -30.86
C ARG D 587 4.37 14.85 -29.59
N PHE D 588 3.33 14.04 -29.72
CA PHE D 588 2.83 13.20 -28.63
C PHE D 588 2.91 11.76 -29.07
N VAL D 589 3.65 10.94 -28.31
CA VAL D 589 3.75 9.52 -28.60
C VAL D 589 2.45 8.85 -28.17
N LYS D 590 1.79 8.17 -29.09
CA LYS D 590 0.51 7.53 -28.80
C LYS D 590 0.77 6.26 -28.03
N THR D 591 0.59 6.32 -26.72
CA THR D 591 0.72 5.18 -25.83
C THR D 591 -0.64 4.53 -25.62
N PRO D 592 -0.78 3.23 -25.88
CA PRO D 592 -2.09 2.59 -25.70
C PRO D 592 -2.55 2.66 -24.24
N VAL D 593 -3.85 2.85 -24.06
CA VAL D 593 -4.43 2.87 -22.73
C VAL D 593 -5.01 1.50 -22.41
N ILE D 594 -5.37 0.76 -23.46
CA ILE D 594 -6.02 -0.53 -23.31
C ILE D 594 -5.44 -1.46 -24.37
N ILE D 595 -4.84 -2.56 -23.93
CA ILE D 595 -4.35 -3.58 -24.85
C ILE D 595 -5.23 -4.80 -24.71
N ALA D 596 -6.27 -4.87 -25.53
CA ALA D 596 -7.24 -5.96 -25.50
C ALA D 596 -6.84 -6.97 -26.57
N GLN D 597 -6.37 -8.14 -26.12
CA GLN D 597 -5.95 -9.18 -27.04
C GLN D 597 -7.07 -10.19 -27.24
N VAL D 598 -7.25 -10.62 -28.47
CA VAL D 598 -8.23 -11.65 -28.82
C VAL D 598 -7.49 -12.81 -29.47
N GLY D 599 -7.83 -14.02 -29.06
CA GLY D 599 -7.14 -15.20 -29.55
C GLY D 599 -5.65 -15.13 -29.30
N LYS D 600 -4.86 -14.95 -30.36
CA LYS D 600 -3.43 -14.72 -30.25
C LYS D 600 -3.03 -13.36 -30.83
N LYS D 601 -3.99 -12.49 -31.12
CA LYS D 601 -3.74 -11.19 -31.70
C LYS D 601 -4.01 -10.11 -30.66
N GLN D 602 -3.10 -9.14 -30.57
CA GLN D 602 -3.23 -8.03 -29.62
C GLN D 602 -3.67 -6.78 -30.37
N GLU D 603 -4.69 -6.11 -29.85
CA GLU D 603 -5.17 -4.85 -30.39
C GLU D 603 -4.88 -3.73 -29.41
N TRP D 604 -4.49 -2.57 -29.95
CA TRP D 604 -4.13 -1.41 -29.15
C TRP D 604 -5.17 -0.33 -29.32
N PHE D 605 -5.77 0.10 -28.22
CA PHE D 605 -6.71 1.22 -28.21
C PHE D 605 -6.06 2.37 -27.46
N TYR D 606 -5.86 3.49 -28.16
CA TYR D 606 -5.08 4.59 -27.61
C TYR D 606 -5.88 5.50 -26.69
N THR D 607 -7.20 5.33 -26.62
CA THR D 607 -8.03 6.13 -25.73
C THR D 607 -9.20 5.27 -25.26
N VAL D 608 -9.71 5.61 -24.06
CA VAL D 608 -10.86 4.90 -23.52
C VAL D 608 -12.07 5.09 -24.44
N ALA D 609 -12.22 6.28 -25.01
CA ALA D 609 -13.30 6.52 -25.96
C ALA D 609 -13.19 5.61 -27.17
N GLU D 610 -11.96 5.35 -27.63
CA GLU D 610 -11.76 4.42 -28.74
C GLU D 610 -12.16 3.01 -28.34
N TYR D 611 -11.86 2.61 -27.10
CA TYR D 611 -12.24 1.28 -26.64
C TYR D 611 -13.75 1.13 -26.56
N GLU D 612 -14.44 2.13 -26.01
CA GLU D 612 -15.88 2.03 -25.86
C GLU D 612 -16.60 1.99 -27.20
N SER D 613 -15.98 2.55 -28.24
CA SER D 613 -16.56 2.50 -29.58
C SER D 613 -16.32 1.16 -30.27
N ALA D 614 -15.45 0.31 -29.73
CA ALA D 614 -15.16 -0.99 -30.32
C ALA D 614 -15.32 -2.12 -29.30
N LYS D 615 -15.95 -1.84 -28.16
CA LYS D 615 -16.15 -2.88 -27.16
C LYS D 615 -17.11 -3.96 -27.64
N ASP D 616 -18.16 -3.58 -28.37
CA ASP D 616 -19.18 -4.52 -28.81
C ASP D 616 -18.90 -5.10 -30.20
N ALA D 617 -17.85 -4.66 -30.87
CA ALA D 617 -17.51 -5.17 -32.19
C ALA D 617 -16.39 -6.20 -32.17
N LEU D 618 -15.45 -6.09 -31.25
CA LEU D 618 -14.38 -7.07 -31.15
C LEU D 618 -14.91 -8.36 -30.53
N PRO D 619 -14.24 -9.49 -30.78
CA PRO D 619 -14.65 -10.76 -30.15
C PRO D 619 -14.38 -10.78 -28.66
N LYS D 620 -14.61 -11.93 -28.01
CA LYS D 620 -14.33 -12.04 -26.59
C LYS D 620 -12.85 -11.77 -26.34
N HIS D 621 -12.57 -11.01 -25.29
CA HIS D 621 -11.21 -10.56 -25.02
C HIS D 621 -11.04 -10.32 -23.53
N SER D 622 -9.77 -10.21 -23.12
CA SER D 622 -9.41 -9.85 -21.76
C SER D 622 -8.79 -8.46 -21.80
N ILE D 623 -9.55 -7.46 -21.37
CA ILE D 623 -9.05 -6.09 -21.34
C ILE D 623 -7.89 -5.99 -20.37
N ARG D 624 -6.81 -5.35 -20.80
CA ARG D 624 -5.65 -5.07 -19.96
C ARG D 624 -5.46 -3.55 -19.94
N TYR D 625 -6.20 -2.89 -19.04
CA TYR D 625 -6.11 -1.44 -18.92
C TYR D 625 -4.81 -1.10 -18.21
N ILE D 626 -3.88 -0.49 -18.92
CA ILE D 626 -2.61 -0.09 -18.33
C ILE D 626 -2.78 1.29 -17.71
N LYS D 627 -2.52 1.38 -16.39
CA LYS D 627 -2.71 2.64 -15.70
C LYS D 627 -1.64 3.64 -16.09
N GLY D 628 -0.37 3.20 -16.09
CA GLY D 628 0.73 4.07 -16.41
C GLY D 628 1.65 3.40 -17.42
N LEU D 629 2.64 4.19 -17.87
CA LEU D 629 3.56 3.71 -18.88
C LEU D 629 4.47 2.60 -18.36
N GLY D 630 4.61 2.49 -17.05
CA GLY D 630 5.43 1.46 -16.44
C GLY D 630 4.78 0.10 -16.34
N SER D 631 3.54 -0.03 -16.80
CA SER D 631 2.81 -1.28 -16.75
C SER D 631 2.85 -2.04 -18.07
N LEU D 632 3.65 -1.56 -19.01
CA LEU D 632 3.78 -2.19 -20.32
C LEU D 632 4.97 -3.14 -20.32
N GLU D 633 4.81 -4.30 -20.97
CA GLU D 633 5.91 -5.24 -21.08
C GLU D 633 7.04 -4.63 -21.89
N LYS D 634 8.20 -5.30 -21.87
CA LYS D 634 9.33 -4.82 -22.64
C LYS D 634 9.08 -4.95 -24.14
N SER D 635 8.41 -6.03 -24.56
CA SER D 635 8.13 -6.22 -25.98
C SER D 635 7.21 -5.12 -26.52
N GLU D 636 6.13 -4.84 -25.80
CA GLU D 636 5.21 -3.78 -26.24
C GLU D 636 5.87 -2.42 -26.19
N TYR D 637 6.68 -2.16 -25.15
CA TYR D 637 7.40 -0.90 -25.06
C TYR D 637 8.34 -0.73 -26.24
N ARG D 638 9.09 -1.78 -26.59
CA ARG D 638 10.03 -1.68 -27.70
C ARG D 638 9.31 -1.53 -29.03
N GLU D 639 8.16 -2.21 -29.19
CA GLU D 639 7.39 -2.08 -30.43
C GLU D 639 6.85 -0.66 -30.58
N MET D 640 6.32 -0.09 -29.50
CA MET D 640 5.74 1.25 -29.56
C MET D 640 6.79 2.35 -29.55
N ILE D 641 8.03 2.04 -29.21
CA ILE D 641 9.10 3.04 -29.31
C ILE D 641 9.78 2.99 -30.66
N GLN D 642 10.10 1.79 -31.16
CA GLN D 642 10.76 1.66 -32.45
C GLN D 642 9.81 1.77 -33.63
N ASN D 643 8.51 1.66 -33.41
CA ASN D 643 7.50 1.89 -34.43
C ASN D 643 6.47 2.87 -33.88
N PRO D 644 6.86 4.12 -33.67
CA PRO D 644 6.01 5.06 -32.94
C PRO D 644 4.87 5.58 -33.80
N VAL D 645 3.83 6.03 -33.11
CA VAL D 645 2.68 6.70 -33.73
C VAL D 645 2.63 8.09 -33.11
N TYR D 646 3.30 9.05 -33.72
CA TYR D 646 3.34 10.38 -33.16
C TYR D 646 2.06 11.14 -33.51
N ASP D 647 1.89 12.29 -32.87
CA ASP D 647 0.79 13.22 -33.15
C ASP D 647 1.38 14.62 -33.15
N VAL D 648 1.83 15.08 -34.31
CA VAL D 648 2.46 16.39 -34.41
C VAL D 648 1.41 17.44 -34.09
N VAL D 649 1.66 18.23 -33.05
CA VAL D 649 0.70 19.22 -32.57
C VAL D 649 0.95 20.54 -33.27
N LYS D 650 -0.11 21.09 -33.86
CA LYS D 650 -0.06 22.39 -34.52
C LYS D 650 -1.10 23.31 -33.89
N LEU D 651 -0.80 24.56 -33.82
CA LEU D 651 -1.77 25.42 -33.16
C LEU D 651 -2.66 26.12 -34.17
N PRO D 652 -3.92 26.35 -33.83
CA PRO D 652 -4.80 27.11 -34.73
C PRO D 652 -4.57 28.60 -34.56
N GLU D 653 -5.39 29.43 -35.21
CA GLU D 653 -5.21 30.88 -35.10
C GLU D 653 -5.65 31.40 -33.74
N ASN D 654 -6.53 30.67 -33.05
CA ASN D 654 -7.09 31.11 -31.78
C ASN D 654 -6.60 30.24 -30.61
N TRP D 655 -5.33 29.82 -30.66
CA TRP D 655 -4.81 28.94 -29.62
C TRP D 655 -4.74 29.64 -28.27
N LYS D 656 -4.48 30.96 -28.27
CA LYS D 656 -4.37 31.68 -27.01
C LYS D 656 -5.68 31.65 -26.24
N GLU D 657 -6.80 31.88 -26.92
CA GLU D 657 -8.09 31.85 -26.24
C GLU D 657 -8.45 30.43 -25.83
N LEU D 658 -8.06 29.43 -26.64
CA LEU D 658 -8.31 28.05 -26.30
C LEU D 658 -7.56 27.62 -25.05
N PHE D 659 -6.33 28.10 -24.87
CA PHE D 659 -5.55 27.80 -23.68
C PHE D 659 -6.03 28.60 -22.48
N GLU D 660 -6.45 29.84 -22.69
CA GLU D 660 -7.03 30.64 -21.61
C GLU D 660 -8.29 29.97 -21.07
N MET D 661 -9.11 29.41 -21.96
CA MET D 661 -10.35 28.76 -21.55
C MET D 661 -10.07 27.57 -20.63
N LEU D 662 -9.05 26.78 -20.92
CA LEU D 662 -8.80 25.56 -20.16
C LEU D 662 -7.88 25.77 -18.96
N MET D 663 -6.99 26.77 -19.00
CA MET D 663 -6.01 26.97 -17.96
C MET D 663 -6.21 28.28 -17.18
N GLY D 664 -6.89 29.26 -17.74
CA GLY D 664 -7.00 30.55 -17.11
C GLY D 664 -7.83 30.50 -15.84
N ASP D 665 -7.70 31.56 -15.05
CA ASP D 665 -8.39 31.66 -13.76
C ASP D 665 -9.80 32.22 -13.95
N ASN D 666 -10.63 31.43 -14.61
CA ASN D 666 -12.03 31.80 -14.85
C ASN D 666 -12.81 30.52 -15.06
N ALA D 667 -13.52 30.08 -14.01
CA ALA D 667 -14.26 28.83 -14.08
C ALA D 667 -15.49 28.93 -14.96
N ASP D 668 -15.95 30.14 -15.27
CA ASP D 668 -17.13 30.28 -16.12
C ASP D 668 -16.86 29.81 -17.54
N LEU D 669 -15.66 30.07 -18.05
CA LEU D 669 -15.31 29.59 -19.38
C LEU D 669 -15.32 28.07 -19.45
N ARG D 670 -14.76 27.41 -18.43
CA ARG D 670 -14.79 25.96 -18.38
C ARG D 670 -16.22 25.43 -18.21
N LYS D 671 -17.03 26.13 -17.42
CA LYS D 671 -18.43 25.73 -17.25
C LYS D 671 -19.16 25.77 -18.59
N GLU D 672 -18.99 26.85 -19.33
CA GLU D 672 -19.65 26.97 -20.63
C GLU D 672 -19.12 25.93 -21.61
N TRP D 673 -17.80 25.70 -21.60
CA TRP D 673 -17.20 24.76 -22.54
C TRP D 673 -17.61 23.33 -22.26
N MET D 674 -17.79 22.96 -20.99
CA MET D 674 -18.08 21.57 -20.66
C MET D 674 -19.52 21.20 -20.96
N SER D 675 -20.45 22.13 -20.77
CA SER D 675 -21.88 21.87 -21.02
C SER D 675 -22.22 22.13 -22.49
N GLN D 676 -21.47 21.46 -23.36
CA GLN D 676 -21.69 21.55 -24.80
C GLN D 676 -21.03 20.38 -25.52
#